data_8R1O
#
_entry.id   8R1O
#
_cell.length_a   1.00
_cell.length_b   1.00
_cell.length_c   1.00
_cell.angle_alpha   90.00
_cell.angle_beta   90.00
_cell.angle_gamma   90.00
#
_symmetry.space_group_name_H-M   'P 1'
#
loop_
_entity.id
_entity.type
_entity.pdbx_description
1 polymer Rrp45
2 polymer 'Exoribonuclease phosphorolytic domain-containing protein'
3 polymer 'Exoribonuclease-like protein'
4 polymer 'Exoribonuclease phosphorolytic domain-containing protein'
5 polymer 'Exoribonuclease phosphorolytic domain-containing protein'
6 polymer 'Exosome complex component MTR3'
7 polymer 'Ribosomal RNA-processing protein 40'
8 polymer 'Putative exosome complex protein'
9 polymer "Putative exosome 3'->5 protein"
#
loop_
_entity_poly.entity_id
_entity_poly.type
_entity_poly.pdbx_seq_one_letter_code
_entity_poly.pdbx_strand_id
1 'polypeptide(L)'
;MPREVEPSLSERQFVLQALQEGLRLDGRQLDQYRPLSLTFGDQYGVADVTFGKTRVLAKASAEVTVPYADRPLDGIFTIA
TELSPMTSPTFEVNRPTETEVLLSRLLEKTIRRSGALDTESLCLVAGQKCWSIRVDVHVMSHDGNLVDAACIAVVAALRH
FRKPDTSIESGVLTIYTPAEREPVPLSWLHTPFCVTWSFFGDEGEIAVLDATWLEEQVRVGSCTISMNKHGEICQIAKLG
GTPVEAVSLLQCTSIALTKVKEFSDLVDKKLAEDFKRRNPGGLLKELKAENDR
;
A
2 'polypeptide(L)'
;MPLDTSTYKLALLRVDGRRWNELRRVHAQIRTQAAADGSSYLEMGHTKVMCVVTGPSEPGPRRGTGAGTTGGGGAGGAGG
GGSGGQGKEAEVVVSIVIAGFSSVDRKRHGRNDKRIIEMQSTVANALSASLHTHLFPHSQITISLHVLSQDGSLLAALIN
AATLACVDAGIPMTDYVVACTAGSTSTYAANDENADPLLDLNHQEEQELPWLTVATLGESDKVAVLVCESRVQVSRLEGM
LAVGVDGCKQIRAILDHVVRQKGRRMIREGAVEKGVSLDDMDED
;
B
3 'polypeptide(L)'
;MATDAASAPHSLTFPRGIFAKLSPHPYLLRTLCPDPSNSSSTPQRTNGRRPNEARPFRVNLGSLSHAHGSALVRAGDTTV
LCGVRGEVLPVERIPLFRQPDVNGSGIGATVGRGELKEYDLLVPNIELATGSAPQFLPGVPPTALAQTLSTRVYSLLHST
RLVSAEELRIWYRPVATNRSKEGEDVEMEEECQEESGEEQDRVVAYWVLYIDLVFLSFDGNPFDVAWAAVVAALRDTKLP
VARWDPDREMVVCSKTETMKLTIKGLPIACSAAVFLEKEHGEVAVGEKNRHWILLDPDRLEESLCKEVITMVVDFSDGET
RIRAIEKQGGTVFGRELIRSFALVAEDRWKVVKEVMK
;
C
4 'polypeptide(L)'
;MTTTTATTAPEAALGVLPRADGSARYSHAGYTVTASVNGPIEAQRRDEHPYEAHVDVIVRPAAGVGGTRERHLESILQSS
FAQIILVKSFPRSLIQIVLQVEESPENEYVNTKLVQASLNFAVMPALFQTAMLALLSAGVPMRATATATAIALASENGAT
KTLIDPSPRQVELAQSVHVFAFTSQDELLLAESEGDFTIKEWDAAYETAKNICCRPSPTMDGVQMMAIDDDRLVGPDLRH
FIRSTMEAKVATDLHWKS
;
D
5 'polypeptide(L)'
;MSAASSQHVLLSPAELAYLHASLSLTPPIRPDGRSPTQFRPLIAETGILPGANGSARVCFADGTEAIVGVKAEVEKTVSR
SKEDEEVGLLVASAGDMDVDDEEGYAKVGADNRTGEASWVEITVEIPGVRDDDSGMVFLAQLLGEALLADGEFVKKLWIN
RRYHWKLYIDILLISPPLSYPLPLLSLTTHLALLSTRLPRLKSEGDEDPYFDDDWAVAPYLFPRSSSASKSSKSSPTQPT
TRPPITLLVMAVGNNILFDPSKEELAVADVALAVSVTATDVDPDESDAQKETATATAGPDSADAAKRGRKLRLLSIRTID
PPSRLTPPGVPNSTNPAAIYGTTSSSGTNGNGQPQQKVESGKISEPIEPIEGVWRAPRGGAKRLVLGALVQKVLEKGGVV
DEVLDALEGVELT
;
E
6 'polypeptide(L)'
;MTDRRRINGPAGATIPPVYEDSGISEVKALKIRSRPSNIIRKIYLKTGVTPSASGSAYLELETSANSGVSGLKLSCTVHG
PRSLPRSSPFSPHMVVSTHVKYAPFATKQRRGYLRDPTERDLGIHLEAALRGAIIADRWPKSGVDIIISIIEGDQDREAS
KTQGDEVWDMMNTLSGCITVASAALADAGIDCVDTVAGGVAALVQDSDGSPEIVVDPIPSEHRKILAACCVAYLPMRDEV
TNLWFRGDLPASDMDLYTELVEKGIQASRSANRVLVDCLTETVG
;
F
7 'polypeptide(L)'
;MSTTTRPFVLPGETIDPSLVPTHPKHPLRLGPGLRHVPPSDIIPTVAGQLITNLNKNSMWVEYNSQRYVPTQNDLVLAQV
LRSTQDSYLCLITPHTPPATLPHLAFESATKKTRPQLQPGQLVYARVSLANRHMDPELECVNPSTGKADGLGPITGPGCV
FEVSLGFARRLLMAKSREEGKVGVLEMLAGEDPSIGEAGAGLAFETAVGRNGRVWVGSEDVKTVIIVGRALQETDRGNLT
IEGQRKLVRRLLREMR
;
G
8 'polypeptide(L)'
;MPITIHAPLPPPRLHDEDSDVDMSSDSDSSSEGGVPLTSNLPSRAKPKSSLFTTTKSSSDIVTPGELITTSPQFMRGHGT
YIPPGTTSIISSVAGTILRTNKLLSVRPLRARYTPEVGDLVVGRIIEVQARRWRVDVGSTQFASLPLSAINLPGGILRKR
TETDELQMRSFFSEGDLLVAEVQGVYGDGGAVLHTRSLKYGKLRNGVFVAVSGMGGGGGVVRSRRQVWTLEGANGAGLID
VVLGVNGYVWIAKHTEDGPGEDPNASTKQVGITNLEEGMSANMYSSQNDRIEAETMREIARLRGVVMALVENGLRVDEDM
VMRGYREAVEMALVSPEGPEDVYLGGERGRQLAAALTA
;
H
9 'polypeptide(L)'
;MTTTQPTLALPGQLLGPISKYQPGPGTHVHESNLYSSLLGTVHVTQPARAPGPVKRLNRITPAPTPAELPTISVSAARPA
GSAASGLVTGRKREILPEVGNIVLCRVIRITPRQAVVTILVCGDTVLDAEWQGLIRVQDIRATEKDRVKVYESFRPGDIV
RAEVISLGDQANYYLSTARNELGVILATSEAGNTMYPVSWREYRDPITGLTELRKVAKPY
;
I
#
# COMPACT_ATOMS: atom_id res chain seq x y z
N PRO A 2 -10.18 -8.49 0.46
CA PRO A 2 -9.59 -9.29 1.54
C PRO A 2 -9.02 -10.61 1.04
N ARG A 3 -8.50 -11.43 1.96
CA ARG A 3 -7.92 -12.70 1.57
C ARG A 3 -8.99 -13.63 1.00
N GLU A 4 -8.59 -14.45 0.03
CA GLU A 4 -9.53 -15.32 -0.65
C GLU A 4 -10.19 -16.27 0.32
N VAL A 5 -11.47 -16.55 0.08
CA VAL A 5 -12.20 -17.54 0.88
C VAL A 5 -11.76 -18.94 0.49
N GLU A 6 -11.64 -19.82 1.49
CA GLU A 6 -11.20 -21.18 1.21
C GLU A 6 -12.35 -22.16 1.35
N PRO A 7 -12.36 -23.25 0.57
CA PRO A 7 -13.36 -24.31 0.82
C PRO A 7 -13.04 -25.05 2.10
N SER A 8 -14.09 -25.58 2.70
CA SER A 8 -13.91 -26.39 3.91
C SER A 8 -13.11 -27.64 3.57
N LEU A 9 -12.36 -28.14 4.56
CA LEU A 9 -11.55 -29.31 4.32
C LEU A 9 -12.40 -30.49 3.88
N SER A 10 -13.69 -30.49 4.21
CA SER A 10 -14.60 -31.47 3.65
C SER A 10 -14.70 -31.30 2.14
N GLU A 11 -14.91 -30.07 1.67
CA GLU A 11 -14.95 -29.81 0.23
C GLU A 11 -13.61 -30.13 -0.41
N ARG A 12 -12.51 -29.72 0.22
CA ARG A 12 -11.20 -29.99 -0.34
C ARG A 12 -10.97 -31.49 -0.49
N GLN A 13 -11.24 -32.26 0.56
CA GLN A 13 -11.04 -33.69 0.49
C GLN A 13 -11.94 -34.34 -0.53
N PHE A 14 -13.22 -33.95 -0.56
CA PHE A 14 -14.16 -34.58 -1.47
C PHE A 14 -13.78 -34.32 -2.92
N VAL A 15 -13.52 -33.06 -3.26
CA VAL A 15 -13.15 -32.73 -4.63
C VAL A 15 -11.94 -33.54 -5.07
N LEU A 16 -10.93 -33.63 -4.19
CA LEU A 16 -9.78 -34.48 -4.49
C LEU A 16 -10.21 -35.94 -4.61
N GLN A 17 -11.08 -36.38 -3.70
CA GLN A 17 -11.55 -37.76 -3.77
C GLN A 17 -12.28 -38.02 -5.07
N ALA A 18 -13.18 -37.13 -5.45
CA ALA A 18 -13.98 -37.36 -6.65
C ALA A 18 -13.10 -37.42 -7.89
N LEU A 19 -12.11 -36.54 -7.99
CA LEU A 19 -11.22 -36.57 -9.13
C LEU A 19 -10.46 -37.89 -9.21
N GLN A 20 -10.04 -38.42 -8.07
CA GLN A 20 -9.41 -39.73 -8.07
C GLN A 20 -10.35 -40.79 -8.60
N GLU A 21 -11.65 -40.61 -8.43
CA GLU A 21 -12.64 -41.47 -9.06
C GLU A 21 -12.88 -41.12 -10.52
N GLY A 22 -12.24 -40.07 -11.02
CA GLY A 22 -12.51 -39.62 -12.38
C GLY A 22 -13.81 -38.85 -12.52
N LEU A 23 -14.35 -38.34 -11.42
CA LEU A 23 -15.63 -37.65 -11.42
C LEU A 23 -15.44 -36.22 -10.95
N ARG A 24 -16.28 -35.32 -11.46
CA ARG A 24 -16.21 -33.88 -11.10
C ARG A 24 -17.60 -33.47 -10.61
N LEU A 25 -17.71 -32.52 -9.69
CA LEU A 25 -18.98 -32.05 -9.16
C LEU A 25 -19.87 -31.48 -10.25
N ASP A 26 -19.30 -31.07 -11.37
CA ASP A 26 -20.05 -30.51 -12.48
C ASP A 26 -20.58 -31.59 -13.42
N GLY A 27 -20.21 -32.85 -13.22
CA GLY A 27 -20.60 -33.92 -14.12
C GLY A 27 -19.78 -34.03 -15.38
N ARG A 28 -18.79 -33.17 -15.55
CA ARG A 28 -17.96 -33.18 -16.77
C ARG A 28 -16.82 -34.17 -16.64
N GLN A 29 -16.29 -34.68 -17.74
CA GLN A 29 -15.09 -35.48 -17.71
C GLN A 29 -13.89 -34.60 -17.35
N LEU A 30 -12.76 -35.24 -17.03
CA LEU A 30 -11.58 -34.48 -16.67
C LEU A 30 -11.08 -33.62 -17.82
N ASP A 31 -11.27 -34.09 -19.06
CA ASP A 31 -10.78 -33.38 -20.24
C ASP A 31 -11.90 -32.71 -21.01
N GLN A 32 -12.88 -32.14 -20.30
CA GLN A 32 -14.06 -31.57 -20.91
C GLN A 32 -14.25 -30.13 -20.44
N TYR A 33 -14.68 -29.26 -21.35
CA TYR A 33 -14.95 -27.87 -21.02
C TYR A 33 -16.40 -27.67 -20.62
N ARG A 34 -16.65 -26.53 -19.98
CA ARG A 34 -18.03 -26.16 -19.62
C ARG A 34 -18.66 -25.65 -20.91
N PRO A 35 -20.00 -25.65 -21.03
CA PRO A 35 -20.66 -25.10 -22.22
C PRO A 35 -20.15 -23.71 -22.53
N LEU A 36 -19.64 -23.51 -23.74
CA LEU A 36 -19.04 -22.23 -24.12
C LEU A 36 -20.04 -21.41 -24.92
N SER A 37 -20.35 -20.23 -24.40
CA SER A 37 -21.23 -19.28 -25.06
C SER A 37 -20.45 -18.01 -25.37
N LEU A 38 -20.41 -17.63 -26.64
CA LEU A 38 -19.74 -16.42 -27.09
C LEU A 38 -20.77 -15.49 -27.71
N THR A 39 -20.91 -14.30 -27.13
CA THR A 39 -21.88 -13.32 -27.60
C THR A 39 -21.14 -12.04 -27.99
N PHE A 40 -21.58 -11.43 -29.08
CA PHE A 40 -21.02 -10.19 -29.57
C PHE A 40 -21.99 -9.05 -29.30
N GLY A 41 -21.49 -7.96 -28.73
CA GLY A 41 -22.31 -6.81 -28.49
C GLY A 41 -22.64 -6.09 -29.77
N ASP A 42 -23.62 -5.18 -29.66
CA ASP A 42 -24.01 -4.41 -30.84
C ASP A 42 -22.85 -3.57 -31.37
N GLN A 43 -22.11 -2.92 -30.47
CA GLN A 43 -20.94 -2.18 -30.89
C GLN A 43 -19.85 -3.12 -31.35
N TYR A 44 -19.12 -2.71 -32.37
CA TYR A 44 -17.98 -3.50 -32.82
C TYR A 44 -16.94 -3.60 -31.72
N GLY A 45 -16.30 -4.76 -31.62
CA GLY A 45 -15.25 -4.96 -30.65
C GLY A 45 -15.69 -5.46 -29.30
N VAL A 46 -16.99 -5.54 -29.05
CA VAL A 46 -17.49 -6.08 -27.79
C VAL A 46 -17.71 -7.57 -27.94
N ALA A 47 -17.13 -8.35 -27.03
CA ALA A 47 -17.32 -9.79 -27.01
C ALA A 47 -17.64 -10.22 -25.59
N ASP A 48 -18.54 -11.18 -25.41
CA ASP A 48 -19.04 -11.60 -24.08
C ASP A 48 -19.02 -13.12 -24.00
N VAL A 49 -18.02 -13.69 -23.35
CA VAL A 49 -17.77 -15.12 -23.27
C VAL A 49 -18.29 -15.63 -21.94
N THR A 50 -18.95 -16.78 -21.95
CA THR A 50 -19.49 -17.41 -20.76
C THR A 50 -19.09 -18.87 -20.75
N PHE A 51 -18.31 -19.27 -19.76
CA PHE A 51 -17.98 -20.66 -19.50
C PHE A 51 -18.83 -21.10 -18.31
N GLY A 52 -20.04 -21.57 -18.59
CA GLY A 52 -20.96 -21.90 -17.52
C GLY A 52 -21.23 -20.69 -16.65
N LYS A 53 -20.78 -20.73 -15.40
CA LYS A 53 -20.99 -19.63 -14.47
C LYS A 53 -19.91 -18.56 -14.58
N THR A 54 -18.84 -18.82 -15.31
CA THR A 54 -17.80 -17.82 -15.51
C THR A 54 -18.11 -16.98 -16.74
N ARG A 55 -18.28 -15.68 -16.54
CA ARG A 55 -18.59 -14.73 -17.62
C ARG A 55 -17.49 -13.70 -17.68
N VAL A 56 -17.00 -13.38 -18.87
CA VAL A 56 -15.93 -12.43 -19.07
C VAL A 56 -16.31 -11.54 -20.24
N LEU A 57 -16.74 -10.32 -19.95
CA LEU A 57 -16.98 -9.35 -20.99
C LEU A 57 -15.68 -8.67 -21.36
N ALA A 58 -15.44 -8.49 -22.66
CA ALA A 58 -14.23 -7.86 -23.14
C ALA A 58 -14.57 -6.93 -24.29
N LYS A 59 -14.05 -5.71 -24.22
CA LYS A 59 -14.30 -4.69 -25.22
C LYS A 59 -12.98 -4.19 -25.77
N ALA A 60 -12.82 -4.25 -27.08
CA ALA A 60 -11.66 -3.68 -27.75
C ALA A 60 -11.91 -2.22 -28.08
N SER A 61 -10.86 -1.43 -28.18
CA SER A 61 -10.98 0.02 -28.51
C SER A 61 -9.69 0.48 -29.20
N ALA A 62 -9.77 1.40 -30.15
CA ALA A 62 -8.56 1.98 -30.79
C ALA A 62 -8.60 3.50 -30.69
N GLU A 63 -7.56 4.13 -30.15
CA GLU A 63 -7.45 5.60 -30.10
C GLU A 63 -6.09 5.98 -30.67
N VAL A 64 -6.01 6.92 -31.61
CA VAL A 64 -4.69 7.40 -32.11
C VAL A 64 -4.03 8.14 -30.95
N THR A 65 -2.77 7.84 -30.64
CA THR A 65 -2.05 8.46 -29.50
C THR A 65 -0.59 8.69 -29.86
N VAL A 66 0.06 9.70 -29.26
CA VAL A 66 1.50 9.96 -29.51
C VAL A 66 2.29 8.75 -28.97
N PRO A 67 3.31 8.24 -29.69
CA PRO A 67 4.09 7.09 -29.24
C PRO A 67 5.29 7.50 -28.37
N TYR A 68 5.46 6.89 -27.20
CA TYR A 68 6.56 7.23 -26.25
C TYR A 68 6.99 5.97 -25.46
N ALA A 69 8.13 6.01 -24.77
CA ALA A 69 8.59 4.91 -23.89
C ALA A 69 8.87 3.61 -24.66
N ASP A 70 8.21 2.49 -24.32
CA ASP A 70 8.50 1.15 -24.90
C ASP A 70 8.32 1.17 -26.41
N ARG A 71 7.35 1.92 -26.91
CA ARG A 71 7.08 2.02 -28.37
C ARG A 71 7.14 3.51 -28.70
N PRO A 72 8.35 4.11 -28.73
CA PRO A 72 8.49 5.56 -28.93
C PRO A 72 7.99 5.95 -30.31
N LEU A 73 8.28 5.16 -31.36
CA LEU A 73 7.73 5.40 -32.71
C LEU A 73 6.79 4.24 -33.06
N ASP A 74 6.86 3.13 -32.31
CA ASP A 74 6.04 1.92 -32.56
C ASP A 74 4.60 2.14 -32.11
N GLY A 75 3.65 1.35 -32.62
CA GLY A 75 2.23 1.43 -32.24
C GLY A 75 1.85 0.24 -31.37
N ILE A 76 1.14 0.51 -30.28
CA ILE A 76 1.18 -0.32 -29.03
C ILE A 76 -0.21 -0.91 -28.77
N PHE A 77 -0.29 -2.21 -28.48
CA PHE A 77 -1.57 -2.87 -28.12
C PHE A 77 -1.51 -3.25 -26.65
N THR A 78 -2.45 -2.80 -25.83
CA THR A 78 -2.44 -3.04 -24.36
C THR A 78 -3.67 -3.82 -23.93
N ILE A 79 -3.57 -4.61 -22.84
CA ILE A 79 -4.70 -5.33 -22.28
C ILE A 79 -4.88 -4.91 -20.83
N ALA A 80 -6.10 -4.53 -20.47
CA ALA A 80 -6.43 -4.17 -19.10
C ALA A 80 -7.48 -5.13 -18.58
N THR A 81 -7.20 -5.74 -17.44
CA THR A 81 -8.06 -6.78 -16.89
C THR A 81 -8.22 -6.61 -15.39
N GLU A 82 -8.24 -5.36 -14.92
CA GLU A 82 -8.41 -5.10 -13.50
C GLU A 82 -9.65 -5.80 -12.99
N LEU A 83 -9.48 -6.73 -12.05
CA LEU A 83 -10.62 -7.39 -11.44
C LEU A 83 -11.30 -6.45 -10.45
N SER A 84 -12.58 -6.73 -10.18
CA SER A 84 -13.40 -5.85 -9.36
C SER A 84 -14.23 -6.71 -8.43
N PRO A 85 -14.81 -6.11 -7.40
CA PRO A 85 -15.63 -6.90 -6.47
C PRO A 85 -16.71 -7.67 -7.19
N MET A 86 -17.18 -7.17 -8.32
CA MET A 86 -18.11 -7.93 -9.13
C MET A 86 -17.55 -9.32 -9.43
N THR A 87 -16.25 -9.38 -9.73
CA THR A 87 -15.58 -10.67 -9.85
C THR A 87 -15.75 -11.46 -8.56
N SER A 88 -15.42 -10.84 -7.43
CA SER A 88 -15.63 -11.43 -6.11
C SER A 88 -15.29 -10.39 -5.05
N PRO A 89 -16.03 -10.33 -3.94
CA PRO A 89 -15.72 -9.33 -2.93
C PRO A 89 -14.29 -9.40 -2.44
N THR A 90 -13.66 -10.57 -2.59
CA THR A 90 -12.27 -10.69 -2.18
C THR A 90 -11.38 -9.69 -2.91
N PHE A 91 -11.71 -9.36 -4.14
CA PHE A 91 -10.94 -8.39 -4.91
C PHE A 91 -11.33 -6.98 -4.53
N GLU A 92 -10.37 -6.07 -4.61
CA GLU A 92 -10.58 -4.68 -4.25
C GLU A 92 -10.05 -3.77 -5.35
N VAL A 93 -10.72 -2.64 -5.54
CA VAL A 93 -10.34 -1.72 -6.60
C VAL A 93 -8.96 -1.13 -6.30
N ASN A 94 -8.20 -0.89 -7.37
CA ASN A 94 -6.87 -0.31 -7.28
C ASN A 94 -5.92 -1.16 -6.44
N ARG A 95 -6.23 -2.45 -6.31
CA ARG A 95 -5.44 -3.38 -5.49
C ARG A 95 -5.16 -4.63 -6.31
N PRO A 96 -4.18 -4.57 -7.20
CA PRO A 96 -3.84 -5.77 -7.98
C PRO A 96 -3.61 -6.95 -7.06
N THR A 97 -3.80 -8.15 -7.62
CA THR A 97 -3.67 -9.38 -6.86
C THR A 97 -2.81 -10.37 -7.64
N GLU A 98 -2.41 -11.45 -6.95
CA GLU A 98 -1.65 -12.49 -7.62
C GLU A 98 -2.45 -13.10 -8.76
N THR A 99 -3.76 -13.22 -8.60
CA THR A 99 -4.60 -13.73 -9.67
C THR A 99 -4.63 -12.76 -10.85
N GLU A 100 -4.88 -11.48 -10.57
CA GLU A 100 -4.97 -10.51 -11.66
C GLU A 100 -3.65 -10.36 -12.39
N VAL A 101 -2.55 -10.27 -11.66
CA VAL A 101 -1.27 -10.01 -12.31
C VAL A 101 -0.92 -11.14 -13.26
N LEU A 102 -1.12 -12.38 -12.84
CA LEU A 102 -0.84 -13.50 -13.73
C LEU A 102 -1.82 -13.52 -14.90
N LEU A 103 -3.10 -13.24 -14.64
CA LEU A 103 -4.08 -13.21 -15.71
C LEU A 103 -3.67 -12.21 -16.78
N SER A 104 -3.33 -10.99 -16.37
CA SER A 104 -2.88 -9.99 -17.34
C SER A 104 -1.59 -10.43 -18.01
N ARG A 105 -0.65 -10.97 -17.24
CA ARG A 105 0.62 -11.38 -17.81
C ARG A 105 0.43 -12.45 -18.86
N LEU A 106 -0.41 -13.45 -18.59
CA LEU A 106 -0.61 -14.52 -19.55
C LEU A 106 -1.30 -14.02 -20.81
N LEU A 107 -2.26 -13.11 -20.67
CA LEU A 107 -2.98 -12.61 -21.84
C LEU A 107 -2.06 -11.80 -22.74
N GLU A 108 -1.33 -10.83 -22.16
CA GLU A 108 -0.49 -9.97 -22.99
C GLU A 108 0.60 -10.76 -23.69
N LYS A 109 1.21 -11.72 -22.98
CA LYS A 109 2.21 -12.57 -23.62
C LYS A 109 1.59 -13.36 -24.76
N THR A 110 0.37 -13.87 -24.55
CA THR A 110 -0.28 -14.66 -25.59
C THR A 110 -0.52 -13.83 -26.83
N ILE A 111 -1.13 -12.65 -26.67
CA ILE A 111 -1.49 -11.85 -27.84
C ILE A 111 -0.25 -11.31 -28.53
N ARG A 112 0.70 -10.79 -27.76
CA ARG A 112 1.88 -10.19 -28.36
C ARG A 112 2.81 -11.25 -28.96
N ARG A 113 3.21 -12.24 -28.16
CA ARG A 113 4.14 -13.23 -28.66
C ARG A 113 3.55 -14.05 -29.79
N SER A 114 2.23 -14.16 -29.85
CA SER A 114 1.59 -14.88 -30.94
C SER A 114 1.70 -14.14 -32.26
N GLY A 115 2.12 -12.88 -32.24
CA GLY A 115 2.21 -12.11 -33.47
C GLY A 115 0.89 -11.99 -34.20
N ALA A 116 -0.23 -12.06 -33.47
CA ALA A 116 -1.53 -12.00 -34.12
C ALA A 116 -1.74 -10.65 -34.80
N LEU A 117 -1.32 -9.57 -34.15
CA LEU A 117 -1.56 -8.23 -34.65
C LEU A 117 -0.42 -7.79 -35.56
N ASP A 118 -0.73 -6.93 -36.53
CA ASP A 118 0.30 -6.31 -37.40
C ASP A 118 0.59 -4.93 -36.80
N THR A 119 1.56 -4.82 -35.89
CA THR A 119 1.88 -3.56 -35.17
C THR A 119 2.31 -2.49 -36.17
N GLU A 120 3.04 -2.86 -37.22
CA GLU A 120 3.51 -1.91 -38.25
C GLU A 120 2.28 -1.26 -38.89
N SER A 121 1.22 -2.03 -39.09
CA SER A 121 -0.05 -1.52 -39.68
C SER A 121 -0.64 -0.46 -38.75
N LEU A 122 -0.52 -0.62 -37.44
CA LEU A 122 -1.14 0.29 -36.44
C LEU A 122 -0.58 1.72 -36.53
N CYS A 123 0.71 1.93 -36.79
CA CYS A 123 1.29 3.30 -36.72
C CYS A 123 0.89 4.14 -37.94
N LEU A 124 0.04 5.15 -37.74
CA LEU A 124 -0.38 6.09 -38.81
C LEU A 124 0.82 6.92 -39.25
N VAL A 125 1.64 7.36 -38.29
CA VAL A 125 2.84 8.20 -38.55
C VAL A 125 3.95 7.64 -37.65
N ALA A 126 5.22 7.86 -37.97
CA ALA A 126 6.34 7.27 -37.19
C ALA A 126 6.84 8.28 -36.17
N GLY A 127 6.67 7.98 -34.88
CA GLY A 127 7.18 8.84 -33.80
C GLY A 127 6.25 10.00 -33.48
N GLN A 128 5.12 10.12 -34.20
CA GLN A 128 4.16 11.23 -33.98
C GLN A 128 2.79 10.68 -33.56
N LYS A 129 2.14 9.89 -34.41
CA LYS A 129 0.82 9.29 -34.11
C LYS A 129 0.82 7.81 -34.45
N CYS A 130 0.43 6.93 -33.52
CA CYS A 130 0.30 5.47 -33.78
C CYS A 130 -1.03 4.98 -33.21
N TRP A 131 -1.76 4.12 -33.91
CA TRP A 131 -3.02 3.55 -33.37
C TRP A 131 -2.65 2.78 -32.10
N SER A 132 -3.41 2.95 -31.02
CA SER A 132 -3.20 2.15 -29.78
C SER A 132 -4.42 1.25 -29.63
N ILE A 133 -4.23 -0.06 -29.62
CA ILE A 133 -5.37 -1.02 -29.56
C ILE A 133 -5.51 -1.48 -28.11
N ARG A 134 -6.43 -0.90 -27.35
CA ARG A 134 -6.67 -1.29 -25.97
C ARG A 134 -7.88 -2.21 -25.93
N VAL A 135 -7.72 -3.35 -25.27
CA VAL A 135 -8.82 -4.27 -25.04
C VAL A 135 -9.01 -4.39 -23.54
N ASP A 136 -10.21 -4.06 -23.07
CA ASP A 136 -10.54 -4.07 -21.66
C ASP A 136 -11.30 -5.34 -21.34
N VAL A 137 -10.79 -6.10 -20.37
CA VAL A 137 -11.36 -7.37 -19.98
C VAL A 137 -12.09 -7.18 -18.67
N HIS A 138 -13.37 -7.53 -18.64
CA HIS A 138 -14.22 -7.39 -17.46
C HIS A 138 -14.68 -8.78 -17.06
N VAL A 139 -14.19 -9.26 -15.92
CA VAL A 139 -14.61 -10.56 -15.41
C VAL A 139 -15.92 -10.38 -14.66
N MET A 140 -17.04 -10.55 -15.38
CA MET A 140 -18.35 -10.35 -14.76
C MET A 140 -18.56 -11.35 -13.63
N SER A 141 -18.20 -12.61 -13.84
CA SER A 141 -18.36 -13.64 -12.83
C SER A 141 -17.18 -14.57 -12.89
N HIS A 142 -16.63 -14.90 -11.73
CA HIS A 142 -15.42 -15.71 -11.62
C HIS A 142 -15.82 -17.06 -11.06
N ASP A 143 -15.85 -18.07 -11.92
CA ASP A 143 -16.05 -19.45 -11.52
C ASP A 143 -14.93 -20.33 -12.09
N GLY A 144 -13.72 -19.81 -12.02
CA GLY A 144 -12.55 -20.55 -12.44
C GLY A 144 -12.22 -20.35 -13.91
N ASN A 145 -10.95 -20.58 -14.23
CA ASN A 145 -10.46 -20.56 -15.60
C ASN A 145 -10.70 -19.22 -16.26
N LEU A 146 -10.40 -18.13 -15.53
CA LEU A 146 -10.50 -16.81 -16.12
C LEU A 146 -9.53 -16.65 -17.28
N VAL A 147 -8.33 -17.21 -17.13
CA VAL A 147 -7.30 -17.07 -18.16
C VAL A 147 -7.80 -17.59 -19.50
N ASP A 148 -8.66 -18.60 -19.45
CA ASP A 148 -9.17 -19.22 -20.68
C ASP A 148 -10.33 -18.39 -21.21
N ALA A 149 -11.30 -18.11 -20.36
CA ALA A 149 -12.46 -17.32 -20.78
C ALA A 149 -12.03 -15.96 -21.30
N ALA A 150 -11.09 -15.32 -20.59
CA ALA A 150 -10.61 -14.02 -21.03
C ALA A 150 -9.96 -14.09 -22.40
N CYS A 151 -9.17 -15.14 -22.64
CA CYS A 151 -8.45 -15.23 -23.91
C CYS A 151 -9.42 -15.29 -25.08
N ILE A 152 -10.50 -16.08 -24.95
CA ILE A 152 -11.48 -16.15 -26.02
C ILE A 152 -12.14 -14.79 -26.21
N ALA A 153 -12.53 -14.14 -25.12
CA ALA A 153 -13.15 -12.83 -25.22
C ALA A 153 -12.20 -11.83 -25.87
N VAL A 154 -10.93 -11.85 -25.46
CA VAL A 154 -9.97 -10.88 -26.00
C VAL A 154 -9.80 -11.09 -27.50
N VAL A 155 -9.55 -12.32 -27.92
CA VAL A 155 -9.36 -12.57 -29.35
C VAL A 155 -10.66 -12.35 -30.10
N ALA A 156 -11.79 -12.75 -29.52
CA ALA A 156 -13.07 -12.49 -30.16
C ALA A 156 -13.28 -10.99 -30.33
N ALA A 157 -13.00 -10.22 -29.28
CA ALA A 157 -13.18 -8.78 -29.37
C ALA A 157 -12.25 -8.19 -30.42
N LEU A 158 -10.98 -8.55 -30.40
CA LEU A 158 -10.03 -7.98 -31.34
C LEU A 158 -10.38 -8.34 -32.78
N ARG A 159 -10.79 -9.58 -33.02
CA ARG A 159 -11.21 -9.94 -34.37
C ARG A 159 -12.53 -9.27 -34.73
N HIS A 160 -13.40 -9.06 -33.75
CA HIS A 160 -14.66 -8.37 -34.01
C HIS A 160 -14.46 -6.86 -34.15
N PHE A 161 -13.38 -6.33 -33.57
CA PHE A 161 -13.16 -4.90 -33.53
C PHE A 161 -12.86 -4.34 -34.91
N ARG A 162 -13.18 -3.06 -35.11
CA ARG A 162 -12.94 -2.34 -36.35
C ARG A 162 -12.23 -1.04 -36.03
N LYS A 163 -11.15 -0.75 -36.75
CA LYS A 163 -10.49 0.53 -36.57
C LYS A 163 -11.26 1.64 -37.29
N PRO A 164 -11.19 2.87 -36.80
CA PRO A 164 -11.58 4.00 -37.63
C PRO A 164 -10.68 4.07 -38.85
N ASP A 165 -11.26 4.46 -39.98
CA ASP A 165 -10.47 4.57 -41.19
C ASP A 165 -9.57 5.80 -41.13
N THR A 166 -8.47 5.74 -41.87
CA THR A 166 -7.50 6.81 -41.90
C THR A 166 -6.99 7.01 -43.32
N SER A 167 -6.43 8.19 -43.56
CA SER A 167 -5.88 8.52 -44.87
C SER A 167 -4.78 9.55 -44.71
N ILE A 168 -3.69 9.36 -45.44
CA ILE A 168 -2.60 10.33 -45.51
C ILE A 168 -2.74 11.07 -46.82
N GLU A 169 -2.90 12.39 -46.74
CA GLU A 169 -3.12 13.21 -47.93
C GLU A 169 -2.25 14.46 -47.82
N SER A 170 -1.38 14.65 -48.80
CA SER A 170 -0.41 15.74 -48.78
C SER A 170 0.40 15.72 -47.50
N GLY A 171 0.59 14.52 -46.93
CA GLY A 171 1.24 14.36 -45.65
C GLY A 171 0.34 14.58 -44.46
N VAL A 172 -0.90 15.03 -44.68
CA VAL A 172 -1.82 15.31 -43.59
C VAL A 172 -2.52 14.02 -43.20
N LEU A 173 -2.40 13.63 -41.93
CA LEU A 173 -3.08 12.45 -41.42
C LEU A 173 -4.52 12.82 -41.08
N THR A 174 -5.47 12.23 -41.81
CA THR A 174 -6.89 12.42 -41.55
C THR A 174 -7.44 11.16 -40.92
N ILE A 175 -8.05 11.31 -39.75
CA ILE A 175 -8.66 10.20 -39.03
C ILE A 175 -10.16 10.42 -39.07
N TYR A 176 -10.88 9.44 -39.61
CA TYR A 176 -12.29 9.62 -39.93
C TYR A 176 -13.16 8.98 -38.86
N THR A 177 -14.11 9.75 -38.33
CA THR A 177 -15.07 9.20 -37.40
C THR A 177 -15.98 8.22 -38.12
N PRO A 178 -16.63 7.32 -37.38
CA PRO A 178 -17.53 6.36 -38.05
C PRO A 178 -18.53 7.01 -38.97
N ALA A 179 -19.06 8.18 -38.59
CA ALA A 179 -19.98 8.88 -39.48
C ALA A 179 -19.31 9.23 -40.81
N GLU A 180 -18.03 9.60 -40.78
CA GLU A 180 -17.36 9.99 -42.00
C GLU A 180 -17.03 8.78 -42.88
N ARG A 181 -16.63 7.67 -42.27
CA ARG A 181 -16.25 6.49 -43.03
C ARG A 181 -16.59 5.25 -42.22
N GLU A 182 -16.74 4.13 -42.92
CA GLU A 182 -16.99 2.86 -42.25
C GLU A 182 -15.71 2.37 -41.58
N PRO A 183 -15.74 2.03 -40.30
CA PRO A 183 -14.53 1.49 -39.65
C PRO A 183 -14.04 0.24 -40.36
N VAL A 184 -12.72 0.09 -40.41
CA VAL A 184 -12.07 -1.01 -41.12
C VAL A 184 -11.73 -2.10 -40.11
N PRO A 185 -11.94 -3.37 -40.42
CA PRO A 185 -11.60 -4.43 -39.47
C PRO A 185 -10.10 -4.46 -39.20
N LEU A 186 -9.75 -4.85 -37.98
CA LEU A 186 -8.35 -4.92 -37.58
C LEU A 186 -7.71 -6.17 -38.20
N SER A 187 -6.60 -5.99 -38.90
CA SER A 187 -5.93 -7.11 -39.53
C SER A 187 -5.48 -8.10 -38.47
N TRP A 188 -5.58 -9.39 -38.79
CA TRP A 188 -5.43 -10.43 -37.78
C TRP A 188 -4.91 -11.69 -38.48
N LEU A 189 -3.67 -12.06 -38.18
CA LEU A 189 -3.04 -13.18 -38.87
C LEU A 189 -3.56 -14.52 -38.36
N HIS A 190 -3.34 -14.83 -37.08
CA HIS A 190 -3.75 -16.09 -36.50
C HIS A 190 -4.24 -15.86 -35.09
N THR A 191 -5.16 -16.73 -34.66
CA THR A 191 -5.86 -16.54 -33.40
C THR A 191 -5.31 -17.49 -32.35
N PRO A 192 -4.61 -17.01 -31.33
CA PRO A 192 -4.21 -17.89 -30.24
C PRO A 192 -5.32 -18.07 -29.22
N PHE A 193 -5.32 -19.22 -28.56
CA PHE A 193 -6.32 -19.56 -27.57
C PHE A 193 -5.65 -20.20 -26.37
N CYS A 194 -6.05 -19.78 -25.18
CA CYS A 194 -5.47 -20.32 -23.96
C CYS A 194 -6.22 -21.55 -23.49
N VAL A 195 -5.47 -22.52 -22.97
CA VAL A 195 -6.02 -23.71 -22.33
C VAL A 195 -5.29 -23.90 -21.01
N THR A 196 -6.04 -24.04 -19.92
CA THR A 196 -5.49 -24.03 -18.57
C THR A 196 -5.79 -25.36 -17.90
N TRP A 197 -4.82 -26.26 -17.93
CA TRP A 197 -4.95 -27.51 -17.19
C TRP A 197 -4.66 -27.28 -15.71
N SER A 198 -5.22 -28.16 -14.88
CA SER A 198 -5.01 -28.13 -13.45
C SER A 198 -4.62 -29.53 -12.99
N PHE A 199 -3.77 -29.59 -11.97
CA PHE A 199 -3.27 -30.86 -11.47
C PHE A 199 -3.55 -30.98 -9.98
N PHE A 200 -4.03 -32.14 -9.56
CA PHE A 200 -4.60 -32.28 -8.22
C PHE A 200 -3.90 -33.32 -7.36
N GLY A 201 -3.50 -34.46 -7.93
CA GLY A 201 -2.84 -35.47 -7.12
C GLY A 201 -1.60 -34.92 -6.46
N ASP A 202 -1.30 -35.46 -5.27
CA ASP A 202 -0.12 -34.99 -4.55
C ASP A 202 1.15 -35.17 -5.36
N GLU A 203 1.16 -36.05 -6.36
CA GLU A 203 2.24 -36.15 -7.32
C GLU A 203 1.86 -35.52 -8.66
N GLY A 204 0.74 -34.80 -8.70
CA GLY A 204 0.30 -34.17 -9.93
C GLY A 204 -0.14 -35.12 -11.01
N GLU A 205 -0.59 -36.33 -10.66
CA GLU A 205 -0.91 -37.34 -11.65
C GLU A 205 -2.30 -37.19 -12.23
N ILE A 206 -3.14 -36.33 -11.67
CA ILE A 206 -4.50 -36.12 -12.14
C ILE A 206 -4.57 -34.76 -12.80
N ALA A 207 -4.96 -34.71 -14.07
CA ALA A 207 -5.01 -33.48 -14.84
C ALA A 207 -6.45 -33.19 -15.24
N VAL A 208 -6.89 -31.95 -14.99
CA VAL A 208 -8.25 -31.52 -15.26
C VAL A 208 -8.19 -30.35 -16.23
N LEU A 209 -9.10 -30.35 -17.20
CA LEU A 209 -8.96 -29.43 -18.32
C LEU A 209 -9.51 -28.05 -18.04
N ASP A 210 -10.67 -27.93 -17.42
CA ASP A 210 -11.30 -26.59 -17.17
C ASP A 210 -11.78 -26.54 -15.74
N ALA A 211 -11.07 -25.93 -14.83
CA ALA A 211 -11.31 -26.00 -13.40
C ALA A 211 -12.40 -25.04 -12.98
N THR A 212 -13.35 -25.53 -12.19
CA THR A 212 -14.27 -24.66 -11.46
C THR A 212 -13.48 -23.90 -10.39
N TRP A 213 -14.04 -22.77 -9.96
CA TRP A 213 -13.39 -22.02 -8.90
C TRP A 213 -13.07 -22.92 -7.72
N LEU A 214 -14.02 -23.79 -7.34
CA LEU A 214 -13.78 -24.69 -6.24
C LEU A 214 -12.60 -25.60 -6.53
N GLU A 215 -12.52 -26.11 -7.77
CA GLU A 215 -11.39 -26.96 -8.13
C GLU A 215 -10.08 -26.18 -8.08
N GLU A 216 -10.10 -24.93 -8.50
CA GLU A 216 -8.86 -24.13 -8.55
C GLU A 216 -8.34 -23.96 -7.12
N GLN A 217 -9.19 -23.95 -6.10
CA GLN A 217 -8.73 -23.85 -4.73
C GLN A 217 -8.12 -25.16 -4.23
N VAL A 218 -8.37 -26.27 -4.92
CA VAL A 218 -7.93 -27.58 -4.47
C VAL A 218 -6.72 -28.04 -5.26
N ARG A 219 -6.59 -27.55 -6.50
CA ARG A 219 -5.52 -28.02 -7.35
C ARG A 219 -4.16 -27.69 -6.75
N VAL A 220 -3.18 -28.56 -6.99
CA VAL A 220 -1.82 -28.34 -6.54
C VAL A 220 -0.95 -27.68 -7.58
N GLY A 221 -1.44 -27.53 -8.81
CA GLY A 221 -0.68 -26.87 -9.85
C GLY A 221 -1.57 -26.61 -11.04
N SER A 222 -1.02 -25.88 -12.01
CA SER A 222 -1.73 -25.57 -13.23
C SER A 222 -0.73 -25.28 -14.32
N CYS A 223 -1.20 -25.33 -15.57
CA CYS A 223 -0.35 -25.13 -16.74
C CYS A 223 -1.18 -24.54 -17.86
N THR A 224 -0.98 -23.26 -18.12
CA THR A 224 -1.67 -22.59 -19.23
C THR A 224 -0.90 -22.82 -20.52
N ILE A 225 -1.63 -23.12 -21.59
CA ILE A 225 -1.05 -23.36 -22.90
C ILE A 225 -1.80 -22.49 -23.91
N SER A 226 -1.06 -21.74 -24.71
CA SER A 226 -1.62 -20.89 -25.74
C SER A 226 -1.16 -21.38 -27.11
N MET A 227 -2.11 -21.65 -28.00
CA MET A 227 -1.80 -22.29 -29.27
C MET A 227 -2.63 -21.67 -30.38
N ASN A 228 -2.09 -21.75 -31.60
CA ASN A 228 -2.88 -21.45 -32.79
C ASN A 228 -3.69 -22.67 -33.20
N LYS A 229 -4.64 -22.44 -34.11
CA LYS A 229 -5.36 -23.56 -34.71
C LYS A 229 -4.42 -24.49 -35.45
N HIS A 230 -3.25 -23.99 -35.86
CA HIS A 230 -2.29 -24.77 -36.63
C HIS A 230 -1.27 -25.47 -35.74
N GLY A 231 -1.44 -25.45 -34.43
CA GLY A 231 -0.55 -26.16 -33.54
C GLY A 231 0.63 -25.37 -33.03
N GLU A 232 0.83 -24.14 -33.48
CA GLU A 232 1.91 -23.32 -32.95
C GLU A 232 1.59 -22.91 -31.53
N ILE A 233 2.47 -23.25 -30.59
CA ILE A 233 2.28 -22.85 -29.20
C ILE A 233 2.81 -21.44 -29.02
N CYS A 234 1.94 -20.53 -28.60
CA CYS A 234 2.34 -19.16 -28.38
C CYS A 234 2.91 -18.92 -26.99
N GLN A 235 2.55 -19.75 -26.02
CA GLN A 235 3.15 -19.67 -24.71
C GLN A 235 2.73 -20.88 -23.88
N ILE A 236 3.57 -21.24 -22.93
CA ILE A 236 3.27 -22.23 -21.91
C ILE A 236 3.70 -21.64 -20.58
N ALA A 237 2.87 -21.82 -19.56
CA ALA A 237 3.13 -21.22 -18.27
C ALA A 237 2.68 -22.18 -17.17
N LYS A 238 3.57 -23.09 -16.78
CA LYS A 238 3.37 -23.88 -15.55
C LYS A 238 4.24 -23.25 -14.46
N LEU A 239 3.78 -22.10 -13.96
CA LEU A 239 4.58 -21.27 -13.08
C LEU A 239 4.64 -21.90 -11.69
N GLY A 240 5.39 -22.99 -11.61
CA GLY A 240 5.61 -23.66 -10.35
C GLY A 240 4.49 -24.63 -10.01
N GLY A 241 4.21 -24.76 -8.72
CA GLY A 241 3.29 -25.76 -8.23
C GLY A 241 3.97 -27.12 -8.18
N THR A 242 3.21 -28.11 -7.73
CA THR A 242 3.77 -29.45 -7.64
C THR A 242 4.19 -29.91 -9.03
N PRO A 243 5.32 -30.61 -9.15
CA PRO A 243 5.81 -30.99 -10.48
C PRO A 243 4.92 -32.04 -11.13
N VAL A 244 4.96 -32.05 -12.46
CA VAL A 244 4.16 -32.96 -13.28
C VAL A 244 5.08 -33.62 -14.29
N GLU A 245 4.89 -34.94 -14.48
CA GLU A 245 5.73 -35.66 -15.41
C GLU A 245 5.60 -35.08 -16.81
N ALA A 246 6.75 -34.90 -17.47
CA ALA A 246 6.75 -34.27 -18.79
C ALA A 246 5.81 -34.97 -19.74
N VAL A 247 5.69 -36.30 -19.64
CA VAL A 247 4.77 -37.03 -20.51
C VAL A 247 3.35 -36.51 -20.32
N SER A 248 2.98 -36.24 -19.07
CA SER A 248 1.65 -35.69 -18.81
C SER A 248 1.46 -34.35 -19.49
N LEU A 249 2.46 -33.46 -19.38
CA LEU A 249 2.32 -32.15 -20.01
C LEU A 249 2.21 -32.29 -21.52
N LEU A 250 2.99 -33.18 -22.13
CA LEU A 250 2.85 -33.41 -23.56
C LEU A 250 1.46 -33.95 -23.88
N GLN A 251 0.93 -34.81 -23.03
CA GLN A 251 -0.46 -35.24 -23.18
C GLN A 251 -1.40 -34.04 -23.05
N CYS A 252 -1.15 -33.17 -22.09
CA CYS A 252 -1.99 -31.99 -21.91
C CYS A 252 -1.96 -31.10 -23.15
N THR A 253 -0.77 -30.84 -23.68
CA THR A 253 -0.68 -30.02 -24.88
C THR A 253 -1.32 -30.70 -26.08
N SER A 254 -1.14 -32.02 -26.21
CA SER A 254 -1.74 -32.73 -27.33
C SER A 254 -3.26 -32.59 -27.29
N ILE A 255 -3.85 -32.78 -26.12
CA ILE A 255 -5.29 -32.57 -25.97
C ILE A 255 -5.64 -31.12 -26.22
N ALA A 256 -4.83 -30.20 -25.68
CA ALA A 256 -5.14 -28.78 -25.80
C ALA A 256 -5.30 -28.37 -27.25
N LEU A 257 -4.46 -28.91 -28.14
CA LEU A 257 -4.58 -28.56 -29.55
C LEU A 257 -5.97 -28.90 -30.06
N THR A 258 -6.53 -30.04 -29.64
CA THR A 258 -7.88 -30.41 -30.06
C THR A 258 -8.89 -29.38 -29.59
N LYS A 259 -8.79 -28.96 -28.33
CA LYS A 259 -9.74 -27.97 -27.81
C LYS A 259 -9.55 -26.63 -28.51
N VAL A 260 -8.31 -26.26 -28.82
CA VAL A 260 -8.08 -25.01 -29.52
C VAL A 260 -8.74 -25.03 -30.89
N LYS A 261 -8.67 -26.18 -31.58
CA LYS A 261 -9.26 -26.25 -32.91
C LYS A 261 -10.75 -25.97 -32.87
N GLU A 262 -11.45 -26.54 -31.88
CA GLU A 262 -12.89 -26.29 -31.79
C GLU A 262 -13.19 -24.88 -31.30
N PHE A 263 -12.33 -24.32 -30.45
CA PHE A 263 -12.47 -22.91 -30.11
C PHE A 263 -12.32 -22.03 -31.34
N SER A 264 -11.31 -22.32 -32.17
CA SER A 264 -11.11 -21.53 -33.37
C SER A 264 -12.31 -21.66 -34.31
N ASP A 265 -12.85 -22.87 -34.45
CA ASP A 265 -14.01 -23.06 -35.29
C ASP A 265 -15.20 -22.29 -34.74
N LEU A 266 -15.40 -22.31 -33.43
CA LEU A 266 -16.52 -21.58 -32.84
C LEU A 266 -16.40 -20.10 -33.12
N VAL A 267 -15.24 -19.52 -32.82
CA VAL A 267 -15.06 -18.07 -33.01
C VAL A 267 -15.27 -17.71 -34.47
N ASP A 268 -14.67 -18.48 -35.38
CA ASP A 268 -14.88 -18.23 -36.80
C ASP A 268 -16.36 -18.33 -37.14
N LYS A 269 -17.03 -19.38 -36.65
CA LYS A 269 -18.46 -19.52 -36.90
C LYS A 269 -19.23 -18.36 -36.28
N LYS A 270 -18.92 -18.03 -35.02
CA LYS A 270 -19.67 -16.99 -34.34
C LYS A 270 -19.45 -15.64 -35.01
N LEU A 271 -18.23 -15.35 -35.45
CA LEU A 271 -17.99 -14.11 -36.19
C LEU A 271 -18.77 -14.10 -37.50
N ALA A 272 -18.82 -15.22 -38.20
CA ALA A 272 -19.61 -15.29 -39.43
C ALA A 272 -21.08 -15.04 -39.13
N GLU A 273 -21.61 -15.65 -38.07
CA GLU A 273 -23.01 -15.42 -37.71
C GLU A 273 -23.26 -13.95 -37.42
N ASP A 274 -22.38 -13.32 -36.65
CA ASP A 274 -22.53 -11.89 -36.39
C ASP A 274 -22.42 -11.09 -37.68
N PHE A 275 -21.49 -11.47 -38.55
CA PHE A 275 -21.31 -10.74 -39.80
C PHE A 275 -22.61 -10.67 -40.60
N LYS A 276 -23.36 -11.78 -40.63
CA LYS A 276 -24.63 -11.77 -41.34
C LYS A 276 -25.64 -10.85 -40.69
N ARG A 277 -25.65 -10.75 -39.36
CA ARG A 277 -26.53 -9.78 -38.71
C ARG A 277 -26.20 -8.37 -39.16
N ARG A 278 -24.92 -8.10 -39.36
CA ARG A 278 -24.47 -6.76 -39.79
C ARG A 278 -24.80 -6.57 -41.27
N ASN A 279 -24.68 -7.62 -42.08
CA ASN A 279 -24.86 -7.55 -43.53
C ASN A 279 -25.69 -8.74 -43.98
N PRO A 280 -27.02 -8.68 -43.82
CA PRO A 280 -27.86 -9.82 -44.20
C PRO A 280 -27.88 -10.07 -45.70
N ARG B 14 26.54 -25.52 -36.96
CA ARG B 14 26.55 -25.84 -35.51
C ARG B 14 26.69 -24.55 -34.70
N VAL B 15 26.27 -24.61 -33.43
CA VAL B 15 26.30 -23.41 -32.60
C VAL B 15 27.75 -22.92 -32.46
N ASP B 16 27.90 -21.61 -32.37
CA ASP B 16 29.22 -21.02 -32.26
C ASP B 16 29.90 -21.46 -30.97
N GLY B 17 30.99 -22.21 -31.11
CA GLY B 17 31.79 -22.61 -29.97
C GLY B 17 31.10 -23.53 -28.98
N ARG B 18 30.01 -24.18 -29.37
CA ARG B 18 29.28 -25.03 -28.44
C ARG B 18 28.53 -26.10 -29.24
N ARG B 19 28.34 -27.24 -28.60
CA ARG B 19 27.64 -28.39 -29.22
C ARG B 19 26.17 -28.22 -28.89
N TRP B 20 25.29 -28.82 -29.69
CA TRP B 20 23.86 -28.68 -29.46
C TRP B 20 23.47 -29.20 -28.08
N ASN B 21 23.97 -30.38 -27.72
CA ASN B 21 23.69 -30.97 -26.42
C ASN B 21 24.87 -30.72 -25.47
N GLU B 22 25.03 -29.45 -25.11
CA GLU B 22 26.21 -29.04 -24.36
C GLU B 22 25.90 -27.78 -23.57
N LEU B 23 25.99 -27.87 -22.24
CA LEU B 23 25.86 -26.68 -21.41
C LEU B 23 27.04 -25.75 -21.65
N ARG B 24 26.82 -24.46 -21.43
CA ARG B 24 27.93 -23.52 -21.33
C ARG B 24 28.67 -23.80 -20.03
N ARG B 25 29.85 -23.24 -19.86
CA ARG B 25 30.57 -23.43 -18.61
C ARG B 25 29.71 -22.91 -17.46
N VAL B 26 29.23 -23.83 -16.63
CA VAL B 26 28.40 -23.49 -15.47
C VAL B 26 29.29 -23.58 -14.25
N HIS B 27 29.53 -22.44 -13.61
CA HIS B 27 30.35 -22.36 -12.43
C HIS B 27 29.54 -21.71 -11.32
N ALA B 28 29.54 -22.34 -10.16
CA ALA B 28 28.73 -21.89 -9.04
C ALA B 28 29.56 -21.92 -7.77
N GLN B 29 29.19 -21.05 -6.83
CA GLN B 29 29.78 -21.01 -5.51
C GLN B 29 28.66 -20.99 -4.49
N ILE B 30 28.95 -21.46 -3.29
CA ILE B 30 27.95 -21.51 -2.19
C ILE B 30 28.57 -20.82 -0.98
N ARG B 31 27.76 -20.30 -0.06
CA ARG B 31 28.26 -19.56 1.11
C ARG B 31 29.09 -18.39 0.59
N THR B 32 28.65 -17.78 -0.52
CA THR B 32 29.36 -16.64 -1.16
C THR B 32 29.41 -15.44 -0.22
N GLN B 33 28.33 -15.17 0.50
CA GLN B 33 28.24 -14.04 1.46
C GLN B 33 28.08 -14.63 2.85
N ALA B 34 28.90 -14.21 3.81
CA ALA B 34 28.89 -14.79 5.17
C ALA B 34 27.64 -14.34 5.94
N ALA B 35 27.21 -13.10 5.75
CA ALA B 35 26.04 -12.55 6.47
C ALA B 35 24.77 -13.34 6.20
N ALA B 36 24.52 -13.73 4.95
CA ALA B 36 23.27 -14.40 4.56
C ALA B 36 23.22 -15.77 5.23
N ASP B 37 22.04 -16.25 5.64
CA ASP B 37 21.90 -17.60 6.23
C ASP B 37 22.31 -18.58 5.16
N GLY B 38 21.89 -18.34 3.93
CA GLY B 38 22.33 -19.14 2.78
C GLY B 38 22.78 -18.17 1.72
N SER B 39 23.81 -18.44 0.95
CA SER B 39 24.19 -17.59 -0.19
C SER B 39 24.65 -18.47 -1.32
N SER B 40 24.48 -18.04 -2.55
CA SER B 40 24.99 -18.78 -3.72
C SER B 40 25.47 -17.80 -4.75
N TYR B 41 26.40 -18.18 -5.60
CA TYR B 41 26.79 -17.37 -6.76
C TYR B 41 26.67 -18.37 -7.88
N LEU B 42 26.12 -17.99 -9.01
CA LEU B 42 25.99 -18.88 -10.14
C LEU B 42 26.35 -18.15 -11.41
N GLU B 43 27.19 -18.77 -12.24
CA GLU B 43 27.52 -18.26 -13.55
C GLU B 43 27.20 -19.33 -14.59
N MET B 44 26.35 -18.98 -15.54
CA MET B 44 26.02 -19.85 -16.67
C MET B 44 26.47 -19.11 -17.92
N GLY B 45 27.58 -19.52 -18.50
CA GLY B 45 28.16 -18.75 -19.57
C GLY B 45 28.48 -17.36 -19.06
N HIS B 46 27.94 -16.34 -19.71
CA HIS B 46 28.10 -14.96 -19.26
C HIS B 46 26.93 -14.46 -18.43
N THR B 47 25.98 -15.33 -18.11
CA THR B 47 24.91 -14.95 -17.19
C THR B 47 25.36 -15.17 -15.75
N LYS B 48 25.34 -14.10 -14.96
CA LYS B 48 25.77 -14.15 -13.58
C LYS B 48 24.59 -13.80 -12.67
N VAL B 49 24.35 -14.66 -11.67
CA VAL B 49 23.30 -14.44 -10.69
C VAL B 49 23.88 -14.72 -9.32
N MET B 50 23.66 -13.79 -8.39
CA MET B 50 24.06 -13.95 -7.00
C MET B 50 22.81 -13.96 -6.15
N CYS B 51 22.75 -14.91 -5.21
CA CYS B 51 21.54 -15.10 -4.40
C CYS B 51 21.92 -15.21 -2.93
N VAL B 52 21.15 -14.55 -2.08
CA VAL B 52 21.34 -14.59 -0.62
C VAL B 52 19.98 -14.92 -0.03
N VAL B 53 19.86 -16.01 0.71
CA VAL B 53 18.53 -16.46 1.21
C VAL B 53 18.47 -16.27 2.70
N THR B 54 17.48 -15.53 3.20
CA THR B 54 17.26 -15.44 4.66
C THR B 54 16.77 -16.81 5.08
N GLY B 55 17.22 -17.32 6.22
CA GLY B 55 16.82 -18.64 6.73
C GLY B 55 15.41 -18.50 7.20
N PRO B 56 14.62 -19.57 7.33
CA PRO B 56 13.24 -19.32 7.62
C PRO B 56 13.30 -18.52 8.92
N SER B 57 12.60 -17.38 8.99
CA SER B 57 12.56 -16.51 10.18
C SER B 57 11.21 -15.79 10.22
N GLU B 58 10.72 -15.41 11.39
CA GLU B 58 9.40 -14.75 11.49
C GLU B 58 9.54 -13.33 10.93
N PRO B 59 8.71 -12.88 9.98
CA PRO B 59 8.91 -11.56 9.38
C PRO B 59 8.56 -10.42 10.33
N GLY B 87 -0.69 -18.86 6.96
CA GLY B 87 -0.25 -19.35 8.25
C GLY B 87 -0.07 -20.85 8.28
N LYS B 88 -0.60 -21.53 7.26
CA LYS B 88 -0.53 -22.99 7.21
C LYS B 88 0.88 -23.46 6.85
N GLU B 89 1.62 -22.67 6.09
CA GLU B 89 2.98 -23.05 5.68
C GLU B 89 3.81 -21.78 5.50
N ALA B 90 5.11 -21.96 5.53
CA ALA B 90 6.03 -20.83 5.45
C ALA B 90 5.86 -20.09 4.12
N GLU B 91 5.79 -18.77 4.19
CA GLU B 91 5.80 -17.97 2.98
C GLU B 91 7.20 -17.92 2.40
N VAL B 92 7.28 -18.06 1.08
CA VAL B 92 8.53 -17.88 0.35
C VAL B 92 8.43 -16.59 -0.43
N VAL B 93 9.28 -15.62 -0.09
CA VAL B 93 9.28 -14.31 -0.72
C VAL B 93 10.55 -14.18 -1.54
N VAL B 94 10.40 -13.90 -2.83
CA VAL B 94 11.51 -13.82 -3.76
C VAL B 94 11.57 -12.39 -4.29
N SER B 95 12.74 -11.78 -4.17
CA SER B 95 12.98 -10.44 -4.69
C SER B 95 14.12 -10.53 -5.71
N ILE B 96 13.83 -10.14 -6.95
CA ILE B 96 14.80 -10.20 -8.03
C ILE B 96 15.25 -8.79 -8.34
N VAL B 97 16.57 -8.59 -8.36
CA VAL B 97 17.17 -7.31 -8.68
C VAL B 97 17.96 -7.46 -9.97
N ILE B 98 17.50 -6.83 -11.03
CA ILE B 98 18.18 -6.84 -12.32
C ILE B 98 18.96 -5.54 -12.41
N ALA B 99 20.27 -5.63 -12.25
CA ALA B 99 21.10 -4.44 -12.31
C ALA B 99 21.14 -3.89 -13.73
N GLY B 100 21.14 -2.56 -13.85
CA GLY B 100 21.17 -1.95 -15.16
C GLY B 100 22.38 -2.34 -15.97
N PHE B 101 23.51 -2.56 -15.28
CA PHE B 101 24.78 -2.93 -15.94
C PHE B 101 24.67 -4.36 -16.46
N SER B 102 23.86 -5.20 -15.81
CA SER B 102 23.73 -6.62 -16.21
C SER B 102 23.15 -6.69 -17.62
N SER B 103 22.16 -5.85 -17.91
CA SER B 103 21.57 -5.79 -19.27
C SER B 103 22.61 -5.27 -20.25
N VAL B 104 22.69 -5.84 -21.46
CA VAL B 104 23.61 -5.33 -22.51
C VAL B 104 23.18 -3.90 -22.86
N ASP B 105 21.87 -3.65 -22.97
CA ASP B 105 21.32 -2.30 -23.27
C ASP B 105 20.36 -1.88 -22.15
N ARG B 106 20.52 -0.66 -21.61
CA ARG B 106 19.62 -0.15 -20.55
C ARG B 106 18.22 -0.03 -21.13
N LYS B 107 18.11 0.44 -22.36
CA LYS B 107 16.81 0.65 -23.03
C LYS B 107 16.09 -0.69 -23.19
N ARG B 108 16.81 -1.70 -23.66
CA ARG B 108 16.22 -3.05 -23.90
C ARG B 108 15.42 -3.44 -22.68
N HIS B 109 16.06 -3.50 -21.51
CA HIS B 109 15.38 -3.93 -20.26
C HIS B 109 14.26 -2.95 -19.94
N GLY B 110 14.48 -1.64 -20.08
CA GLY B 110 13.40 -0.65 -19.92
C GLY B 110 12.71 -0.82 -18.59
N ARG B 111 13.44 -1.07 -17.49
CA ARG B 111 12.84 -1.35 -16.16
C ARG B 111 12.24 -2.76 -16.17
N ASN B 112 11.34 -3.08 -17.09
CA ASN B 112 10.79 -4.45 -17.23
C ASN B 112 10.17 -4.87 -15.90
N ASP B 113 9.47 -3.97 -15.21
CA ASP B 113 8.94 -4.25 -13.86
C ASP B 113 7.93 -5.40 -13.91
N LYS B 114 7.06 -5.46 -14.91
CA LYS B 114 6.08 -6.56 -15.05
C LYS B 114 6.85 -7.86 -15.24
N ARG B 115 7.92 -7.84 -16.02
CA ARG B 115 8.71 -9.05 -16.30
C ARG B 115 9.28 -9.56 -14.99
N ILE B 116 9.86 -8.67 -14.18
CA ILE B 116 10.53 -9.05 -12.91
C ILE B 116 9.49 -9.60 -11.96
N ILE B 117 8.30 -9.00 -11.90
CA ILE B 117 7.26 -9.45 -10.95
C ILE B 117 6.86 -10.85 -11.35
N GLU B 118 6.82 -11.13 -12.64
CA GLU B 118 6.41 -12.45 -13.17
C GLU B 118 7.50 -13.45 -12.82
N MET B 119 8.76 -13.06 -12.98
CA MET B 119 9.90 -13.95 -12.70
C MET B 119 9.91 -14.29 -11.22
N GLN B 120 9.63 -13.32 -10.35
CA GLN B 120 9.61 -13.52 -8.88
C GLN B 120 8.49 -14.51 -8.56
N SER B 121 7.37 -14.43 -9.26
CA SER B 121 6.22 -15.33 -9.03
C SER B 121 6.61 -16.73 -9.47
N THR B 122 7.27 -16.83 -10.61
CA THR B 122 7.72 -18.10 -11.17
C THR B 122 8.70 -18.77 -10.21
N VAL B 123 9.73 -18.04 -9.79
CA VAL B 123 10.74 -18.63 -8.90
C VAL B 123 10.11 -18.99 -7.56
N ALA B 124 9.31 -18.10 -6.99
CA ALA B 124 8.71 -18.37 -5.69
C ALA B 124 7.88 -19.65 -5.74
N ASN B 125 7.04 -19.77 -6.76
CA ASN B 125 6.27 -21.00 -6.92
C ASN B 125 7.17 -22.20 -7.20
N ALA B 126 8.24 -21.98 -7.97
CA ALA B 126 9.15 -23.09 -8.28
C ALA B 126 9.79 -23.65 -7.01
N LEU B 127 10.38 -22.77 -6.20
CA LEU B 127 11.04 -23.23 -4.99
C LEU B 127 10.04 -23.86 -4.03
N SER B 128 8.89 -23.23 -3.85
CA SER B 128 7.90 -23.77 -2.92
C SER B 128 7.42 -25.15 -3.34
N ALA B 129 7.60 -25.52 -4.61
CA ALA B 129 7.27 -26.88 -5.03
C ALA B 129 8.19 -27.91 -4.38
N SER B 130 9.32 -27.48 -3.84
CA SER B 130 10.28 -28.39 -3.21
C SER B 130 10.51 -28.09 -1.75
N LEU B 131 10.67 -26.82 -1.38
CA LEU B 131 10.95 -26.49 0.01
C LEU B 131 9.83 -27.02 0.90
N HIS B 132 10.22 -27.67 2.00
CA HIS B 132 9.25 -28.21 2.95
C HIS B 132 8.73 -27.08 3.83
N THR B 133 8.02 -26.15 3.19
CA THR B 133 7.47 -25.02 3.90
C THR B 133 6.56 -25.42 5.05
N HIS B 134 5.95 -26.60 4.97
CA HIS B 134 5.09 -27.05 6.05
C HIS B 134 5.83 -27.23 7.36
N LEU B 135 7.16 -27.29 7.32
CA LEU B 135 7.95 -27.46 8.54
C LEU B 135 8.13 -26.16 9.30
N PHE B 136 7.83 -25.01 8.70
CA PHE B 136 7.98 -23.74 9.39
C PHE B 136 6.73 -22.90 9.21
N PRO B 137 5.59 -23.34 9.74
CA PRO B 137 4.33 -22.64 9.45
C PRO B 137 4.35 -21.16 9.79
N HIS B 138 4.95 -20.77 10.91
CA HIS B 138 4.93 -19.38 11.37
C HIS B 138 6.19 -18.61 11.00
N SER B 139 6.81 -18.92 9.85
CA SER B 139 8.03 -18.23 9.45
C SER B 139 7.95 -17.88 7.97
N GLN B 140 8.92 -17.10 7.52
CA GLN B 140 9.04 -16.67 6.15
C GLN B 140 10.45 -16.90 5.66
N ILE B 141 10.57 -17.33 4.41
CA ILE B 141 11.86 -17.53 3.75
C ILE B 141 12.00 -16.49 2.66
N THR B 142 13.05 -15.69 2.74
CA THR B 142 13.26 -14.58 1.81
C THR B 142 14.44 -14.91 0.92
N ILE B 143 14.20 -14.90 -0.39
CA ILE B 143 15.24 -15.17 -1.39
C ILE B 143 15.48 -13.88 -2.14
N SER B 144 16.72 -13.40 -2.11
CA SER B 144 17.11 -12.19 -2.82
C SER B 144 18.03 -12.59 -3.97
N LEU B 145 17.65 -12.24 -5.18
CA LEU B 145 18.38 -12.62 -6.38
C LEU B 145 18.86 -11.36 -7.10
N HIS B 146 20.14 -11.31 -7.40
CA HIS B 146 20.76 -10.18 -8.08
C HIS B 146 21.32 -10.66 -9.41
N VAL B 147 20.76 -10.15 -10.51
CA VAL B 147 21.19 -10.54 -11.84
C VAL B 147 22.35 -9.63 -12.20
N LEU B 148 23.57 -10.10 -11.90
CA LEU B 148 24.75 -9.28 -12.16
C LEU B 148 25.09 -9.25 -13.64
N SER B 149 24.58 -10.20 -14.43
CA SER B 149 24.87 -10.23 -15.85
C SER B 149 23.82 -11.11 -16.53
N GLN B 150 23.48 -10.74 -17.77
CA GLN B 150 22.48 -11.47 -18.55
C GLN B 150 23.09 -11.88 -19.89
N ASP B 151 23.01 -13.17 -20.19
CA ASP B 151 23.38 -13.68 -21.50
C ASP B 151 22.39 -14.78 -21.89
N GLY B 152 21.12 -14.56 -21.59
CA GLY B 152 20.08 -15.53 -21.86
C GLY B 152 19.95 -16.56 -20.76
N SER B 153 18.92 -17.39 -20.83
CA SER B 153 18.67 -18.42 -19.81
C SER B 153 18.57 -17.80 -18.43
N LEU B 154 18.05 -16.58 -18.36
CA LEU B 154 18.02 -15.86 -17.08
C LEU B 154 17.12 -16.58 -16.08
N LEU B 155 15.93 -17.00 -16.50
CA LEU B 155 15.03 -17.66 -15.58
C LEU B 155 15.64 -18.94 -15.04
N ALA B 156 16.27 -19.73 -15.91
CA ALA B 156 16.92 -20.95 -15.47
C ALA B 156 18.01 -20.63 -14.46
N ALA B 157 18.82 -19.62 -14.75
CA ALA B 157 19.86 -19.23 -13.82
C ALA B 157 19.27 -18.80 -12.48
N LEU B 158 18.17 -18.04 -12.50
CA LEU B 158 17.57 -17.57 -11.26
C LEU B 158 17.12 -18.75 -10.41
N ILE B 159 16.45 -19.72 -11.02
CA ILE B 159 15.96 -20.86 -10.26
C ILE B 159 17.13 -21.65 -9.69
N ASN B 160 18.14 -21.90 -10.52
CA ASN B 160 19.31 -22.64 -10.06
C ASN B 160 19.98 -21.91 -8.91
N ALA B 161 20.19 -20.60 -9.06
CA ALA B 161 20.83 -19.83 -8.01
C ALA B 161 20.03 -19.90 -6.71
N ALA B 162 18.70 -19.86 -6.82
CA ALA B 162 17.86 -19.93 -5.62
C ALA B 162 18.05 -21.25 -4.89
N THR B 163 18.05 -22.36 -5.63
CA THR B 163 18.22 -23.65 -4.98
C THR B 163 19.56 -23.76 -4.27
N LEU B 164 20.63 -23.33 -4.93
CA LEU B 164 21.94 -23.36 -4.28
C LEU B 164 21.89 -22.61 -2.95
N ALA B 165 21.32 -21.41 -2.95
CA ALA B 165 21.20 -20.67 -1.70
C ALA B 165 20.32 -21.41 -0.71
N CYS B 166 19.19 -21.95 -1.16
CA CYS B 166 18.31 -22.67 -0.26
C CYS B 166 19.00 -23.87 0.35
N VAL B 167 19.77 -24.60 -0.45
CA VAL B 167 20.57 -25.69 0.10
C VAL B 167 21.61 -25.14 1.07
N ASP B 168 22.22 -24.03 0.72
CA ASP B 168 23.18 -23.40 1.65
C ASP B 168 22.43 -23.10 2.94
N ALA B 169 21.28 -22.45 2.86
CA ALA B 169 20.57 -22.04 4.06
C ALA B 169 20.11 -23.21 4.92
N GLY B 170 20.28 -24.44 4.44
CA GLY B 170 19.82 -25.58 5.20
C GLY B 170 18.33 -25.74 5.23
N ILE B 171 17.63 -25.17 4.26
CA ILE B 171 16.17 -25.34 4.19
C ILE B 171 15.85 -26.74 3.70
N PRO B 172 15.09 -27.54 4.43
CA PRO B 172 14.72 -28.87 3.93
C PRO B 172 14.05 -28.78 2.57
N MET B 173 14.60 -29.50 1.60
CA MET B 173 14.09 -29.52 0.25
C MET B 173 13.77 -30.95 -0.17
N THR B 174 12.69 -31.10 -0.94
CA THR B 174 12.40 -32.41 -1.51
C THR B 174 13.53 -32.86 -2.43
N ASP B 175 14.09 -31.93 -3.18
CA ASP B 175 15.16 -32.25 -4.15
C ASP B 175 15.53 -30.95 -4.86
N TYR B 176 16.68 -30.89 -5.47
CA TYR B 176 17.10 -29.72 -6.22
C TYR B 176 16.05 -29.37 -7.26
N VAL B 177 15.58 -28.12 -7.24
CA VAL B 177 14.69 -27.64 -8.28
C VAL B 177 15.56 -27.07 -9.38
N VAL B 178 16.14 -27.94 -10.21
CA VAL B 178 17.10 -27.50 -11.19
C VAL B 178 16.36 -27.02 -12.44
N ALA B 179 16.94 -26.03 -13.10
CA ALA B 179 16.31 -25.41 -14.27
C ALA B 179 17.33 -25.30 -15.40
N CYS B 180 16.81 -25.33 -16.63
CA CYS B 180 17.65 -25.23 -17.80
C CYS B 180 16.77 -24.87 -18.99
N THR B 181 17.39 -24.35 -20.04
CA THR B 181 16.67 -23.92 -21.23
C THR B 181 16.94 -24.86 -22.40
N ALA B 182 16.03 -24.91 -23.37
CA ALA B 182 16.19 -25.77 -24.56
C ALA B 182 15.33 -25.20 -25.70
N GLY B 183 15.87 -25.10 -26.92
CA GLY B 183 15.14 -24.46 -28.03
C GLY B 183 15.52 -25.00 -29.39
N SER B 184 14.56 -25.29 -30.26
CA SER B 184 14.83 -25.96 -31.56
C SER B 184 15.72 -25.08 -32.43
N THR B 185 16.72 -25.69 -33.09
CA THR B 185 17.66 -24.96 -33.96
C THR B 185 16.86 -24.39 -35.11
N SER B 186 15.94 -25.17 -35.64
CA SER B 186 15.01 -24.69 -36.69
C SER B 186 14.00 -23.78 -36.01
N THR B 187 13.51 -22.76 -36.71
CA THR B 187 12.42 -21.91 -36.18
C THR B 187 11.12 -22.70 -36.35
N TYR B 188 10.04 -22.33 -35.64
CA TYR B 188 8.69 -22.94 -35.77
C TYR B 188 8.23 -22.68 -37.20
N ALA B 189 8.50 -21.47 -37.73
CA ALA B 189 8.19 -21.13 -39.14
C ALA B 189 9.02 -22.02 -40.07
N ALA B 190 10.30 -22.26 -39.75
CA ALA B 190 11.20 -23.09 -40.57
C ALA B 190 10.67 -24.53 -40.62
N ASN B 191 10.16 -25.06 -39.50
CA ASN B 191 9.52 -26.39 -39.46
C ASN B 191 10.45 -27.47 -40.03
N ASP B 192 11.72 -27.50 -39.62
CA ASP B 192 12.69 -28.53 -40.10
C ASP B 192 12.61 -29.74 -39.16
N GLU B 193 12.16 -30.89 -39.67
CA GLU B 193 12.08 -32.15 -38.89
C GLU B 193 13.50 -32.58 -38.52
N ASN B 194 14.45 -32.40 -39.43
CA ASN B 194 15.86 -32.82 -39.23
C ASN B 194 16.44 -32.05 -38.05
N ALA B 195 16.06 -30.78 -37.87
CA ALA B 195 16.58 -29.93 -36.78
C ALA B 195 16.26 -30.54 -35.42
N ASP B 196 17.17 -30.44 -34.46
CA ASP B 196 17.01 -31.06 -33.12
C ASP B 196 17.16 -29.99 -32.04
N PRO B 197 16.54 -30.15 -30.85
CA PRO B 197 16.56 -29.09 -29.82
C PRO B 197 17.96 -28.77 -29.28
N LEU B 198 18.23 -27.49 -28.99
CA LEU B 198 19.52 -27.04 -28.41
C LEU B 198 19.39 -27.03 -26.89
N LEU B 199 20.45 -26.65 -26.17
CA LEU B 199 20.42 -26.56 -24.71
C LEU B 199 21.17 -25.31 -24.25
N ASP B 200 20.74 -24.79 -23.11
CA ASP B 200 21.40 -23.65 -22.45
C ASP B 200 21.65 -22.52 -23.45
N LEU B 201 20.57 -22.00 -24.02
CA LEU B 201 20.69 -21.03 -25.10
C LEU B 201 21.28 -19.71 -24.62
N ASN B 202 22.11 -19.11 -25.46
CA ASN B 202 22.60 -17.76 -25.24
C ASN B 202 21.51 -16.75 -25.52
N HIS B 203 21.74 -15.51 -25.11
CA HIS B 203 20.75 -14.47 -25.33
C HIS B 203 20.47 -14.28 -26.81
N GLN B 204 21.52 -14.29 -27.63
CA GLN B 204 21.31 -14.16 -29.07
C GLN B 204 20.44 -15.30 -29.60
N GLU B 205 20.68 -16.52 -29.13
CA GLU B 205 19.86 -17.64 -29.57
C GLU B 205 18.41 -17.45 -29.16
N GLU B 206 18.19 -16.83 -28.01
CA GLU B 206 16.81 -16.60 -27.50
C GLU B 206 16.09 -15.62 -28.41
N GLN B 207 16.81 -14.70 -29.08
CA GLN B 207 16.18 -13.77 -30.01
C GLN B 207 15.83 -14.46 -31.34
N GLU B 208 16.67 -15.40 -31.77
CA GLU B 208 16.52 -15.95 -33.11
C GLU B 208 15.62 -17.17 -33.15
N LEU B 209 15.68 -18.01 -32.12
CA LEU B 209 15.14 -19.35 -32.23
C LEU B 209 14.03 -19.59 -31.21
N PRO B 210 13.10 -20.50 -31.51
CA PRO B 210 12.17 -20.95 -30.47
C PRO B 210 12.94 -21.56 -29.31
N TRP B 211 12.54 -21.23 -28.08
CA TRP B 211 13.25 -21.69 -26.86
C TRP B 211 12.28 -21.89 -25.70
N LEU B 212 12.65 -22.69 -24.71
CA LEU B 212 11.79 -23.05 -23.58
C LEU B 212 12.61 -23.06 -22.30
N THR B 213 12.02 -22.96 -21.13
CA THR B 213 12.74 -23.14 -19.86
C THR B 213 12.04 -24.29 -19.18
N VAL B 214 12.74 -25.32 -18.76
CA VAL B 214 12.11 -26.44 -18.02
C VAL B 214 12.83 -26.56 -16.69
N ALA B 215 12.11 -26.61 -15.58
CA ALA B 215 12.73 -26.84 -14.28
C ALA B 215 12.15 -28.14 -13.74
N THR B 216 12.99 -29.08 -13.35
CA THR B 216 12.54 -30.41 -12.89
C THR B 216 13.01 -30.64 -11.48
N LEU B 217 12.13 -31.06 -10.58
CA LEU B 217 12.59 -31.42 -9.23
C LEU B 217 13.50 -32.62 -9.43
N GLY B 218 14.67 -32.63 -8.81
CA GLY B 218 15.58 -33.77 -8.87
C GLY B 218 16.10 -34.07 -10.26
N GLU B 219 16.48 -35.31 -10.51
CA GLU B 219 16.91 -35.78 -11.85
C GLU B 219 15.64 -36.25 -12.56
N SER B 220 14.50 -36.20 -11.88
CA SER B 220 13.22 -36.76 -12.40
C SER B 220 12.67 -36.00 -13.58
N ASP B 221 11.90 -36.68 -14.41
CA ASP B 221 11.26 -36.10 -15.61
C ASP B 221 10.30 -35.00 -15.16
N LYS B 222 9.63 -35.16 -14.03
CA LYS B 222 8.54 -34.22 -13.67
C LYS B 222 9.06 -32.80 -13.61
N VAL B 223 8.29 -31.87 -14.17
CA VAL B 223 8.71 -30.46 -14.35
C VAL B 223 7.99 -29.52 -13.41
N ALA B 224 8.68 -28.87 -12.48
CA ALA B 224 8.10 -27.82 -11.62
C ALA B 224 7.73 -26.59 -12.45
N VAL B 225 8.57 -26.20 -13.40
CA VAL B 225 8.33 -24.99 -14.22
C VAL B 225 8.51 -25.33 -15.68
N LEU B 226 7.60 -24.89 -16.54
CA LEU B 226 7.75 -25.07 -18.00
C LEU B 226 7.30 -23.76 -18.61
N VAL B 227 8.21 -22.82 -18.78
CA VAL B 227 7.91 -21.54 -19.38
C VAL B 227 8.50 -21.52 -20.78
N CYS B 228 7.62 -21.36 -21.77
CA CYS B 228 8.04 -21.29 -23.16
C CYS B 228 7.36 -20.09 -23.80
N GLU B 229 7.96 -18.92 -23.66
CA GLU B 229 7.33 -17.70 -24.15
C GLU B 229 7.43 -17.61 -25.68
N SER B 230 8.52 -18.12 -26.25
CA SER B 230 8.69 -18.06 -27.70
C SER B 230 7.74 -19.04 -28.38
N ARG B 231 7.40 -18.73 -29.63
CA ARG B 231 6.46 -19.57 -30.42
C ARG B 231 7.18 -20.85 -30.84
N VAL B 232 6.54 -22.01 -30.68
CA VAL B 232 7.10 -23.30 -31.05
C VAL B 232 5.97 -24.23 -31.48
N GLN B 233 6.27 -25.09 -32.46
CA GLN B 233 5.30 -26.10 -32.89
C GLN B 233 5.19 -27.20 -31.85
N VAL B 234 4.02 -27.82 -31.75
CA VAL B 234 3.76 -28.88 -30.74
C VAL B 234 4.66 -30.07 -31.05
N SER B 235 4.90 -30.40 -32.31
CA SER B 235 5.80 -31.49 -32.64
C SER B 235 7.18 -31.23 -32.06
N ARG B 236 7.67 -29.99 -32.12
CA ARG B 236 8.98 -29.67 -31.59
C ARG B 236 9.01 -29.76 -30.06
N LEU B 237 7.86 -29.56 -29.42
CA LEU B 237 7.85 -29.40 -27.97
C LEU B 237 8.39 -30.64 -27.26
N GLU B 238 8.01 -31.82 -27.71
CA GLU B 238 8.47 -33.04 -27.04
C GLU B 238 9.98 -33.12 -27.06
N GLY B 239 10.60 -32.86 -28.21
CA GLY B 239 12.05 -32.88 -28.27
C GLY B 239 12.69 -31.85 -27.36
N MET B 240 12.14 -30.63 -27.36
CA MET B 240 12.70 -29.58 -26.51
C MET B 240 12.57 -29.95 -25.04
N LEU B 241 11.41 -30.46 -24.62
CA LEU B 241 11.26 -30.88 -23.24
C LEU B 241 12.21 -32.01 -22.90
N ALA B 242 12.34 -32.99 -23.80
CA ALA B 242 13.25 -34.10 -23.53
C ALA B 242 14.68 -33.60 -23.36
N VAL B 243 15.12 -32.71 -24.25
CA VAL B 243 16.45 -32.12 -24.11
C VAL B 243 16.53 -31.30 -22.84
N GLY B 244 15.53 -30.46 -22.59
CA GLY B 244 15.54 -29.61 -21.41
C GLY B 244 15.65 -30.40 -20.13
N VAL B 245 14.90 -31.51 -20.04
CA VAL B 245 14.98 -32.35 -18.86
C VAL B 245 16.39 -32.90 -18.69
N ASP B 246 16.99 -33.36 -19.79
CA ASP B 246 18.35 -33.88 -19.72
C ASP B 246 19.31 -32.79 -19.28
N GLY B 247 19.12 -31.56 -19.78
CA GLY B 247 19.94 -30.46 -19.32
C GLY B 247 19.85 -30.27 -17.82
N CYS B 248 18.64 -30.38 -17.28
CA CYS B 248 18.48 -30.28 -15.84
C CYS B 248 19.27 -31.35 -15.12
N LYS B 249 19.28 -32.58 -15.65
CA LYS B 249 20.11 -33.62 -15.06
C LYS B 249 21.57 -33.22 -15.03
N GLN B 250 22.06 -32.68 -16.15
CA GLN B 250 23.45 -32.24 -16.20
C GLN B 250 23.69 -31.13 -15.19
N ILE B 251 22.78 -30.16 -15.12
CA ILE B 251 22.95 -29.06 -14.17
C ILE B 251 22.94 -29.58 -12.75
N ARG B 252 22.03 -30.51 -12.44
CA ARG B 252 21.98 -31.04 -11.08
C ARG B 252 23.30 -31.67 -10.69
N ALA B 253 23.89 -32.46 -11.60
CA ALA B 253 25.20 -33.02 -11.32
C ALA B 253 26.19 -31.93 -10.96
N ILE B 254 26.19 -30.83 -11.70
CA ILE B 254 27.05 -29.70 -11.38
C ILE B 254 26.67 -29.13 -10.02
N LEU B 255 25.38 -28.85 -9.82
CA LEU B 255 24.94 -28.23 -8.58
C LEU B 255 25.22 -29.13 -7.38
N ASP B 256 24.86 -30.41 -7.49
CA ASP B 256 25.11 -31.32 -6.39
C ASP B 256 26.59 -31.44 -6.11
N HIS B 257 27.41 -31.49 -7.17
CA HIS B 257 28.85 -31.54 -6.99
C HIS B 257 29.34 -30.32 -6.24
N VAL B 258 28.84 -29.14 -6.61
CA VAL B 258 29.26 -27.92 -5.92
C VAL B 258 28.89 -27.98 -4.45
N VAL B 259 27.72 -28.51 -4.14
CA VAL B 259 27.30 -28.60 -2.75
C VAL B 259 28.24 -29.51 -1.97
N ARG B 260 28.58 -30.66 -2.55
CA ARG B 260 29.43 -31.61 -1.84
C ARG B 260 30.82 -31.04 -1.62
N GLN B 261 31.41 -30.39 -2.63
CA GLN B 261 32.73 -29.82 -2.44
C GLN B 261 32.76 -28.87 -1.26
N LYS B 262 31.71 -28.08 -1.07
CA LYS B 262 31.61 -27.26 0.12
C LYS B 262 31.37 -28.14 1.35
N GLY B 263 30.50 -29.13 1.22
CA GLY B 263 30.21 -30.00 2.35
C GLY B 263 31.44 -30.75 2.83
N ARG B 264 32.20 -31.32 1.91
CA ARG B 264 33.39 -32.07 2.30
C ARG B 264 34.38 -31.18 3.05
N ARG B 265 34.61 -29.97 2.54
CA ARG B 265 35.56 -29.08 3.21
C ARG B 265 35.06 -28.67 4.59
N MET B 266 33.75 -28.67 4.81
CA MET B 266 33.23 -28.31 6.13
C MET B 266 33.41 -29.44 7.13
N ILE B 267 32.96 -30.64 6.77
CA ILE B 267 33.13 -31.79 7.66
C ILE B 267 34.61 -32.05 7.89
N ARG B 268 35.46 -31.73 6.92
CA ARG B 268 36.89 -31.87 7.09
C ARG B 268 37.44 -30.95 8.18
N GLU B 269 36.70 -29.91 8.55
CA GLU B 269 37.19 -28.89 9.47
C GLU B 269 36.27 -28.59 10.63
N GLY B 270 35.03 -29.10 10.63
CA GLY B 270 34.11 -28.84 11.71
C GLY B 270 32.80 -29.60 11.57
N THR C 13 -26.64 20.78 31.39
CA THR C 13 -25.92 19.85 30.47
C THR C 13 -24.41 20.10 30.52
N PHE C 14 -23.71 19.66 29.47
CA PHE C 14 -22.26 19.76 29.45
C PHE C 14 -21.82 21.20 29.19
N PRO C 15 -20.58 21.53 29.51
CA PRO C 15 -20.00 22.77 28.99
C PRO C 15 -20.08 22.80 27.48
N ARG C 16 -20.36 23.99 26.94
CA ARG C 16 -20.67 24.09 25.52
C ARG C 16 -19.58 23.47 24.65
N GLY C 17 -18.32 23.61 25.05
CA GLY C 17 -17.25 22.99 24.28
C GLY C 17 -17.38 21.47 24.24
N ILE C 18 -17.62 20.85 25.39
CA ILE C 18 -17.79 19.40 25.43
C ILE C 18 -19.01 18.99 24.63
N PHE C 19 -20.13 19.67 24.84
CA PHE C 19 -21.34 19.34 24.11
C PHE C 19 -21.14 19.43 22.60
N ALA C 20 -20.21 20.26 22.15
CA ALA C 20 -19.96 20.35 20.72
C ALA C 20 -19.22 19.13 20.19
N LYS C 21 -18.35 18.54 20.99
CA LYS C 21 -17.55 17.42 20.52
C LYS C 21 -18.36 16.13 20.49
N LEU C 22 -19.09 15.85 21.55
CA LEU C 22 -19.94 14.68 21.63
C LEU C 22 -21.39 15.12 21.44
N SER C 23 -22.13 14.38 20.63
CA SER C 23 -23.47 14.77 20.23
C SER C 23 -23.44 16.09 19.48
N PRO C 24 -22.59 16.22 18.46
CA PRO C 24 -22.56 17.47 17.70
C PRO C 24 -23.88 17.78 17.03
N HIS C 25 -24.60 16.78 16.51
CA HIS C 25 -25.86 17.05 15.82
C HIS C 25 -26.89 17.65 16.75
N PRO C 26 -27.15 17.09 17.93
CA PRO C 26 -28.04 17.79 18.88
C PRO C 26 -27.55 19.19 19.21
N TYR C 27 -26.23 19.37 19.36
CA TYR C 27 -25.72 20.68 19.70
C TYR C 27 -26.00 21.69 18.60
N LEU C 28 -25.76 21.31 17.35
CA LEU C 28 -26.11 22.20 16.25
C LEU C 28 -27.61 22.43 16.20
N LEU C 29 -28.39 21.36 16.36
CA LEU C 29 -29.86 21.46 16.30
C LEU C 29 -30.29 22.54 17.29
N ARG C 30 -29.67 22.56 18.48
CA ARG C 30 -30.02 23.53 19.54
C ARG C 30 -29.73 24.96 19.07
N THR C 31 -28.58 25.20 18.44
CA THR C 31 -28.22 26.54 17.91
C THR C 31 -29.16 26.89 16.75
N LEU C 32 -29.40 25.93 15.85
CA LEU C 32 -30.21 26.16 14.62
C LEU C 32 -31.66 26.35 15.01
N CYS C 33 -32.09 25.74 16.11
CA CYS C 33 -33.46 25.99 16.60
C CYS C 33 -33.33 26.98 17.72
N PRO C 34 -33.83 28.21 17.59
CA PRO C 34 -33.65 29.17 18.64
C PRO C 34 -34.45 28.47 19.73
N ASP C 35 -33.98 28.52 20.97
CA ASP C 35 -34.65 27.78 22.05
C ASP C 35 -36.06 28.33 22.18
N PRO C 36 -37.06 27.49 22.46
CA PRO C 36 -38.46 27.91 22.53
C PRO C 36 -38.54 28.94 23.64
N SER C 37 -37.79 28.75 24.73
CA SER C 37 -37.87 29.60 25.93
C SER C 37 -37.52 31.04 25.56
N ASN C 38 -36.54 31.28 24.70
CA ASN C 38 -36.11 32.67 24.42
C ASN C 38 -36.65 33.18 23.09
N SER C 39 -37.45 34.26 23.11
CA SER C 39 -37.94 34.95 21.89
C SER C 39 -36.72 35.57 21.19
N SER C 40 -35.76 36.08 21.96
CA SER C 40 -34.59 36.81 21.45
C SER C 40 -33.75 35.90 20.56
N SER C 41 -33.60 34.63 20.92
CA SER C 41 -32.73 33.69 20.17
C SER C 41 -33.28 33.56 18.75
N THR C 42 -32.39 33.47 17.75
CA THR C 42 -32.75 33.36 16.33
C THR C 42 -32.02 32.17 15.74
N PRO C 43 -32.49 31.53 14.66
CA PRO C 43 -31.82 30.33 14.21
C PRO C 43 -30.40 30.74 13.83
N GLN C 44 -29.40 29.96 14.22
CA GLN C 44 -27.98 30.25 13.95
C GLN C 44 -27.19 28.95 14.13
N ARG C 45 -26.11 28.78 13.40
CA ARG C 45 -25.33 27.52 13.46
C ARG C 45 -24.30 27.62 14.58
N THR C 46 -23.47 26.59 14.77
CA THR C 46 -22.38 26.63 15.72
C THR C 46 -21.36 27.70 15.35
N ASN C 47 -21.29 28.09 14.08
CA ASN C 47 -20.43 29.18 13.66
C ASN C 47 -20.98 30.53 14.06
N GLY C 48 -22.22 30.60 14.54
CA GLY C 48 -22.90 31.87 14.70
C GLY C 48 -23.48 32.41 13.42
N ARG C 49 -23.06 31.90 12.27
CA ARG C 49 -23.63 32.33 11.00
C ARG C 49 -25.04 31.77 10.86
N ARG C 50 -25.92 32.57 10.26
CA ARG C 50 -27.30 32.15 10.09
C ARG C 50 -27.42 31.07 9.03
N PRO C 51 -28.49 30.27 9.07
CA PRO C 51 -28.66 29.25 8.02
C PRO C 51 -28.63 29.82 6.62
N ASN C 52 -29.21 31.00 6.42
CA ASN C 52 -29.27 31.63 5.10
C ASN C 52 -28.11 32.55 4.83
N GLU C 53 -27.00 32.42 5.56
CA GLU C 53 -25.89 33.36 5.49
C GLU C 53 -24.64 32.62 5.03
N ALA C 54 -24.10 33.03 3.89
CA ALA C 54 -22.89 32.42 3.34
C ALA C 54 -21.66 33.14 3.88
N ARG C 55 -20.50 32.53 3.67
CA ARG C 55 -19.28 33.13 4.17
C ARG C 55 -18.74 34.17 3.20
N PRO C 56 -18.11 35.24 3.69
CA PRO C 56 -17.62 36.30 2.80
C PRO C 56 -16.37 35.85 2.06
N PHE C 57 -16.38 36.00 0.74
CA PHE C 57 -15.23 35.68 -0.08
C PHE C 57 -14.17 36.77 0.01
N ARG C 58 -12.91 36.35 -0.09
CA ARG C 58 -11.78 37.24 -0.25
C ARG C 58 -10.90 36.69 -1.36
N VAL C 59 -10.60 37.52 -2.36
CA VAL C 59 -9.86 37.09 -3.54
C VAL C 59 -8.63 37.96 -3.69
N ASN C 60 -7.48 37.32 -3.85
CA ASN C 60 -6.18 38.01 -3.98
C ASN C 60 -5.53 37.49 -5.26
N LEU C 61 -5.84 38.09 -6.40
CA LEU C 61 -5.30 37.63 -7.70
C LEU C 61 -3.81 37.95 -7.76
N GLY C 62 -3.05 37.25 -8.61
CA GLY C 62 -1.62 37.49 -8.79
C GLY C 62 -0.79 36.96 -7.64
N SER C 63 -1.36 36.08 -6.82
CA SER C 63 -0.68 35.56 -5.62
C SER C 63 0.59 34.79 -6.00
N LEU C 64 0.54 33.97 -7.05
CA LEU C 64 1.69 33.10 -7.44
C LEU C 64 2.45 33.79 -8.57
N SER C 65 3.71 34.12 -8.37
CA SER C 65 4.52 34.86 -9.36
C SER C 65 4.75 34.07 -10.65
N HIS C 66 5.11 32.80 -10.57
CA HIS C 66 5.45 31.97 -11.75
C HIS C 66 4.23 31.72 -12.63
N ALA C 67 3.06 31.46 -12.05
CA ALA C 67 1.84 31.11 -12.81
C ALA C 67 1.46 32.22 -13.79
N HIS C 68 0.97 31.87 -14.96
CA HIS C 68 0.51 32.85 -15.97
C HIS C 68 -0.69 33.57 -15.36
N GLY C 69 -1.48 32.90 -14.54
CA GLY C 69 -2.62 33.50 -13.82
C GLY C 69 -2.68 32.89 -12.43
N SER C 70 -3.24 33.55 -11.43
CA SER C 70 -3.42 32.94 -10.10
C SER C 70 -4.46 33.67 -9.26
N ALA C 71 -5.00 33.03 -8.24
CA ALA C 71 -5.90 33.70 -7.26
C ALA C 71 -5.78 32.98 -5.93
N LEU C 72 -5.79 33.70 -4.81
CA LEU C 72 -5.82 33.07 -3.47
C LEU C 72 -7.19 33.41 -2.94
N VAL C 73 -8.09 32.46 -2.90
CA VAL C 73 -9.48 32.69 -2.55
C VAL C 73 -9.70 32.17 -1.15
N ARG C 74 -10.10 33.05 -0.23
CA ARG C 74 -10.41 32.67 1.14
C ARG C 74 -11.89 32.87 1.39
N ALA C 75 -12.54 31.83 1.91
CA ALA C 75 -13.95 31.88 2.27
C ALA C 75 -14.02 31.36 3.69
N GLY C 76 -13.99 32.26 4.66
CA GLY C 76 -13.85 31.84 6.04
C GLY C 76 -12.53 31.12 6.22
N ASP C 77 -12.57 29.96 6.87
CA ASP C 77 -11.34 29.19 7.05
C ASP C 77 -10.91 28.50 5.77
N THR C 78 -11.85 28.12 4.92
CA THR C 78 -11.50 27.49 3.66
C THR C 78 -10.65 28.44 2.82
N THR C 79 -9.56 27.91 2.27
CA THR C 79 -8.59 28.73 1.54
C THR C 79 -8.08 27.94 0.35
N VAL C 80 -8.41 28.41 -0.85
CA VAL C 80 -8.01 27.77 -2.09
C VAL C 80 -7.04 28.69 -2.82
N LEU C 81 -5.93 28.13 -3.26
CA LEU C 81 -4.99 28.84 -4.11
C LEU C 81 -4.98 28.16 -5.48
N CYS C 82 -5.39 28.90 -6.50
CA CYS C 82 -5.47 28.39 -7.86
C CYS C 82 -4.37 29.02 -8.69
N GLY C 83 -3.65 28.20 -9.44
CA GLY C 83 -2.62 28.69 -10.31
C GLY C 83 -2.77 28.16 -11.72
N VAL C 84 -2.89 29.06 -12.70
CA VAL C 84 -3.06 28.69 -14.09
C VAL C 84 -1.73 28.88 -14.79
N ARG C 85 -1.10 27.78 -15.19
CA ARG C 85 0.17 27.80 -15.91
C ARG C 85 -0.08 27.32 -17.32
N GLY C 86 0.23 28.18 -18.30
CA GLY C 86 -0.01 27.83 -19.68
C GLY C 86 1.23 27.24 -20.32
N GLU C 87 1.03 26.15 -21.07
CA GLU C 87 2.10 25.50 -21.79
C GLU C 87 1.62 25.25 -23.22
N VAL C 88 2.58 25.24 -24.14
CA VAL C 88 2.28 25.22 -25.57
C VAL C 88 2.34 23.79 -26.07
N LEU C 89 1.33 23.38 -26.82
CA LEU C 89 1.22 22.02 -27.33
C LEU C 89 1.27 22.05 -28.86
N PRO C 90 2.37 21.67 -29.49
CA PRO C 90 2.42 21.68 -30.95
C PRO C 90 1.37 20.76 -31.55
N VAL C 91 0.77 21.20 -32.67
CA VAL C 91 -0.26 20.39 -33.29
C VAL C 91 0.30 19.04 -33.73
N GLU C 92 1.53 19.03 -34.23
CA GLU C 92 2.17 17.78 -34.61
C GLU C 92 2.19 16.79 -33.46
N ARG C 93 1.99 17.24 -32.23
CA ARG C 93 1.94 16.38 -31.06
C ARG C 93 0.50 16.10 -30.61
N ILE C 94 -0.49 16.48 -31.43
CA ILE C 94 -1.90 16.33 -31.05
C ILE C 94 -2.56 15.27 -31.93
N PRO C 95 -2.83 14.08 -31.42
CA PRO C 95 -3.68 13.14 -32.17
C PRO C 95 -5.06 13.74 -32.40
N LEU C 96 -5.66 13.39 -33.52
CA LEU C 96 -7.01 13.83 -33.90
C LEU C 96 -7.05 15.29 -34.30
N PHE C 97 -5.92 15.99 -34.39
CA PHE C 97 -5.94 17.39 -34.72
C PHE C 97 -6.32 17.61 -36.18
N ARG C 98 -7.11 18.64 -36.43
CA ARG C 98 -7.44 19.08 -37.78
C ARG C 98 -7.34 20.60 -37.83
N GLN C 99 -6.89 21.12 -38.96
CA GLN C 99 -6.84 22.56 -39.13
C GLN C 99 -8.25 23.12 -39.07
N PRO C 100 -8.53 24.11 -38.21
CA PRO C 100 -9.90 24.59 -38.06
C PRO C 100 -10.39 25.30 -39.31
N ASP C 101 -11.71 25.28 -39.49
CA ASP C 101 -12.32 25.91 -40.66
C ASP C 101 -12.26 27.42 -40.57
N VAL C 102 -12.11 27.96 -39.36
CA VAL C 102 -12.10 29.41 -39.11
C VAL C 102 -13.04 30.15 -40.05
N GLY C 112 -17.07 16.39 -34.08
CA GLY C 112 -16.06 16.45 -33.04
C GLY C 112 -16.58 17.11 -31.77
N ARG C 113 -15.81 16.99 -30.69
CA ARG C 113 -16.15 17.62 -29.43
C ARG C 113 -15.59 19.03 -29.28
N GLY C 114 -14.90 19.54 -30.29
CA GLY C 114 -14.24 20.81 -30.18
C GLY C 114 -12.82 20.67 -29.65
N GLU C 115 -12.01 21.69 -29.93
CA GLU C 115 -10.60 21.61 -29.57
C GLU C 115 -10.41 21.44 -28.08
N LEU C 116 -11.22 22.13 -27.27
CA LEU C 116 -11.04 22.07 -25.83
C LEU C 116 -11.10 20.64 -25.32
N LYS C 117 -12.06 19.85 -25.82
CA LYS C 117 -12.21 18.49 -25.36
C LYS C 117 -11.42 17.49 -26.20
N GLU C 118 -11.36 17.71 -27.51
CA GLU C 118 -10.63 16.78 -28.36
C GLU C 118 -9.16 16.74 -27.97
N TYR C 119 -8.59 17.89 -27.61
CA TYR C 119 -7.16 18.01 -27.36
C TYR C 119 -6.84 18.16 -25.87
N ASP C 120 -7.84 18.24 -25.01
CA ASP C 120 -7.62 18.41 -23.58
C ASP C 120 -6.78 19.65 -23.30
N LEU C 121 -7.24 20.79 -23.81
CA LEU C 121 -6.51 22.03 -23.62
C LEU C 121 -6.67 22.59 -22.21
N LEU C 122 -7.68 22.16 -21.48
CA LEU C 122 -7.86 22.57 -20.08
C LEU C 122 -7.62 21.35 -19.20
N VAL C 123 -6.75 21.50 -18.21
CA VAL C 123 -6.33 20.37 -17.39
C VAL C 123 -6.48 20.75 -15.92
N PRO C 124 -7.70 20.89 -15.40
CA PRO C 124 -7.87 21.24 -13.99
C PRO C 124 -7.60 20.05 -13.09
N ASN C 125 -6.92 20.30 -11.97
CA ASN C 125 -6.66 19.27 -10.98
C ASN C 125 -6.72 19.91 -9.60
N ILE C 126 -7.42 19.25 -8.69
CA ILE C 126 -7.64 19.76 -7.35
C ILE C 126 -6.77 18.97 -6.38
N GLU C 127 -6.04 19.67 -5.53
CA GLU C 127 -5.21 19.06 -4.51
C GLU C 127 -5.80 19.40 -3.15
N LEU C 128 -6.48 18.44 -2.54
CA LEU C 128 -6.86 18.56 -1.14
C LEU C 128 -5.58 18.35 -0.34
N ALA C 129 -4.80 19.43 -0.23
CA ALA C 129 -3.45 19.32 0.29
C ALA C 129 -3.45 18.60 1.62
N THR C 130 -2.54 17.64 1.76
CA THR C 130 -2.47 16.84 2.98
C THR C 130 -2.44 17.74 4.19
N GLY C 131 -3.28 17.43 5.17
CA GLY C 131 -3.34 18.22 6.38
C GLY C 131 -4.14 19.50 6.27
N SER C 132 -4.69 19.81 5.10
CA SER C 132 -5.57 20.96 5.01
C SER C 132 -6.78 20.82 5.91
N ALA C 133 -7.14 19.58 6.27
CA ALA C 133 -8.19 19.31 7.23
C ALA C 133 -7.90 17.95 7.83
N PRO C 134 -8.45 17.66 9.02
CA PRO C 134 -8.14 16.37 9.66
C PRO C 134 -8.44 15.17 8.78
N GLN C 135 -9.50 15.24 7.98
CA GLN C 135 -9.86 14.12 7.13
C GLN C 135 -8.85 13.86 6.03
N PHE C 136 -7.92 14.79 5.77
CA PHE C 136 -6.89 14.61 4.77
C PHE C 136 -5.52 14.38 5.39
N LEU C 137 -5.49 13.88 6.61
CA LEU C 137 -4.23 13.56 7.25
C LEU C 137 -3.52 12.45 6.46
N PRO C 138 -2.19 12.40 6.51
CA PRO C 138 -1.48 11.37 5.72
C PRO C 138 -1.87 9.96 6.10
N GLY C 139 -2.20 9.71 7.37
CA GLY C 139 -2.57 8.35 7.77
C GLY C 139 -4.00 7.98 7.48
N VAL C 140 -4.87 8.96 7.29
CA VAL C 140 -6.29 8.69 7.03
C VAL C 140 -6.42 8.13 5.62
N PRO C 141 -7.29 7.15 5.38
CA PRO C 141 -7.43 6.59 4.04
C PRO C 141 -7.82 7.65 3.04
N PRO C 142 -7.30 7.57 1.81
CA PRO C 142 -7.67 8.57 0.80
C PRO C 142 -9.14 8.50 0.44
N THR C 143 -9.67 9.63 -0.02
CA THR C 143 -11.06 9.74 -0.42
C THR C 143 -11.14 10.31 -1.82
N ALA C 144 -12.25 10.03 -2.49
CA ALA C 144 -12.43 10.42 -3.88
C ALA C 144 -12.75 11.89 -4.05
N LEU C 145 -12.91 12.65 -2.96
CA LEU C 145 -13.38 14.03 -3.07
C LEU C 145 -12.55 14.82 -4.07
N ALA C 146 -11.23 14.62 -4.07
CA ALA C 146 -10.38 15.35 -5.00
C ALA C 146 -10.75 15.04 -6.44
N GLN C 147 -10.95 13.75 -6.76
CA GLN C 147 -11.30 13.39 -8.12
C GLN C 147 -12.65 13.98 -8.52
N THR C 148 -13.64 13.88 -7.63
CA THR C 148 -14.97 14.36 -7.98
C THR C 148 -14.96 15.85 -8.25
N LEU C 149 -14.27 16.63 -7.42
CA LEU C 149 -14.19 18.06 -7.67
C LEU C 149 -13.49 18.35 -8.99
N SER C 150 -12.42 17.62 -9.28
CA SER C 150 -11.70 17.85 -10.52
C SER C 150 -12.62 17.68 -11.73
N THR C 151 -13.36 16.58 -11.77
CA THR C 151 -14.28 16.37 -12.89
C THR C 151 -15.44 17.35 -12.82
N ARG C 152 -15.93 17.64 -11.62
CA ARG C 152 -16.96 18.67 -11.49
C ARG C 152 -16.48 19.97 -12.12
N VAL C 153 -15.26 20.39 -11.78
CA VAL C 153 -14.71 21.59 -12.40
C VAL C 153 -14.53 21.38 -13.89
N TYR C 154 -13.97 20.23 -14.28
CA TYR C 154 -13.67 20.00 -15.69
C TYR C 154 -14.94 20.09 -16.53
N SER C 155 -15.99 19.37 -16.15
CA SER C 155 -17.22 19.40 -16.93
C SER C 155 -17.83 20.79 -16.91
N LEU C 156 -17.91 21.40 -15.73
CA LEU C 156 -18.45 22.75 -15.65
C LEU C 156 -17.58 23.72 -16.42
N LEU C 157 -16.27 23.52 -16.40
CA LEU C 157 -15.38 24.40 -17.14
C LEU C 157 -15.67 24.34 -18.63
N HIS C 158 -15.98 23.15 -19.15
CA HIS C 158 -16.28 23.01 -20.57
C HIS C 158 -17.72 23.37 -20.89
N SER C 159 -18.68 22.89 -20.10
CA SER C 159 -20.08 23.15 -20.41
C SER C 159 -20.38 24.65 -20.36
N THR C 160 -19.78 25.36 -19.41
CA THR C 160 -19.98 26.81 -19.35
C THR C 160 -19.32 27.51 -20.53
N ARG C 161 -18.51 26.83 -21.31
CA ARG C 161 -17.78 27.44 -22.41
C ARG C 161 -17.02 28.66 -21.90
N LEU C 162 -16.43 28.53 -20.71
CA LEU C 162 -15.75 29.64 -20.08
C LEU C 162 -14.60 30.14 -20.92
N VAL C 163 -13.77 29.22 -21.42
CA VAL C 163 -12.61 29.54 -22.25
C VAL C 163 -12.90 29.08 -23.66
N SER C 164 -12.56 29.91 -24.64
CA SER C 164 -12.80 29.60 -26.05
C SER C 164 -11.50 29.14 -26.70
N ALA C 165 -11.58 28.03 -27.43
CA ALA C 165 -10.40 27.52 -28.11
C ALA C 165 -9.84 28.55 -29.07
N GLU C 166 -10.66 29.47 -29.56
CA GLU C 166 -10.16 30.53 -30.42
C GLU C 166 -9.02 31.29 -29.76
N GLU C 167 -9.08 31.46 -28.45
CA GLU C 167 -8.03 32.17 -27.73
C GLU C 167 -6.76 31.34 -27.62
N LEU C 168 -6.90 30.02 -27.50
CA LEU C 168 -5.76 29.15 -27.24
C LEU C 168 -5.01 28.75 -28.51
N ARG C 169 -5.57 29.00 -29.68
CA ARG C 169 -4.85 28.69 -30.91
C ARG C 169 -3.61 29.55 -31.03
N ILE C 170 -2.56 28.98 -31.61
CA ILE C 170 -1.34 29.72 -31.95
C ILE C 170 -1.12 29.56 -33.43
N TRP C 171 -1.11 30.69 -34.16
CA TRP C 171 -1.13 30.70 -35.60
C TRP C 171 0.25 31.03 -36.16
N TYR C 172 0.48 30.60 -37.40
CA TYR C 172 1.69 31.00 -38.11
C TYR C 172 1.43 32.26 -38.94
N ARG C 173 0.42 32.22 -39.79
CA ARG C 173 0.06 33.37 -40.62
C ARG C 173 1.28 33.91 -41.35
N PRO C 174 1.81 33.17 -42.32
CA PRO C 174 2.95 33.69 -43.10
C PRO C 174 2.52 34.87 -43.96
N VAL C 175 3.51 35.47 -44.61
CA VAL C 175 3.26 36.62 -45.48
C VAL C 175 4.04 36.47 -46.78
N GLN C 200 -2.26 30.55 -46.51
CA GLN C 200 -1.41 29.46 -46.03
C GLN C 200 -1.32 29.48 -44.51
N ASP C 201 -2.29 30.14 -43.86
CA ASP C 201 -2.30 30.19 -42.40
C ASP C 201 -2.49 28.80 -41.82
N ARG C 202 -1.84 28.56 -40.68
CA ARG C 202 -1.94 27.29 -39.98
C ARG C 202 -1.99 27.54 -38.49
N VAL C 203 -2.66 26.64 -37.77
CA VAL C 203 -2.50 26.57 -36.32
C VAL C 203 -1.32 25.67 -36.01
N VAL C 204 -0.31 26.23 -35.35
CA VAL C 204 0.93 25.49 -35.10
C VAL C 204 0.96 24.87 -33.71
N ALA C 205 0.16 25.36 -32.77
CA ALA C 205 0.14 24.79 -31.43
C ALA C 205 -1.05 25.37 -30.69
N TYR C 206 -1.35 24.78 -29.55
CA TYR C 206 -2.43 25.24 -28.69
C TYR C 206 -1.89 25.51 -27.30
N TRP C 207 -2.37 26.59 -26.69
CA TRP C 207 -2.08 26.82 -25.29
C TRP C 207 -2.85 25.83 -24.44
N VAL C 208 -2.16 25.17 -23.52
CA VAL C 208 -2.76 24.21 -22.61
C VAL C 208 -2.72 24.81 -21.22
N LEU C 209 -3.89 25.02 -20.63
CA LEU C 209 -4.01 25.69 -19.34
C LEU C 209 -4.05 24.63 -18.25
N TYR C 210 -2.95 24.45 -17.54
CA TYR C 210 -2.89 23.54 -16.42
C TYR C 210 -3.43 24.28 -15.20
N ILE C 211 -4.72 24.11 -14.93
CA ILE C 211 -5.39 24.87 -13.88
C ILE C 211 -5.30 24.09 -12.57
N ASP C 212 -4.23 24.32 -11.82
CA ASP C 212 -3.98 23.58 -10.59
C ASP C 212 -4.54 24.33 -9.39
N LEU C 213 -5.26 23.61 -8.54
CA LEU C 213 -5.81 24.16 -7.32
C LEU C 213 -5.24 23.41 -6.12
N VAL C 214 -5.01 24.14 -5.03
CA VAL C 214 -4.52 23.56 -3.79
C VAL C 214 -5.34 24.12 -2.66
N PHE C 215 -5.97 23.25 -1.88
CA PHE C 215 -6.74 23.68 -0.72
C PHE C 215 -5.79 23.83 0.45
N LEU C 216 -5.25 25.04 0.63
CA LEU C 216 -4.38 25.28 1.78
C LEU C 216 -5.14 25.04 3.07
N SER C 217 -6.39 25.47 3.14
CA SER C 217 -7.28 25.19 4.27
C SER C 217 -8.60 24.73 3.71
N PHE C 218 -9.16 23.69 4.32
CA PHE C 218 -10.46 23.13 3.92
C PHE C 218 -11.39 23.20 5.12
N ASP C 219 -12.44 24.02 5.01
CA ASP C 219 -13.44 24.14 6.05
C ASP C 219 -14.83 23.91 5.48
N GLY C 220 -14.93 22.95 4.56
CA GLY C 220 -16.21 22.60 3.96
C GLY C 220 -16.52 23.44 2.72
N ASN C 221 -17.58 23.02 2.04
CA ASN C 221 -18.04 23.68 0.83
C ASN C 221 -16.88 23.91 -0.16
N PRO C 222 -16.20 22.84 -0.58
CA PRO C 222 -15.00 23.04 -1.41
C PRO C 222 -15.31 23.56 -2.80
N PHE C 223 -16.38 23.09 -3.42
CA PHE C 223 -16.60 23.41 -4.83
C PHE C 223 -16.79 24.91 -5.02
N ASP C 224 -17.61 25.54 -4.18
CA ASP C 224 -17.85 26.97 -4.35
C ASP C 224 -16.55 27.74 -4.33
N VAL C 225 -15.71 27.50 -3.32
CA VAL C 225 -14.42 28.17 -3.28
C VAL C 225 -13.58 27.76 -4.48
N ALA C 226 -13.52 26.45 -4.75
CA ALA C 226 -12.67 25.97 -5.83
C ALA C 226 -13.08 26.56 -7.17
N TRP C 227 -14.38 26.55 -7.46
CA TRP C 227 -14.83 27.11 -8.72
C TRP C 227 -14.52 28.61 -8.80
N ALA C 228 -14.76 29.33 -7.70
CA ALA C 228 -14.46 30.76 -7.69
C ALA C 228 -12.99 30.99 -7.99
N ALA C 229 -12.11 30.19 -7.38
CA ALA C 229 -10.68 30.33 -7.66
C ALA C 229 -10.39 30.09 -9.13
N VAL C 230 -11.01 29.07 -9.72
CA VAL C 230 -10.76 28.77 -11.13
C VAL C 230 -11.18 29.94 -12.00
N VAL C 231 -12.38 30.46 -11.76
CA VAL C 231 -12.85 31.60 -12.55
C VAL C 231 -11.98 32.81 -12.29
N ALA C 232 -11.68 33.08 -11.02
CA ALA C 232 -10.86 34.24 -10.69
C ALA C 232 -9.49 34.12 -11.34
N ALA C 233 -8.85 32.96 -11.22
CA ALA C 233 -7.55 32.76 -11.82
C ALA C 233 -7.59 32.90 -13.34
N LEU C 234 -8.58 32.29 -13.97
CA LEU C 234 -8.66 32.38 -15.43
C LEU C 234 -8.84 33.81 -15.89
N ARG C 235 -9.72 34.56 -15.22
CA ARG C 235 -9.86 35.98 -15.55
C ARG C 235 -8.52 36.69 -15.43
N ASP C 236 -7.71 36.32 -14.44
CA ASP C 236 -6.42 36.95 -14.24
C ASP C 236 -5.38 36.46 -15.25
N THR C 237 -5.60 35.29 -15.85
CA THR C 237 -4.58 34.68 -16.69
C THR C 237 -4.14 35.64 -17.78
N LYS C 238 -2.82 35.80 -17.92
CA LYS C 238 -2.21 36.61 -18.96
C LYS C 238 -1.14 35.76 -19.63
N LEU C 239 -1.51 35.05 -20.68
CA LEU C 239 -0.54 34.24 -21.39
C LEU C 239 0.42 35.13 -22.18
N PRO C 240 1.67 34.70 -22.33
CA PRO C 240 2.59 35.47 -23.18
C PRO C 240 2.20 35.35 -24.64
N VAL C 241 2.31 36.46 -25.37
CA VAL C 241 2.04 36.42 -26.80
C VAL C 241 3.06 35.51 -27.45
N ALA C 242 2.57 34.49 -28.15
CA ALA C 242 3.42 33.48 -28.75
C ALA C 242 3.21 33.48 -30.26
N ARG C 243 4.25 33.07 -30.97
CA ARG C 243 4.24 33.09 -32.42
C ARG C 243 5.09 31.94 -32.94
N TRP C 244 4.88 31.58 -34.20
CA TRP C 244 5.66 30.54 -34.83
C TRP C 244 6.95 31.11 -35.39
N ASP C 245 8.07 30.51 -35.02
CA ASP C 245 9.36 30.92 -35.56
C ASP C 245 9.75 29.92 -36.64
N PRO C 246 9.54 30.22 -37.92
CA PRO C 246 9.89 29.24 -38.96
C PRO C 246 11.37 28.92 -39.03
N ASP C 247 12.24 29.84 -38.61
CA ASP C 247 13.67 29.57 -38.62
C ASP C 247 14.07 28.60 -37.52
N ARG C 248 13.58 28.80 -36.30
CA ARG C 248 13.77 27.83 -35.24
C ARG C 248 12.75 26.70 -35.30
N GLU C 249 11.73 26.84 -36.16
CA GLU C 249 10.68 25.83 -36.30
C GLU C 249 10.12 25.45 -34.94
N MET C 250 9.77 26.45 -34.15
CA MET C 250 9.17 26.22 -32.84
C MET C 250 8.38 27.45 -32.45
N VAL C 251 7.46 27.26 -31.50
CA VAL C 251 6.69 28.38 -30.97
C VAL C 251 7.52 29.11 -29.93
N VAL C 252 7.62 30.43 -30.08
CA VAL C 252 8.38 31.27 -29.16
C VAL C 252 7.45 32.35 -28.63
N CYS C 253 7.78 32.85 -27.44
CA CYS C 253 6.92 33.75 -26.70
C CYS C 253 7.64 35.06 -26.39
N SER C 254 6.92 36.17 -26.45
CA SER C 254 7.48 37.45 -26.09
C SER C 254 7.79 37.49 -24.60
N LYS C 255 8.86 38.18 -24.24
CA LYS C 255 9.27 38.24 -22.81
C LYS C 255 8.45 39.32 -22.11
N THR C 256 7.69 40.16 -22.83
CA THR C 256 6.95 41.25 -22.22
C THR C 256 5.48 41.29 -22.62
N GLU C 257 5.19 41.02 -23.89
CA GLU C 257 3.81 41.11 -24.37
C GLU C 257 3.01 39.91 -23.88
N THR C 258 1.80 40.18 -23.39
CA THR C 258 0.92 39.14 -22.87
C THR C 258 -0.49 39.38 -23.36
N MET C 259 -1.18 38.28 -23.68
CA MET C 259 -2.58 38.33 -24.08
C MET C 259 -3.44 37.73 -22.98
N LYS C 260 -4.52 38.42 -22.63
CA LYS C 260 -5.39 38.00 -21.56
C LYS C 260 -6.52 37.14 -22.11
N LEU C 261 -6.93 36.14 -21.32
CA LEU C 261 -8.00 35.25 -21.75
C LEU C 261 -9.32 36.02 -21.81
N THR C 262 -10.09 35.73 -22.85
CA THR C 262 -11.41 36.33 -23.03
C THR C 262 -12.49 35.52 -22.32
N ILE C 263 -12.38 35.42 -21.00
CA ILE C 263 -13.36 34.68 -20.21
C ILE C 263 -14.73 35.30 -20.44
N LYS C 264 -15.68 34.48 -20.88
CA LYS C 264 -17.04 34.94 -21.16
C LYS C 264 -17.97 34.48 -20.04
N GLY C 265 -18.80 35.40 -19.56
CA GLY C 265 -19.67 35.11 -18.45
C GLY C 265 -18.91 35.07 -17.14
N LEU C 266 -19.66 34.85 -16.07
CA LEU C 266 -19.09 34.73 -14.73
C LEU C 266 -19.91 33.74 -13.93
N PRO C 267 -19.82 32.46 -14.26
CA PRO C 267 -20.60 31.46 -13.52
C PRO C 267 -20.08 31.34 -12.10
N ILE C 268 -20.95 31.61 -11.13
CA ILE C 268 -20.61 31.57 -9.71
C ILE C 268 -21.34 30.40 -9.09
N ALA C 269 -20.61 29.57 -8.36
CA ALA C 269 -21.16 28.37 -7.77
C ALA C 269 -21.68 28.68 -6.37
N CYS C 270 -22.92 28.28 -6.10
CA CYS C 270 -23.52 28.40 -4.79
C CYS C 270 -23.92 27.02 -4.29
N SER C 271 -23.70 26.77 -3.01
CA SER C 271 -23.95 25.46 -2.44
C SER C 271 -24.61 25.61 -1.09
N ALA C 272 -25.33 24.56 -0.70
CA ALA C 272 -26.01 24.54 0.60
C ALA C 272 -26.25 23.10 1.00
N ALA C 273 -26.52 22.90 2.28
CA ALA C 273 -26.78 21.58 2.82
C ALA C 273 -28.00 21.64 3.73
N VAL C 274 -28.71 20.53 3.82
CA VAL C 274 -29.92 20.44 4.62
C VAL C 274 -29.59 19.78 5.94
N PHE C 275 -29.99 20.42 7.02
CA PHE C 275 -29.87 19.87 8.36
C PHE C 275 -31.27 19.48 8.84
N LEU C 276 -31.42 18.26 9.33
CA LEU C 276 -32.72 17.70 9.67
C LEU C 276 -32.82 17.44 11.17
N GLU C 277 -33.89 17.96 11.77
CA GLU C 277 -34.22 17.56 13.13
C GLU C 277 -34.59 16.09 13.20
N LYS C 278 -35.10 15.54 12.10
CA LYS C 278 -35.52 14.15 12.03
C LYS C 278 -34.53 13.23 12.72
N LYS C 288 -41.94 17.01 13.19
CA LYS C 288 -42.44 17.72 11.99
C LYS C 288 -41.35 17.76 10.92
N ASN C 289 -40.28 17.00 11.09
CA ASN C 289 -39.21 16.90 10.08
C ASN C 289 -38.68 18.31 9.76
N ARG C 290 -38.46 19.16 10.75
CA ARG C 290 -38.01 20.53 10.42
C ARG C 290 -36.68 20.39 9.71
N HIS C 291 -36.48 21.13 8.63
CA HIS C 291 -35.21 21.09 7.86
C HIS C 291 -34.67 22.51 7.75
N TRP C 292 -33.39 22.73 8.02
CA TRP C 292 -32.75 24.06 7.90
C TRP C 292 -31.80 24.03 6.70
N ILE C 293 -31.86 24.96 5.79
CA ILE C 293 -30.96 25.06 4.64
C ILE C 293 -29.75 25.88 5.06
N LEU C 294 -28.58 25.28 5.01
CA LEU C 294 -27.34 25.90 5.45
C LEU C 294 -26.50 26.25 4.22
N LEU C 295 -26.36 27.55 3.95
CA LEU C 295 -25.52 27.98 2.85
C LEU C 295 -24.05 27.88 3.26
N ASP C 296 -23.20 27.51 2.30
CA ASP C 296 -21.79 27.33 2.57
C ASP C 296 -21.60 26.46 3.81
N PRO C 297 -21.96 25.17 3.70
CA PRO C 297 -21.78 24.26 4.83
C PRO C 297 -20.32 24.19 5.30
N ASP C 298 -20.06 24.44 6.57
CA ASP C 298 -18.72 24.29 7.17
C ASP C 298 -18.37 22.81 7.26
N ARG C 299 -17.10 22.45 7.27
CA ARG C 299 -16.66 21.04 7.37
C ARG C 299 -17.58 20.32 8.35
N LEU C 300 -17.70 20.78 9.58
CA LEU C 300 -18.50 20.08 10.58
C LEU C 300 -19.92 19.85 10.09
N GLU C 301 -20.49 20.88 9.48
CA GLU C 301 -21.88 20.84 9.00
C GLU C 301 -22.04 19.80 7.90
N GLU C 302 -21.04 19.64 7.02
CA GLU C 302 -21.08 18.62 5.99
C GLU C 302 -21.12 17.22 6.59
N SER C 303 -20.40 17.00 7.69
CA SER C 303 -20.41 15.69 8.33
C SER C 303 -21.79 15.33 8.86
N LEU C 304 -22.63 16.32 9.14
CA LEU C 304 -23.95 16.08 9.70
C LEU C 304 -25.06 16.14 8.67
N CYS C 305 -24.86 16.88 7.58
CA CYS C 305 -25.89 17.06 6.56
C CYS C 305 -25.62 16.09 5.42
N LYS C 306 -26.38 14.99 5.37
CA LYS C 306 -26.19 14.03 4.29
C LYS C 306 -26.59 14.61 2.94
N GLU C 307 -27.53 15.55 2.93
CA GLU C 307 -28.06 16.11 1.69
C GLU C 307 -27.41 17.45 1.40
N VAL C 308 -26.93 17.61 0.17
CA VAL C 308 -26.28 18.84 -0.26
C VAL C 308 -26.81 19.22 -1.62
N ILE C 309 -26.81 20.52 -1.90
CA ILE C 309 -27.20 21.03 -3.21
C ILE C 309 -26.14 22.02 -3.68
N THR C 310 -25.82 21.95 -4.96
CA THR C 310 -24.90 22.88 -5.59
C THR C 310 -25.60 23.51 -6.78
N MET C 311 -25.45 24.82 -6.92
CA MET C 311 -26.17 25.58 -7.93
C MET C 311 -25.18 26.57 -8.52
N VAL C 312 -24.89 26.44 -9.81
CA VAL C 312 -24.00 27.34 -10.52
C VAL C 312 -24.85 28.20 -11.44
N VAL C 313 -24.84 29.50 -11.20
CA VAL C 313 -25.67 30.44 -11.94
C VAL C 313 -24.81 31.53 -12.52
N ASP C 314 -25.24 32.06 -13.66
CA ASP C 314 -24.61 33.20 -14.31
C ASP C 314 -25.66 34.27 -14.49
N PHE C 315 -25.34 35.49 -14.06
CA PHE C 315 -26.28 36.61 -14.12
C PHE C 315 -25.77 37.74 -15.01
N SER C 316 -24.70 37.52 -15.76
CA SER C 316 -24.16 38.56 -16.62
C SER C 316 -25.18 39.03 -17.66
N ASP C 317 -26.21 38.24 -17.92
CA ASP C 317 -27.27 38.61 -18.89
C ASP C 317 -28.34 39.41 -18.16
N GLY C 318 -28.29 39.47 -16.84
CA GLY C 318 -29.29 40.17 -16.01
C GLY C 318 -30.47 39.26 -15.77
N GLU C 319 -30.43 38.03 -16.30
CA GLU C 319 -31.46 37.01 -16.02
C GLU C 319 -30.70 35.82 -15.46
N THR C 320 -31.11 35.24 -14.34
CA THR C 320 -30.29 34.16 -13.78
C THR C 320 -30.30 33.06 -14.83
N ARG C 321 -29.16 32.49 -15.15
CA ARG C 321 -29.10 31.32 -16.05
C ARG C 321 -28.44 30.24 -15.22
N ILE C 322 -29.05 29.08 -15.06
CA ILE C 322 -28.45 28.07 -14.18
C ILE C 322 -27.53 27.27 -15.09
N ARG C 323 -26.24 27.27 -14.81
CA ARG C 323 -25.28 26.51 -15.60
C ARG C 323 -25.08 25.09 -15.11
N ALA C 324 -25.48 24.78 -13.88
CA ALA C 324 -25.32 23.44 -13.35
C ALA C 324 -26.06 23.32 -12.03
N ILE C 325 -26.61 22.15 -11.79
CA ILE C 325 -27.26 21.81 -10.53
C ILE C 325 -26.75 20.45 -10.09
N GLU C 326 -26.54 20.28 -8.79
CA GLU C 326 -26.07 18.98 -8.25
C GLU C 326 -26.69 18.75 -6.89
N LYS C 327 -27.89 18.23 -6.85
CA LYS C 327 -28.55 17.87 -5.57
C LYS C 327 -28.33 16.38 -5.37
N GLN C 328 -28.15 15.96 -4.13
CA GLN C 328 -27.88 14.54 -3.84
C GLN C 328 -27.91 14.31 -2.35
N GLY C 329 -28.08 13.07 -1.94
CA GLY C 329 -27.96 12.71 -0.54
C GLY C 329 -29.23 12.83 0.27
N GLY C 330 -30.34 13.27 -0.32
CA GLY C 330 -31.56 13.41 0.44
C GLY C 330 -32.69 13.86 -0.45
N THR C 331 -33.88 13.91 0.16
CA THR C 331 -35.10 14.20 -0.58
C THR C 331 -35.79 15.47 -0.10
N VAL C 332 -35.18 16.23 0.80
CA VAL C 332 -35.81 17.45 1.28
C VAL C 332 -35.89 18.48 0.17
N PHE C 333 -34.87 18.55 -0.69
CA PHE C 333 -34.83 19.55 -1.74
C PHE C 333 -35.72 19.15 -2.91
N GLY C 334 -37.01 19.46 -2.82
CA GLY C 334 -37.92 19.23 -3.91
C GLY C 334 -37.78 20.32 -4.96
N ARG C 335 -38.73 20.32 -5.90
CA ARG C 335 -38.74 21.33 -6.98
C ARG C 335 -38.94 22.70 -6.36
N GLU C 336 -39.76 22.82 -5.32
CA GLU C 336 -40.02 24.13 -4.72
C GLU C 336 -38.74 24.74 -4.15
N LEU C 337 -38.02 23.99 -3.30
CA LEU C 337 -36.81 24.54 -2.72
C LEU C 337 -35.78 24.86 -3.78
N ILE C 338 -35.63 23.97 -4.77
CA ILE C 338 -34.65 24.23 -5.83
C ILE C 338 -35.03 25.48 -6.59
N ARG C 339 -36.31 25.66 -6.91
CA ARG C 339 -36.73 26.91 -7.52
C ARG C 339 -36.44 28.09 -6.60
N SER C 340 -36.70 27.94 -5.31
CA SER C 340 -36.36 28.98 -4.36
C SER C 340 -34.85 29.19 -4.30
N PHE C 341 -34.09 28.11 -4.34
CA PHE C 341 -32.64 28.23 -4.20
C PHE C 341 -32.04 29.01 -5.36
N ALA C 342 -32.62 28.92 -6.55
CA ALA C 342 -32.10 29.69 -7.67
C ALA C 342 -32.04 31.17 -7.34
N LEU C 343 -32.98 31.66 -6.53
CA LEU C 343 -32.89 33.04 -6.06
C LEU C 343 -31.72 33.21 -5.10
N VAL C 344 -31.55 32.25 -4.19
CA VAL C 344 -30.42 32.32 -3.25
C VAL C 344 -29.10 32.34 -4.00
N ALA C 345 -28.98 31.48 -5.02
CA ALA C 345 -27.75 31.49 -5.80
C ALA C 345 -27.56 32.81 -6.51
N GLU C 346 -28.63 33.41 -7.02
CA GLU C 346 -28.49 34.70 -7.67
C GLU C 346 -27.98 35.75 -6.70
N ASP C 347 -28.48 35.74 -5.46
CA ASP C 347 -27.95 36.64 -4.44
C ASP C 347 -26.48 36.36 -4.19
N ARG C 348 -26.11 35.09 -4.11
CA ARG C 348 -24.70 34.74 -3.94
C ARG C 348 -23.88 35.21 -5.11
N TRP C 349 -24.42 35.12 -6.33
CA TRP C 349 -23.72 35.63 -7.50
C TRP C 349 -23.47 37.14 -7.37
N LYS C 350 -24.48 37.87 -6.91
CA LYS C 350 -24.35 39.32 -6.80
C LYS C 350 -23.23 39.70 -5.85
N VAL C 351 -23.18 39.06 -4.68
CA VAL C 351 -22.15 39.42 -3.71
C VAL C 351 -20.77 39.01 -4.20
N VAL C 352 -20.66 37.81 -4.78
CA VAL C 352 -19.36 37.36 -5.28
C VAL C 352 -18.92 38.22 -6.45
N LYS C 353 -19.86 38.65 -7.29
CA LYS C 353 -19.52 39.54 -8.40
C LYS C 353 -18.76 40.76 -7.89
N GLU C 354 -19.12 41.26 -6.71
CA GLU C 354 -18.46 42.44 -6.16
C GLU C 354 -17.07 42.12 -5.61
N VAL C 355 -16.74 40.85 -5.44
CA VAL C 355 -15.40 40.46 -4.99
C VAL C 355 -14.50 40.14 -6.17
N MET C 356 -15.02 39.39 -7.15
CA MET C 356 -14.26 39.04 -8.35
C MET C 356 -14.43 40.14 -9.39
N LYS C 357 -13.95 41.33 -9.02
CA LYS C 357 -14.00 42.48 -9.92
C LYS C 357 -13.33 42.16 -11.24
N THR D 3 -32.72 -3.18 -26.98
CA THR D 3 -31.32 -2.81 -26.59
C THR D 3 -30.92 -1.46 -27.15
N THR D 4 -30.96 -1.33 -28.48
CA THR D 4 -30.46 -0.15 -29.15
C THR D 4 -31.27 1.09 -28.79
N THR D 5 -30.80 2.25 -29.27
CA THR D 5 -31.39 3.52 -28.88
C THR D 5 -32.83 3.67 -29.34
N ALA D 6 -33.20 3.01 -30.44
CA ALA D 6 -34.52 3.24 -31.02
C ALA D 6 -35.65 2.59 -30.24
N THR D 7 -35.35 1.63 -29.37
CA THR D 7 -36.38 0.87 -28.69
C THR D 7 -36.87 1.65 -27.47
N THR D 8 -38.18 1.88 -27.41
CA THR D 8 -38.77 2.58 -26.28
C THR D 8 -38.78 1.72 -25.03
N ALA D 9 -38.93 0.42 -25.18
CA ALA D 9 -39.15 -0.45 -24.02
C ALA D 9 -37.84 -0.74 -23.32
N PRO D 10 -37.73 -0.48 -22.02
CA PRO D 10 -36.56 -0.96 -21.27
C PRO D 10 -36.58 -2.47 -21.19
N GLU D 11 -35.38 -3.06 -21.15
CA GLU D 11 -35.22 -4.50 -21.05
C GLU D 11 -34.26 -4.80 -19.92
N ALA D 12 -34.65 -5.73 -19.04
CA ALA D 12 -33.87 -6.01 -17.86
C ALA D 12 -33.95 -7.48 -17.51
N ALA D 13 -32.98 -7.94 -16.74
CA ALA D 13 -32.93 -9.32 -16.25
C ALA D 13 -32.40 -9.21 -14.83
N LEU D 14 -32.62 -10.20 -13.99
CA LEU D 14 -32.07 -10.20 -12.61
C LEU D 14 -31.45 -11.57 -12.38
N GLY D 15 -30.43 -11.67 -11.53
CA GLY D 15 -29.70 -12.94 -11.35
C GLY D 15 -28.83 -13.22 -12.55
N VAL D 16 -28.57 -12.20 -13.37
CA VAL D 16 -27.72 -12.34 -14.57
C VAL D 16 -26.42 -13.00 -14.15
N LEU D 17 -25.75 -12.46 -13.13
CA LEU D 17 -24.49 -13.04 -12.60
C LEU D 17 -24.83 -13.94 -11.41
N PRO D 18 -24.64 -15.27 -11.51
CA PRO D 18 -25.03 -16.18 -10.43
C PRO D 18 -24.32 -16.06 -9.09
N ARG D 19 -23.01 -15.88 -9.09
CA ARG D 19 -22.20 -15.88 -7.84
C ARG D 19 -22.63 -14.72 -6.95
N ALA D 20 -22.89 -13.55 -7.52
CA ALA D 20 -23.22 -12.32 -6.76
C ALA D 20 -24.44 -12.53 -5.88
N ASP D 21 -24.51 -11.81 -4.77
CA ASP D 21 -25.68 -11.87 -3.90
C ASP D 21 -26.93 -11.46 -4.66
N GLY D 22 -26.88 -10.29 -5.29
CA GLY D 22 -27.90 -9.91 -6.26
C GLY D 22 -27.23 -9.28 -7.46
N SER D 23 -27.95 -9.32 -8.58
CA SER D 23 -27.40 -8.79 -9.82
C SER D 23 -28.54 -8.50 -10.77
N ALA D 24 -28.24 -7.68 -11.76
CA ALA D 24 -29.23 -7.32 -12.76
C ALA D 24 -28.53 -6.81 -14.01
N ARG D 25 -29.09 -7.11 -15.17
CA ARG D 25 -28.58 -6.57 -16.46
C ARG D 25 -29.70 -5.76 -17.05
N TYR D 26 -29.51 -4.49 -17.23
CA TYR D 26 -30.53 -3.53 -17.64
C TYR D 26 -30.02 -2.79 -18.87
N SER D 27 -30.89 -2.66 -19.87
CA SER D 27 -30.54 -1.94 -21.08
C SER D 27 -31.71 -1.08 -21.51
N HIS D 28 -31.42 0.16 -21.88
CA HIS D 28 -32.45 1.08 -22.32
C HIS D 28 -31.79 2.19 -23.11
N ALA D 29 -32.48 2.65 -24.16
CA ALA D 29 -32.00 3.75 -24.97
C ALA D 29 -30.56 3.54 -25.43
N GLY D 30 -30.21 2.29 -25.72
CA GLY D 30 -28.90 1.97 -26.24
C GLY D 30 -27.83 1.73 -25.19
N TYR D 31 -28.12 1.97 -23.92
CA TYR D 31 -27.15 1.79 -22.82
C TYR D 31 -27.42 0.49 -22.08
N THR D 32 -26.45 -0.40 -21.95
CA THR D 32 -26.61 -1.66 -21.17
C THR D 32 -25.64 -1.61 -20.00
N VAL D 33 -26.08 -1.90 -18.79
CA VAL D 33 -25.17 -1.94 -17.61
C VAL D 33 -25.53 -3.19 -16.83
N THR D 34 -24.55 -3.90 -16.29
CA THR D 34 -24.75 -5.12 -15.49
C THR D 34 -24.26 -4.81 -14.10
N ALA D 35 -25.11 -4.92 -13.10
CA ALA D 35 -24.76 -4.50 -11.73
C ALA D 35 -24.76 -5.68 -10.79
N SER D 36 -23.74 -5.81 -9.97
CA SER D 36 -23.65 -6.87 -8.96
C SER D 36 -23.71 -6.23 -7.59
N VAL D 37 -24.56 -6.70 -6.72
CA VAL D 37 -24.72 -6.13 -5.36
C VAL D 37 -24.32 -7.22 -4.41
N ASN D 38 -23.50 -6.91 -3.42
CA ASN D 38 -23.11 -7.89 -2.39
C ASN D 38 -23.81 -7.45 -1.12
N GLY D 39 -24.45 -8.37 -0.43
CA GLY D 39 -25.28 -8.10 0.75
C GLY D 39 -24.39 -7.74 1.86
N PRO D 40 -24.88 -7.30 3.02
CA PRO D 40 -23.98 -6.74 3.96
C PRO D 40 -22.88 -7.77 4.17
N ILE D 41 -21.63 -7.31 4.14
CA ILE D 41 -20.43 -8.19 4.26
C ILE D 41 -19.45 -7.49 5.20
N GLU D 42 -18.27 -8.06 5.43
CA GLU D 42 -17.25 -7.42 6.25
C GLU D 42 -16.78 -6.13 5.61
N ALA D 43 -16.97 -5.02 6.33
CA ALA D 43 -16.45 -3.75 5.86
C ALA D 43 -14.97 -3.65 6.20
N GLN D 44 -14.17 -3.24 5.22
CA GLN D 44 -12.78 -2.94 5.49
C GLN D 44 -12.71 -1.82 6.52
N ARG D 45 -11.88 -2.01 7.56
CA ARG D 45 -11.93 -1.14 8.73
C ARG D 45 -11.99 0.34 8.35
N ARG D 46 -11.47 0.71 7.18
CA ARG D 46 -11.50 2.10 6.75
C ARG D 46 -12.91 2.67 6.81
N ASP D 47 -13.91 1.91 6.36
CA ASP D 47 -15.28 2.42 6.24
C ASP D 47 -16.25 1.70 7.18
N GLU D 48 -15.77 1.22 8.33
CA GLU D 48 -16.64 0.55 9.30
C GLU D 48 -17.29 1.61 10.18
N HIS D 49 -18.35 2.23 9.65
CA HIS D 49 -19.08 3.21 10.44
C HIS D 49 -19.72 2.53 11.64
N PRO D 50 -19.77 3.21 12.79
CA PRO D 50 -20.36 2.56 13.97
C PRO D 50 -21.87 2.41 13.89
N TYR D 51 -22.55 3.29 13.16
CA TYR D 51 -24.00 3.30 13.17
C TYR D 51 -24.62 2.51 12.02
N GLU D 52 -24.08 2.66 10.81
CA GLU D 52 -24.79 2.25 9.61
C GLU D 52 -23.84 1.56 8.65
N ALA D 53 -24.43 0.75 7.77
CA ALA D 53 -23.64 0.05 6.76
C ALA D 53 -23.03 1.03 5.79
N HIS D 54 -21.81 0.76 5.37
CA HIS D 54 -21.20 1.56 4.32
C HIS D 54 -21.63 1.06 2.95
N VAL D 55 -22.07 1.97 2.10
CA VAL D 55 -22.47 1.66 0.74
C VAL D 55 -21.34 2.07 -0.18
N ASP D 56 -20.84 1.11 -0.96
CA ASP D 56 -19.66 1.30 -1.79
C ASP D 56 -20.04 1.04 -3.23
N VAL D 57 -20.41 2.09 -3.95
CA VAL D 57 -20.74 1.97 -5.37
C VAL D 57 -19.45 2.02 -6.17
N ILE D 58 -19.31 1.09 -7.11
CA ILE D 58 -18.17 1.04 -8.02
C ILE D 58 -18.70 1.03 -9.44
N VAL D 59 -18.17 1.92 -10.27
CA VAL D 59 -18.60 2.05 -11.66
C VAL D 59 -17.41 1.75 -12.55
N ARG D 60 -17.61 0.86 -13.52
CA ARG D 60 -16.58 0.48 -14.45
C ARG D 60 -17.03 0.81 -15.87
N PRO D 61 -16.32 1.65 -16.61
CA PRO D 61 -16.77 2.00 -17.96
C PRO D 61 -16.62 0.82 -18.91
N ALA D 62 -17.36 0.89 -20.01
CA ALA D 62 -17.29 -0.18 -21.00
C ALA D 62 -15.86 -0.35 -21.51
N ALA D 63 -15.13 0.73 -21.66
CA ALA D 63 -13.76 0.67 -22.14
C ALA D 63 -12.94 1.71 -21.41
N GLY D 64 -11.62 1.49 -21.40
CA GLY D 64 -10.73 2.36 -20.67
C GLY D 64 -10.81 2.13 -19.18
N VAL D 65 -9.87 2.70 -18.44
CA VAL D 65 -9.88 2.58 -16.99
C VAL D 65 -10.77 3.66 -16.40
N GLY D 66 -11.41 3.33 -15.28
CA GLY D 66 -12.29 4.28 -14.63
C GLY D 66 -11.51 5.48 -14.14
N GLY D 67 -11.73 6.64 -14.74
CA GLY D 67 -11.05 7.86 -14.38
C GLY D 67 -11.81 8.63 -13.33
N THR D 68 -11.58 9.95 -13.30
CA THR D 68 -12.29 10.80 -12.36
C THR D 68 -13.79 10.75 -12.61
N ARG D 69 -14.19 10.73 -13.88
CA ARG D 69 -15.61 10.67 -14.22
C ARG D 69 -16.32 9.62 -13.37
N GLU D 70 -15.80 8.39 -13.38
CA GLU D 70 -16.44 7.33 -12.62
C GLU D 70 -16.45 7.65 -11.14
N ARG D 71 -15.34 8.21 -10.62
CA ARG D 71 -15.31 8.55 -9.21
C ARG D 71 -16.47 9.45 -8.83
N HIS D 72 -16.88 10.34 -9.75
CA HIS D 72 -18.04 11.18 -9.49
C HIS D 72 -19.31 10.35 -9.50
N LEU D 73 -19.50 9.53 -10.53
CA LEU D 73 -20.68 8.67 -10.60
C LEU D 73 -20.82 7.83 -9.34
N GLU D 74 -19.71 7.29 -8.87
CA GLU D 74 -19.76 6.49 -7.64
C GLU D 74 -20.25 7.33 -6.47
N SER D 75 -19.76 8.57 -6.35
CA SER D 75 -20.21 9.44 -5.28
C SER D 75 -21.68 9.78 -5.45
N ILE D 76 -22.10 10.10 -6.68
CA ILE D 76 -23.50 10.42 -6.93
C ILE D 76 -24.39 9.27 -6.52
N LEU D 77 -24.07 8.07 -6.98
CA LEU D 77 -24.90 6.92 -6.67
C LEU D 77 -24.73 6.49 -5.22
N GLN D 78 -23.52 6.62 -4.68
CA GLN D 78 -23.30 6.24 -3.29
C GLN D 78 -24.13 7.08 -2.35
N SER D 79 -24.15 8.40 -2.57
CA SER D 79 -24.94 9.27 -1.70
C SER D 79 -26.42 8.99 -1.84
N SER D 80 -26.91 8.80 -3.07
CA SER D 80 -28.33 8.57 -3.25
C SER D 80 -28.75 7.22 -2.69
N PHE D 81 -28.03 6.15 -3.02
CA PHE D 81 -28.44 4.84 -2.54
C PHE D 81 -28.31 4.73 -1.04
N ALA D 82 -27.30 5.38 -0.44
CA ALA D 82 -27.25 5.43 1.01
C ALA D 82 -28.50 6.06 1.59
N GLN D 83 -29.16 6.93 0.83
CA GLN D 83 -30.45 7.47 1.25
C GLN D 83 -31.60 6.50 1.00
N ILE D 84 -31.41 5.53 0.12
CA ILE D 84 -32.44 4.54 -0.18
C ILE D 84 -32.31 3.31 0.70
N ILE D 85 -31.10 2.77 0.80
CA ILE D 85 -30.89 1.55 1.57
C ILE D 85 -31.13 1.81 3.05
N LEU D 86 -31.62 0.80 3.75
CA LEU D 86 -31.77 0.88 5.21
C LEU D 86 -30.43 0.56 5.87
N VAL D 87 -29.47 1.47 5.66
CA VAL D 87 -28.10 1.24 6.12
C VAL D 87 -28.06 1.03 7.62
N LYS D 88 -29.03 1.56 8.35
CA LYS D 88 -29.03 1.40 9.80
C LYS D 88 -29.16 -0.05 10.21
N SER D 89 -29.68 -0.90 9.31
CA SER D 89 -29.95 -2.29 9.67
C SER D 89 -28.69 -3.14 9.74
N PHE D 90 -27.60 -2.70 9.14
CA PHE D 90 -26.34 -3.46 9.14
C PHE D 90 -25.22 -2.53 9.59
N PRO D 91 -25.19 -2.19 10.88
CA PRO D 91 -24.28 -1.15 11.36
C PRO D 91 -22.85 -1.23 10.83
N ARG D 92 -22.17 -2.34 11.03
CA ARG D 92 -20.72 -2.40 10.68
C ARG D 92 -20.50 -3.06 9.32
N SER D 93 -21.55 -3.46 8.62
CA SER D 93 -21.37 -4.18 7.38
C SER D 93 -21.06 -3.23 6.23
N LEU D 94 -20.80 -3.84 5.07
CA LEU D 94 -20.54 -3.11 3.83
C LEU D 94 -21.45 -3.65 2.74
N ILE D 95 -21.83 -2.79 1.81
CA ILE D 95 -22.67 -3.17 0.68
C ILE D 95 -21.95 -2.77 -0.61
N GLN D 96 -21.50 -3.76 -1.37
CA GLN D 96 -20.84 -3.52 -2.63
C GLN D 96 -21.89 -3.40 -3.74
N ILE D 97 -21.74 -2.37 -4.57
CA ILE D 97 -22.59 -2.21 -5.74
C ILE D 97 -21.70 -1.91 -6.93
N VAL D 98 -21.28 -2.94 -7.65
CA VAL D 98 -20.41 -2.78 -8.79
C VAL D 98 -21.25 -2.68 -10.04
N LEU D 99 -21.09 -1.58 -10.78
CA LEU D 99 -21.84 -1.34 -12.00
C LEU D 99 -20.88 -1.40 -13.19
N GLN D 100 -21.19 -2.25 -14.14
CA GLN D 100 -20.37 -2.46 -15.32
C GLN D 100 -21.14 -2.00 -16.55
N VAL D 101 -20.67 -0.93 -17.18
CA VAL D 101 -21.31 -0.42 -18.38
C VAL D 101 -20.93 -1.33 -19.55
N GLU D 102 -21.86 -2.14 -20.00
CA GLU D 102 -21.57 -3.10 -21.09
C GLU D 102 -21.70 -2.41 -22.45
N GLU D 103 -22.52 -1.37 -22.57
CA GLU D 103 -22.76 -0.77 -23.87
C GLU D 103 -23.32 0.62 -23.68
N SER D 104 -22.92 1.52 -24.57
CA SER D 104 -23.52 2.84 -24.70
C SER D 104 -23.57 3.17 -26.18
N PRO D 105 -24.52 4.00 -26.60
CA PRO D 105 -24.61 4.32 -28.03
C PRO D 105 -23.31 4.96 -28.52
N GLU D 106 -22.70 4.34 -29.51
CA GLU D 106 -21.44 4.84 -30.03
C GLU D 106 -21.70 6.12 -30.81
N ASN D 107 -21.05 7.21 -30.38
CA ASN D 107 -21.19 8.49 -31.05
C ASN D 107 -20.45 8.40 -32.38
N GLU D 108 -21.20 8.27 -33.46
CA GLU D 108 -20.58 8.09 -34.77
C GLU D 108 -19.80 9.31 -35.20
N TYR D 109 -20.01 10.46 -34.56
CA TYR D 109 -19.43 11.72 -34.98
C TYR D 109 -18.20 12.11 -34.18
N VAL D 110 -17.68 11.22 -33.34
CA VAL D 110 -16.47 11.49 -32.57
C VAL D 110 -15.61 10.24 -32.54
N ASN D 111 -14.30 10.45 -32.62
CA ASN D 111 -13.37 9.34 -32.47
C ASN D 111 -13.30 8.91 -31.03
N THR D 112 -13.03 7.63 -30.82
CA THR D 112 -13.03 7.08 -29.47
C THR D 112 -12.05 7.84 -28.58
N LYS D 113 -12.49 8.22 -27.40
CA LYS D 113 -11.63 8.86 -26.39
C LYS D 113 -11.99 8.14 -25.10
N LEU D 114 -11.06 7.46 -24.46
CA LEU D 114 -11.33 6.67 -23.26
C LEU D 114 -11.06 7.44 -21.98
N VAL D 115 -10.13 8.40 -22.01
CA VAL D 115 -9.74 9.11 -20.79
C VAL D 115 -10.60 10.34 -20.52
N GLN D 116 -11.67 10.55 -21.28
CA GLN D 116 -12.48 11.74 -21.09
C GLN D 116 -12.99 11.83 -19.66
N ALA D 117 -12.89 13.01 -19.07
CA ALA D 117 -13.19 13.23 -17.66
C ALA D 117 -14.45 14.05 -17.43
N SER D 118 -15.17 14.42 -18.49
CA SER D 118 -16.39 15.17 -18.34
C SER D 118 -17.49 14.31 -17.75
N LEU D 119 -18.37 14.94 -16.96
CA LEU D 119 -19.54 14.25 -16.46
C LEU D 119 -20.37 13.72 -17.63
N ASN D 120 -20.81 12.47 -17.52
CA ASN D 120 -21.62 11.83 -18.54
C ASN D 120 -23.01 11.58 -17.93
N PHE D 121 -23.84 12.60 -17.99
CA PHE D 121 -25.23 12.48 -17.55
C PHE D 121 -25.90 11.39 -18.35
N ALA D 122 -25.49 11.26 -19.62
CA ALA D 122 -26.07 10.25 -20.50
C ALA D 122 -26.24 8.91 -19.82
N VAL D 123 -25.23 8.47 -19.07
CA VAL D 123 -25.21 7.12 -18.53
C VAL D 123 -25.77 7.04 -17.12
N MET D 124 -25.96 8.16 -16.44
CA MET D 124 -26.46 8.12 -15.07
C MET D 124 -27.77 7.37 -14.91
N PRO D 125 -28.79 7.58 -15.74
CA PRO D 125 -30.03 6.82 -15.53
C PRO D 125 -29.84 5.33 -15.66
N ALA D 126 -29.12 4.87 -16.68
CA ALA D 126 -28.91 3.43 -16.83
C ALA D 126 -28.20 2.86 -15.61
N LEU D 127 -27.18 3.55 -15.12
CA LEU D 127 -26.48 3.09 -13.92
C LEU D 127 -27.43 3.04 -12.73
N PHE D 128 -28.23 4.08 -12.55
CA PHE D 128 -29.13 4.13 -11.40
C PHE D 128 -30.16 3.01 -11.48
N GLN D 129 -30.77 2.81 -12.65
CA GLN D 129 -31.78 1.76 -12.77
C GLN D 129 -31.19 0.39 -12.49
N THR D 130 -30.05 0.08 -13.10
CA THR D 130 -29.44 -1.22 -12.91
C THR D 130 -29.08 -1.44 -11.44
N ALA D 131 -28.52 -0.42 -10.80
CA ALA D 131 -28.20 -0.52 -9.38
C ALA D 131 -29.47 -0.76 -8.57
N MET D 132 -30.55 -0.06 -8.92
CA MET D 132 -31.81 -0.26 -8.22
C MET D 132 -32.30 -1.68 -8.38
N LEU D 133 -32.26 -2.20 -9.61
CA LEU D 133 -32.69 -3.58 -9.84
C LEU D 133 -31.82 -4.56 -9.06
N ALA D 134 -30.50 -4.37 -9.10
CA ALA D 134 -29.62 -5.27 -8.39
C ALA D 134 -29.91 -5.26 -6.89
N LEU D 135 -30.13 -4.07 -6.32
CA LEU D 135 -30.47 -4.01 -4.90
C LEU D 135 -31.75 -4.77 -4.60
N LEU D 136 -32.76 -4.60 -5.45
CA LEU D 136 -33.99 -5.37 -5.27
C LEU D 136 -33.73 -6.85 -5.41
N SER D 137 -32.90 -7.24 -6.39
CA SER D 137 -32.56 -8.65 -6.54
C SER D 137 -31.83 -9.17 -5.32
N ALA D 138 -30.87 -8.39 -4.79
CA ALA D 138 -30.10 -8.84 -3.64
C ALA D 138 -30.94 -8.91 -2.38
N GLY D 139 -32.15 -8.34 -2.39
CA GLY D 139 -32.97 -8.33 -1.20
C GLY D 139 -32.44 -7.43 -0.12
N VAL D 140 -31.57 -6.49 -0.47
CA VAL D 140 -31.08 -5.53 0.53
C VAL D 140 -32.27 -4.72 1.05
N PRO D 141 -32.47 -4.59 2.36
CA PRO D 141 -33.59 -3.78 2.84
C PRO D 141 -33.44 -2.34 2.39
N MET D 142 -34.55 -1.73 1.99
CA MET D 142 -34.53 -0.37 1.50
C MET D 142 -35.77 0.36 1.98
N ARG D 143 -35.63 1.68 2.14
CA ARG D 143 -36.79 2.51 2.48
C ARG D 143 -37.74 2.66 1.31
N ALA D 144 -37.22 2.68 0.08
CA ALA D 144 -38.06 2.91 -1.07
C ALA D 144 -37.26 2.60 -2.33
N THR D 145 -37.98 2.32 -3.42
CA THR D 145 -37.34 2.20 -4.70
C THR D 145 -37.15 3.59 -5.31
N ALA D 146 -36.32 3.65 -6.34
CA ALA D 146 -36.00 4.92 -6.99
C ALA D 146 -35.74 4.68 -8.47
N THR D 147 -36.12 5.65 -9.28
CA THR D 147 -35.97 5.55 -10.73
C THR D 147 -35.37 6.84 -11.26
N ALA D 148 -34.45 6.72 -12.20
CA ALA D 148 -33.73 7.86 -12.74
C ALA D 148 -34.04 8.03 -14.21
N THR D 149 -34.08 9.29 -14.65
CA THR D 149 -34.38 9.64 -16.03
C THR D 149 -33.47 10.78 -16.44
N ALA D 150 -33.10 10.80 -17.71
CA ALA D 150 -32.25 11.85 -18.27
C ALA D 150 -32.99 12.62 -19.34
N ILE D 151 -32.96 13.94 -19.22
CA ILE D 151 -33.62 14.85 -20.16
C ILE D 151 -32.56 15.75 -20.77
N ALA D 152 -32.51 15.78 -22.09
CA ALA D 152 -31.65 16.72 -22.80
C ALA D 152 -32.51 17.77 -23.49
N LEU D 153 -32.31 19.02 -23.11
CA LEU D 153 -33.11 20.12 -23.65
C LEU D 153 -32.42 20.66 -24.90
N ALA D 154 -32.59 19.94 -26.01
CA ALA D 154 -32.10 20.44 -27.27
C ALA D 154 -32.93 21.63 -27.72
N SER D 155 -32.30 22.52 -28.48
CA SER D 155 -32.97 23.69 -29.04
C SER D 155 -32.82 23.65 -30.54
N GLU D 156 -33.95 23.64 -31.25
CA GLU D 156 -33.95 23.56 -32.70
C GLU D 156 -34.76 24.73 -33.24
N ASN D 157 -34.18 25.47 -34.16
CA ASN D 157 -34.81 26.68 -34.67
C ASN D 157 -35.20 27.57 -33.50
N GLY D 158 -36.47 27.95 -33.42
CA GLY D 158 -36.96 28.78 -32.34
C GLY D 158 -37.63 28.04 -31.21
N ALA D 159 -37.50 26.71 -31.16
CA ALA D 159 -38.19 25.89 -30.17
C ALA D 159 -37.19 25.07 -29.37
N THR D 160 -37.57 24.75 -28.14
CA THR D 160 -36.80 23.86 -27.28
C THR D 160 -37.44 22.48 -27.31
N LYS D 161 -36.60 21.46 -27.48
CA LYS D 161 -37.05 20.09 -27.69
C LYS D 161 -36.53 19.23 -26.55
N THR D 162 -37.44 18.55 -25.86
CA THR D 162 -37.04 17.63 -24.81
C THR D 162 -36.69 16.27 -25.41
N LEU D 163 -35.49 15.78 -25.11
CA LEU D 163 -35.06 14.45 -25.49
C LEU D 163 -34.92 13.62 -24.22
N ILE D 164 -35.68 12.53 -24.15
CA ILE D 164 -35.75 11.71 -22.94
C ILE D 164 -34.81 10.53 -23.12
N ASP D 165 -33.99 10.29 -22.11
CA ASP D 165 -32.94 9.26 -22.19
C ASP D 165 -32.13 9.43 -23.47
N PRO D 166 -31.43 10.55 -23.62
CA PRO D 166 -30.74 10.84 -24.88
C PRO D 166 -29.47 10.02 -25.03
N SER D 167 -29.03 9.89 -26.28
CA SER D 167 -27.73 9.31 -26.55
C SER D 167 -26.65 10.32 -26.20
N PRO D 168 -25.42 9.85 -25.94
CA PRO D 168 -24.36 10.80 -25.59
C PRO D 168 -24.13 11.82 -26.68
N ARG D 169 -24.33 11.45 -27.95
CA ARG D 169 -24.24 12.42 -29.03
C ARG D 169 -25.30 13.51 -28.87
N GLN D 170 -26.52 13.12 -28.50
CA GLN D 170 -27.55 14.12 -28.25
C GLN D 170 -27.18 14.99 -27.06
N VAL D 171 -26.56 14.40 -26.04
CA VAL D 171 -26.19 15.17 -24.86
C VAL D 171 -25.20 16.26 -25.21
N GLU D 172 -24.16 15.95 -25.97
CA GLU D 172 -23.17 16.96 -26.30
C GLU D 172 -23.75 18.03 -27.21
N LEU D 173 -24.71 17.67 -28.06
CA LEU D 173 -25.40 18.65 -28.89
C LEU D 173 -26.48 19.40 -28.13
N ALA D 174 -26.90 18.90 -26.98
CA ALA D 174 -27.99 19.51 -26.25
C ALA D 174 -27.58 20.84 -25.64
N GLN D 175 -28.52 21.77 -25.58
CA GLN D 175 -28.27 23.03 -24.89
C GLN D 175 -28.05 22.79 -23.40
N SER D 176 -28.83 21.87 -22.81
CA SER D 176 -28.64 21.48 -21.43
C SER D 176 -29.14 20.06 -21.27
N VAL D 177 -28.61 19.38 -20.24
CA VAL D 177 -28.98 18.01 -19.94
C VAL D 177 -29.27 17.91 -18.45
N HIS D 178 -30.29 17.13 -18.10
CA HIS D 178 -30.75 17.00 -16.73
C HIS D 178 -30.96 15.54 -16.39
N VAL D 179 -30.70 15.19 -15.14
CA VAL D 179 -30.88 13.84 -14.63
C VAL D 179 -31.65 13.92 -13.32
N PHE D 180 -32.86 13.40 -13.31
CA PHE D 180 -33.69 13.39 -12.12
C PHE D 180 -33.88 11.95 -11.65
N ALA D 181 -33.76 11.72 -10.35
CA ALA D 181 -33.97 10.41 -9.75
C ALA D 181 -35.03 10.56 -8.68
N PHE D 182 -36.26 10.12 -8.99
CA PHE D 182 -37.37 10.27 -8.07
C PHE D 182 -37.57 9.00 -7.27
N THR D 183 -37.71 9.15 -5.95
CA THR D 183 -37.99 8.01 -5.11
C THR D 183 -39.42 7.54 -5.35
N SER D 184 -39.71 6.31 -4.92
CA SER D 184 -41.05 5.78 -5.08
C SER D 184 -42.09 6.69 -4.45
N GLN D 185 -41.71 7.43 -3.40
CA GLN D 185 -42.59 8.43 -2.82
C GLN D 185 -42.71 9.69 -3.68
N ASP D 186 -42.16 9.67 -4.90
CA ASP D 186 -42.27 10.80 -5.82
C ASP D 186 -41.36 11.94 -5.39
N GLU D 187 -40.60 11.74 -4.34
CA GLU D 187 -39.62 12.73 -3.93
C GLU D 187 -38.44 12.71 -4.89
N LEU D 188 -37.71 13.81 -4.94
CA LEU D 188 -36.53 13.92 -5.78
C LEU D 188 -35.30 13.45 -5.01
N LEU D 189 -34.47 12.64 -5.66
CA LEU D 189 -33.28 12.08 -5.03
C LEU D 189 -31.99 12.58 -5.65
N LEU D 190 -31.94 12.70 -6.97
CA LEU D 190 -30.81 13.31 -7.66
C LEU D 190 -31.34 14.32 -8.66
N ALA D 191 -30.57 15.38 -8.88
CA ALA D 191 -31.00 16.43 -9.79
C ALA D 191 -29.87 16.95 -10.67
N GLU D 192 -28.83 16.15 -10.88
CA GLU D 192 -27.65 16.59 -11.65
C GLU D 192 -28.06 17.20 -12.98
N SER D 193 -27.59 18.39 -13.33
CA SER D 193 -27.92 19.09 -14.57
C SER D 193 -26.71 19.91 -15.01
N GLU D 194 -26.67 20.23 -16.30
CA GLU D 194 -25.56 20.99 -16.84
C GLU D 194 -26.00 21.70 -18.11
N GLY D 195 -25.23 22.72 -18.48
CA GLY D 195 -25.59 23.59 -19.58
C GLY D 195 -26.40 24.78 -19.13
N ASP D 196 -26.58 25.73 -20.03
CA ASP D 196 -27.33 26.93 -19.71
C ASP D 196 -28.82 26.63 -19.79
N PHE D 197 -29.55 26.97 -18.72
CA PHE D 197 -30.98 26.79 -18.70
C PHE D 197 -31.58 27.64 -17.60
N THR D 198 -32.76 28.17 -17.86
CA THR D 198 -33.49 28.90 -16.84
C THR D 198 -34.12 27.93 -15.85
N ILE D 199 -34.45 28.45 -14.67
CA ILE D 199 -35.11 27.62 -13.67
C ILE D 199 -36.45 27.14 -14.20
N LYS D 200 -37.09 27.92 -15.07
CA LYS D 200 -38.32 27.46 -15.71
C LYS D 200 -38.06 26.25 -16.57
N GLU D 201 -36.98 26.27 -17.36
CA GLU D 201 -36.66 25.11 -18.18
C GLU D 201 -36.39 23.88 -17.32
N TRP D 202 -35.64 24.05 -16.24
CA TRP D 202 -35.38 22.92 -15.35
C TRP D 202 -36.69 22.38 -14.79
N ASP D 203 -37.53 23.25 -14.25
CA ASP D 203 -38.80 22.80 -13.71
C ASP D 203 -39.64 22.12 -14.77
N ALA D 204 -39.62 22.63 -16.00
CA ALA D 204 -40.32 21.95 -17.07
C ALA D 204 -39.76 20.56 -17.30
N ALA D 205 -38.43 20.42 -17.29
CA ALA D 205 -37.83 19.10 -17.43
C ALA D 205 -38.18 18.23 -16.23
N TYR D 206 -38.20 18.81 -15.03
CA TYR D 206 -38.62 18.06 -13.85
C TYR D 206 -39.97 17.41 -14.07
N GLU D 207 -40.90 18.15 -14.67
CA GLU D 207 -42.21 17.58 -14.97
C GLU D 207 -42.09 16.44 -15.97
N THR D 208 -41.33 16.66 -17.04
CA THR D 208 -41.21 15.64 -18.08
C THR D 208 -40.63 14.35 -17.51
N ALA D 209 -39.61 14.46 -16.66
CA ALA D 209 -38.99 13.28 -16.09
C ALA D 209 -39.86 12.62 -15.03
N LYS D 210 -40.74 13.37 -14.40
CA LYS D 210 -41.49 12.80 -13.24
C LYS D 210 -42.82 12.19 -13.64
N ASN D 211 -43.58 12.78 -14.55
CA ASN D 211 -44.94 12.33 -14.80
C ASN D 211 -45.07 11.37 -15.97
N ILE D 212 -43.99 11.11 -16.71
CA ILE D 212 -44.10 10.25 -17.88
C ILE D 212 -44.55 8.87 -17.45
N PRO D 236 -41.55 5.94 -21.20
CA PRO D 236 -41.74 4.64 -20.54
C PRO D 236 -41.91 4.78 -19.04
N ASP D 237 -42.95 4.15 -18.50
CA ASP D 237 -43.23 4.22 -17.07
C ASP D 237 -42.22 3.33 -16.36
N LEU D 238 -41.11 3.93 -15.94
CA LEU D 238 -40.08 3.15 -15.27
C LEU D 238 -40.56 2.60 -13.93
N ARG D 239 -41.40 3.34 -13.24
CA ARG D 239 -41.96 2.84 -11.97
C ARG D 239 -42.63 1.51 -12.28
N HIS D 240 -43.49 1.46 -13.29
CA HIS D 240 -44.16 0.23 -13.66
C HIS D 240 -43.17 -0.84 -14.10
N PHE D 241 -42.17 -0.44 -14.88
CA PHE D 241 -41.20 -1.41 -15.37
C PHE D 241 -40.47 -2.09 -14.24
N ILE D 242 -40.02 -1.31 -13.25
CA ILE D 242 -39.37 -1.90 -12.08
C ILE D 242 -40.31 -2.87 -11.40
N ARG D 243 -41.55 -2.44 -11.15
CA ARG D 243 -42.49 -3.31 -10.45
C ARG D 243 -42.82 -4.54 -11.27
N SER D 244 -43.09 -4.36 -12.56
CA SER D 244 -43.46 -5.50 -13.39
C SER D 244 -42.34 -6.53 -13.46
N THR D 245 -41.12 -6.09 -13.73
CA THR D 245 -40.01 -7.02 -13.81
C THR D 245 -39.75 -7.70 -12.47
N MET D 246 -39.82 -6.95 -11.38
CA MET D 246 -39.65 -7.56 -10.06
C MET D 246 -40.79 -8.53 -9.77
N GLU D 247 -42.01 -8.19 -10.15
CA GLU D 247 -43.13 -9.12 -9.99
C GLU D 247 -42.84 -10.43 -10.72
N ALA D 248 -42.38 -10.34 -11.96
CA ALA D 248 -42.07 -11.55 -12.71
C ALA D 248 -41.00 -12.39 -12.01
N LYS D 249 -39.96 -11.73 -11.51
CA LYS D 249 -38.89 -12.45 -10.83
C LYS D 249 -39.43 -13.16 -9.58
N VAL D 250 -40.14 -12.42 -8.73
CA VAL D 250 -40.67 -13.02 -7.50
C VAL D 250 -41.71 -14.07 -7.83
N ALA D 251 -42.61 -13.77 -8.78
CA ALA D 251 -43.59 -14.76 -9.17
C ALA D 251 -42.92 -16.03 -9.67
N THR D 252 -41.78 -15.90 -10.34
CA THR D 252 -41.09 -17.07 -10.88
C THR D 252 -40.54 -17.95 -9.77
N ASP D 253 -39.81 -17.35 -8.83
CA ASP D 253 -39.13 -18.14 -7.81
C ASP D 253 -40.02 -18.47 -6.61
N LEU D 254 -41.19 -17.84 -6.50
CA LEU D 254 -42.17 -18.22 -5.49
C LEU D 254 -43.32 -19.04 -6.07
N HIS D 255 -43.15 -19.54 -7.30
CA HIS D 255 -44.17 -20.40 -7.89
C HIS D 255 -44.46 -21.60 -7.02
N TRP D 256 -43.45 -22.09 -6.29
CA TRP D 256 -43.66 -23.22 -5.40
C TRP D 256 -44.71 -22.93 -4.35
N LYS D 257 -44.65 -21.73 -3.79
CA LYS D 257 -45.55 -21.34 -2.68
C LYS D 257 -46.94 -21.83 -3.00
N SER D 258 -47.41 -21.53 -4.20
CA SER D 258 -48.77 -21.93 -4.65
C SER D 258 -49.82 -21.20 -3.82
N HIS E 8 15.55 2.08 12.69
CA HIS E 8 16.09 0.99 11.82
C HIS E 8 16.68 -0.13 12.66
N VAL E 9 17.75 0.19 13.39
CA VAL E 9 18.39 -0.78 14.27
C VAL E 9 17.69 -0.76 15.63
N LEU E 10 17.66 -1.91 16.30
CA LEU E 10 16.90 -2.08 17.54
C LEU E 10 17.83 -2.56 18.64
N LEU E 11 17.83 -1.84 19.76
CA LEU E 11 18.64 -2.18 20.92
C LEU E 11 17.88 -1.78 22.18
N SER E 12 18.22 -2.44 23.29
CA SER E 12 17.54 -2.16 24.54
C SER E 12 18.13 -0.94 25.21
N PRO E 13 17.34 -0.20 25.99
CA PRO E 13 17.89 0.99 26.65
C PRO E 13 19.07 0.67 27.54
N ALA E 14 19.02 -0.43 28.30
CA ALA E 14 20.16 -0.79 29.14
C ALA E 14 21.37 -1.13 28.28
N GLU E 15 21.15 -1.81 27.16
CA GLU E 15 22.24 -2.04 26.22
C GLU E 15 22.77 -0.72 25.67
N LEU E 16 21.86 0.21 25.34
CA LEU E 16 22.30 1.50 24.83
C LEU E 16 23.03 2.30 25.90
N ALA E 17 22.56 2.24 27.15
CA ALA E 17 23.20 3.00 28.20
C ALA E 17 24.66 2.62 28.35
N TYR E 18 24.96 1.31 28.28
CA TYR E 18 26.34 0.87 28.34
C TYR E 18 27.14 1.44 27.18
N LEU E 19 26.59 1.37 25.97
CA LEU E 19 27.32 1.85 24.81
C LEU E 19 27.62 3.33 24.92
N HIS E 20 26.63 4.13 25.33
CA HIS E 20 26.85 5.56 25.48
C HIS E 20 27.89 5.84 26.55
N ALA E 21 27.79 5.16 27.68
CA ALA E 21 28.76 5.38 28.75
C ALA E 21 30.16 4.98 28.31
N SER E 22 30.29 3.85 27.62
CA SER E 22 31.62 3.40 27.19
C SER E 22 32.23 4.39 26.21
N LEU E 23 31.46 4.86 25.23
CA LEU E 23 31.98 5.82 24.28
C LEU E 23 32.11 7.21 24.87
N SER E 24 31.43 7.48 25.99
CA SER E 24 31.54 8.79 26.61
C SER E 24 32.85 8.97 27.38
N LEU E 25 33.54 7.87 27.68
CA LEU E 25 34.78 7.97 28.43
C LEU E 25 35.84 8.71 27.64
N THR E 26 36.78 9.34 28.36
CA THR E 26 37.78 10.18 27.71
C THR E 26 38.53 9.47 26.60
N PRO E 27 39.09 8.28 26.81
CA PRO E 27 39.39 7.40 25.69
C PRO E 27 38.19 6.55 25.34
N PRO E 28 37.59 6.70 24.16
CA PRO E 28 36.34 6.00 23.87
C PRO E 28 36.58 4.50 23.78
N ILE E 29 35.92 3.74 24.64
CA ILE E 29 36.07 2.28 24.67
C ILE E 29 35.02 1.74 23.71
N ARG E 30 35.37 1.68 22.43
CA ARG E 30 34.43 1.18 21.44
C ARG E 30 34.13 -0.29 21.72
N PRO E 31 32.92 -0.76 21.43
CA PRO E 31 32.62 -2.17 21.70
C PRO E 31 33.55 -3.13 20.99
N ASP E 32 33.98 -2.78 19.77
CA ASP E 32 34.90 -3.60 19.01
C ASP E 32 36.31 -3.58 19.61
N GLY E 33 36.57 -2.74 20.61
CA GLY E 33 37.93 -2.51 21.03
C GLY E 33 38.73 -1.70 20.04
N ARG E 34 38.09 -1.17 19.02
CA ARG E 34 38.78 -0.47 17.95
C ARG E 34 39.10 0.96 18.37
N SER E 35 40.15 1.51 17.77
CA SER E 35 40.50 2.89 18.04
C SER E 35 39.50 3.83 17.37
N PRO E 36 39.26 5.00 17.95
CA PRO E 36 38.31 5.93 17.31
C PRO E 36 38.72 6.32 15.90
N THR E 37 40.03 6.34 15.62
CA THR E 37 40.51 6.69 14.29
C THR E 37 40.54 5.51 13.34
N GLN E 38 40.21 4.31 13.81
CA GLN E 38 40.52 3.08 13.11
C GLN E 38 39.30 2.53 12.39
N PHE E 39 39.47 2.19 11.11
CA PHE E 39 38.44 1.53 10.34
C PHE E 39 38.47 0.02 10.58
N ARG E 40 37.37 -0.64 10.23
CA ARG E 40 37.33 -2.10 10.25
C ARG E 40 38.04 -2.66 9.01
N PRO E 41 38.42 -3.93 9.04
CA PRO E 41 39.09 -4.52 7.87
C PRO E 41 38.24 -4.41 6.62
N LEU E 42 38.89 -4.21 5.49
CA LEU E 42 38.23 -3.98 4.21
C LEU E 42 38.56 -5.09 3.24
N ILE E 43 37.54 -5.65 2.60
CA ILE E 43 37.69 -6.65 1.55
C ILE E 43 36.97 -6.13 0.32
N ALA E 44 37.67 -6.09 -0.81
CA ALA E 44 37.12 -5.46 -2.00
C ALA E 44 37.63 -6.17 -3.25
N GLU E 45 36.89 -5.97 -4.35
CA GLU E 45 37.26 -6.48 -5.65
C GLU E 45 36.93 -5.43 -6.70
N THR E 46 37.68 -5.42 -7.80
CA THR E 46 37.49 -4.42 -8.88
C THR E 46 37.31 -5.17 -10.20
N GLY E 47 36.55 -4.63 -11.13
CA GLY E 47 36.25 -5.31 -12.40
C GLY E 47 35.59 -6.63 -12.08
N ILE E 48 34.76 -6.65 -11.03
CA ILE E 48 34.06 -7.88 -10.60
C ILE E 48 33.13 -8.29 -11.75
N LEU E 49 32.50 -7.34 -12.41
CA LEU E 49 31.57 -7.65 -13.51
C LEU E 49 32.25 -7.30 -14.82
N PRO E 50 32.44 -8.25 -15.74
CA PRO E 50 32.98 -7.97 -17.07
C PRO E 50 31.92 -7.27 -17.92
N GLY E 51 32.32 -6.47 -18.91
CA GLY E 51 31.36 -5.82 -19.83
C GLY E 51 30.78 -4.57 -19.22
N ALA E 52 31.29 -4.13 -18.07
CA ALA E 52 30.85 -2.89 -17.39
C ALA E 52 32.07 -1.99 -17.40
N ASN E 53 31.94 -0.71 -17.74
CA ASN E 53 33.14 0.12 -17.93
C ASN E 53 33.89 0.13 -16.61
N GLY E 54 33.20 0.29 -15.48
CA GLY E 54 33.83 0.16 -14.15
C GLY E 54 32.96 -0.66 -13.25
N SER E 55 33.48 -1.63 -12.51
CA SER E 55 32.66 -2.34 -11.50
C SER E 55 33.51 -2.60 -10.26
N ALA E 56 32.89 -2.69 -9.09
CA ALA E 56 33.63 -2.97 -7.85
C ALA E 56 32.75 -3.69 -6.85
N ARG E 57 33.32 -4.52 -6.01
CA ARG E 57 32.58 -5.21 -4.94
C ARG E 57 33.31 -4.86 -3.66
N VAL E 58 32.60 -4.65 -2.58
CA VAL E 58 33.17 -4.39 -1.26
C VAL E 58 32.35 -5.16 -0.23
N CYS E 59 33.05 -5.76 0.73
CA CYS E 59 32.41 -6.48 1.82
C CYS E 59 33.13 -6.17 3.11
N PHE E 60 32.36 -5.79 4.12
CA PHE E 60 32.89 -5.39 5.42
C PHE E 60 32.99 -6.59 6.35
N ALA E 61 33.80 -6.42 7.40
CA ALA E 61 33.80 -7.39 8.48
C ALA E 61 32.44 -7.50 9.14
N ASP E 62 31.61 -6.46 9.00
CA ASP E 62 30.24 -6.49 9.49
C ASP E 62 29.37 -7.49 8.74
N GLY E 63 29.86 -8.02 7.61
CA GLY E 63 29.11 -8.95 6.80
C GLY E 63 28.33 -8.33 5.66
N THR E 64 28.10 -7.02 5.69
CA THR E 64 27.40 -6.38 4.58
C THR E 64 28.29 -6.31 3.35
N GLU E 65 27.67 -6.37 2.18
CA GLU E 65 28.40 -6.31 0.92
C GLU E 65 27.60 -5.48 -0.07
N ALA E 66 28.30 -4.94 -1.06
CA ALA E 66 27.68 -4.11 -2.07
C ALA E 66 28.48 -4.21 -3.35
N ILE E 67 27.77 -4.12 -4.48
CA ILE E 67 28.37 -4.17 -5.80
C ILE E 67 27.90 -2.96 -6.58
N VAL E 68 28.83 -2.32 -7.29
CA VAL E 68 28.55 -1.15 -8.10
C VAL E 68 29.07 -1.40 -9.50
N GLY E 69 28.27 -1.06 -10.50
CA GLY E 69 28.69 -1.16 -11.88
C GLY E 69 28.43 0.15 -12.60
N VAL E 70 29.32 0.44 -13.55
CA VAL E 70 29.32 1.72 -14.24
C VAL E 70 29.19 1.45 -15.73
N LYS E 71 28.14 2.00 -16.33
CA LYS E 71 27.90 1.90 -17.77
C LYS E 71 27.97 3.30 -18.36
N ALA E 72 28.81 3.48 -19.37
CA ALA E 72 28.95 4.74 -20.07
C ALA E 72 28.37 4.62 -21.46
N GLU E 73 27.36 5.42 -21.76
CA GLU E 73 26.67 5.39 -23.04
C GLU E 73 26.81 6.74 -23.73
N VAL E 74 27.24 6.73 -24.99
CA VAL E 74 27.33 7.96 -25.76
C VAL E 74 25.93 8.53 -25.93
N GLU E 75 25.78 9.81 -25.64
CA GLU E 75 24.50 10.49 -25.72
C GLU E 75 24.64 11.79 -26.49
N LYS E 76 23.62 12.13 -27.26
CA LYS E 76 23.60 13.41 -27.97
C LYS E 76 23.36 14.53 -26.97
N THR E 77 24.27 15.50 -26.93
CA THR E 77 24.15 16.61 -25.99
C THR E 77 23.01 17.53 -26.40
N THR E 114 34.79 20.28 -21.87
CA THR E 114 34.60 21.56 -21.21
C THR E 114 33.12 21.77 -20.88
N GLY E 115 32.24 21.31 -21.75
CA GLY E 115 30.82 21.38 -21.47
C GLY E 115 30.46 20.43 -20.34
N GLU E 116 29.49 20.85 -19.52
CA GLU E 116 29.18 20.13 -18.29
C GLU E 116 27.69 20.20 -18.01
N ALA E 117 27.05 19.04 -17.91
CA ALA E 117 25.69 18.93 -17.42
C ALA E 117 25.56 17.64 -16.62
N SER E 118 24.61 17.62 -15.68
CA SER E 118 24.46 16.50 -14.76
C SER E 118 23.89 15.30 -15.51
N TRP E 119 24.70 14.77 -16.43
CA TRP E 119 24.29 13.60 -17.18
C TRP E 119 24.24 12.36 -16.30
N VAL E 120 25.15 12.26 -15.34
CA VAL E 120 25.27 11.04 -14.54
C VAL E 120 24.00 10.82 -13.74
N GLU E 121 23.58 9.56 -13.66
CA GLU E 121 22.45 9.15 -12.85
C GLU E 121 22.89 8.01 -11.94
N ILE E 122 22.44 8.04 -10.69
CA ILE E 122 22.81 7.06 -9.69
C ILE E 122 21.56 6.30 -9.27
N THR E 123 21.64 4.97 -9.26
CA THR E 123 20.58 4.13 -8.76
C THR E 123 21.10 3.26 -7.63
N VAL E 124 20.28 3.08 -6.60
CA VAL E 124 20.67 2.37 -5.38
C VAL E 124 19.65 1.26 -5.17
N GLU E 125 20.05 0.02 -5.45
CA GLU E 125 19.19 -1.14 -5.30
C GLU E 125 19.40 -1.73 -3.92
N ILE E 126 18.45 -1.51 -3.02
CA ILE E 126 18.45 -2.13 -1.70
C ILE E 126 17.41 -3.25 -1.72
N PRO E 127 17.75 -4.45 -1.24
CA PRO E 127 16.76 -5.54 -1.29
C PRO E 127 15.63 -5.31 -0.28
N GLY E 128 14.40 -5.51 -0.74
CA GLY E 128 13.24 -5.46 0.12
C GLY E 128 12.64 -4.09 0.33
N VAL E 129 13.16 -3.05 -0.32
CA VAL E 129 12.59 -1.72 -0.19
C VAL E 129 11.60 -1.48 -1.32
N ARG E 130 10.70 -0.53 -1.11
CA ARG E 130 9.66 -0.19 -2.07
C ARG E 130 10.18 0.63 -3.24
N ASP E 131 11.49 0.84 -3.34
CA ASP E 131 12.09 1.66 -4.39
C ASP E 131 11.83 3.14 -4.19
N ASP E 132 11.27 3.52 -3.05
CA ASP E 132 11.00 4.92 -2.75
C ASP E 132 11.30 5.30 -1.31
N ASP E 133 11.93 4.42 -0.53
CA ASP E 133 12.09 4.65 0.89
C ASP E 133 13.00 5.85 1.14
N SER E 134 12.86 6.41 2.35
CA SER E 134 13.68 7.56 2.72
C SER E 134 15.17 7.25 2.61
N GLY E 135 15.60 6.14 3.22
CA GLY E 135 17.01 5.82 3.21
C GLY E 135 17.56 5.65 1.81
N MET E 136 16.85 4.89 0.97
CA MET E 136 17.35 4.63 -0.37
C MET E 136 17.49 5.92 -1.17
N VAL E 137 16.46 6.75 -1.20
CA VAL E 137 16.51 7.98 -1.99
C VAL E 137 17.53 8.94 -1.39
N PHE E 138 17.60 9.01 -0.06
CA PHE E 138 18.57 9.89 0.59
C PHE E 138 19.98 9.50 0.18
N LEU E 139 20.28 8.20 0.21
CA LEU E 139 21.60 7.75 -0.23
C LEU E 139 21.83 8.09 -1.69
N ALA E 140 20.85 7.80 -2.54
CA ALA E 140 21.02 8.04 -3.97
C ALA E 140 21.38 9.49 -4.24
N GLN E 141 20.70 10.42 -3.56
CA GLN E 141 21.02 11.83 -3.72
C GLN E 141 22.38 12.14 -3.10
N LEU E 142 22.70 11.53 -1.96
CA LEU E 142 23.93 11.88 -1.27
C LEU E 142 25.15 11.52 -2.10
N LEU E 143 25.20 10.30 -2.63
CA LEU E 143 26.34 9.91 -3.46
C LEU E 143 26.44 10.81 -4.69
N GLY E 144 25.32 11.08 -5.35
CA GLY E 144 25.35 11.98 -6.48
C GLY E 144 25.82 13.37 -6.08
N GLU E 145 25.41 13.83 -4.90
CA GLU E 145 25.87 15.13 -4.43
C GLU E 145 27.38 15.19 -4.37
N ALA E 146 28.01 14.12 -3.90
CA ALA E 146 29.47 14.09 -3.79
C ALA E 146 30.11 14.29 -5.16
N LEU E 147 29.77 13.42 -6.12
CA LEU E 147 30.36 13.52 -7.45
C LEU E 147 30.03 14.84 -8.12
N LEU E 148 28.81 15.30 -8.03
CA LEU E 148 28.45 16.53 -8.77
C LEU E 148 28.86 17.76 -7.95
N ALA E 149 29.48 17.58 -6.77
CA ALA E 149 29.83 18.69 -5.87
C ALA E 149 30.83 19.66 -6.51
N ASP E 150 31.83 19.15 -7.22
CA ASP E 150 32.89 20.00 -7.82
C ASP E 150 32.50 20.30 -9.26
N GLY E 151 31.90 19.34 -9.94
CA GLY E 151 31.45 19.45 -11.34
C GLY E 151 32.60 19.15 -12.27
N GLU E 152 33.78 18.88 -11.72
CA GLU E 152 34.92 18.42 -12.53
C GLU E 152 34.54 17.07 -13.13
N PHE E 153 33.88 16.24 -12.32
CA PHE E 153 33.54 14.86 -12.72
C PHE E 153 32.63 14.91 -13.93
N VAL E 154 31.68 15.83 -13.94
CA VAL E 154 30.77 16.00 -15.11
C VAL E 154 31.65 16.31 -16.31
N LYS E 155 32.66 17.17 -16.14
CA LYS E 155 33.49 17.58 -17.26
C LYS E 155 34.17 16.38 -17.90
N LYS E 156 34.60 15.40 -17.09
CA LYS E 156 35.30 14.25 -17.63
C LYS E 156 34.44 13.50 -18.64
N LEU E 157 33.13 13.47 -18.41
CA LEU E 157 32.20 12.69 -19.21
C LEU E 157 31.71 13.45 -20.44
N TRP E 158 32.52 14.38 -20.93
CA TRP E 158 32.16 15.23 -22.07
C TRP E 158 32.98 14.77 -23.27
N ILE E 159 32.39 13.90 -24.10
CA ILE E 159 33.12 13.37 -25.24
C ILE E 159 33.54 14.50 -26.17
N ASN E 160 32.58 15.32 -26.55
CA ASN E 160 32.83 16.49 -27.42
C ASN E 160 31.70 17.46 -27.17
N ARG E 161 31.75 18.63 -27.81
CA ARG E 161 30.69 19.62 -27.65
C ARG E 161 29.35 19.06 -28.11
N ARG E 162 29.37 18.14 -29.07
CA ARG E 162 28.11 17.61 -29.60
C ARG E 162 27.60 16.43 -28.79
N TYR E 163 28.51 15.63 -28.23
CA TYR E 163 28.15 14.38 -27.56
C TYR E 163 28.79 14.29 -26.18
N HIS E 164 28.07 13.71 -25.23
CA HIS E 164 28.52 13.56 -23.85
C HIS E 164 28.35 12.11 -23.42
N TRP E 165 29.26 11.64 -22.56
CA TRP E 165 29.10 10.33 -21.92
C TRP E 165 28.04 10.39 -20.84
N LYS E 166 26.87 9.82 -21.08
CA LYS E 166 25.90 9.64 -20.01
C LYS E 166 26.30 8.45 -19.16
N LEU E 167 26.64 8.69 -17.91
CA LEU E 167 27.22 7.67 -17.04
C LEU E 167 26.13 7.11 -16.12
N TYR E 168 25.95 5.80 -16.17
CA TYR E 168 25.00 5.11 -15.30
C TYR E 168 25.77 4.47 -14.15
N ILE E 169 25.43 4.85 -12.92
CA ILE E 169 25.97 4.22 -11.73
C ILE E 169 24.84 3.44 -11.07
N ASP E 170 24.98 2.12 -11.03
CA ASP E 170 24.01 1.25 -10.37
C ASP E 170 24.67 0.65 -9.14
N ILE E 171 24.07 0.87 -7.99
CA ILE E 171 24.62 0.47 -6.70
C ILE E 171 23.71 -0.61 -6.13
N LEU E 172 24.26 -1.80 -5.90
CA LEU E 172 23.52 -2.92 -5.34
C LEU E 172 24.06 -3.21 -3.95
N LEU E 173 23.17 -3.22 -2.96
CA LEU E 173 23.51 -3.70 -1.63
C LEU E 173 23.24 -5.20 -1.59
N ILE E 174 24.27 -5.99 -1.79
CA ILE E 174 24.09 -7.44 -1.88
C ILE E 174 23.52 -7.99 -0.59
N SER E 175 24.02 -7.53 0.54
CA SER E 175 23.56 -8.01 1.83
C SER E 175 22.31 -7.26 2.28
N PRO E 176 21.51 -7.85 3.16
CA PRO E 176 20.39 -7.11 3.74
C PRO E 176 20.90 -5.92 4.54
N PRO E 177 20.15 -4.82 4.58
CA PRO E 177 20.67 -3.62 5.25
C PRO E 177 20.77 -3.78 6.75
N LEU E 178 21.73 -4.59 7.18
CA LEU E 178 21.95 -4.79 8.60
C LEU E 178 22.39 -3.50 9.29
N SER E 179 23.17 -2.67 8.61
CA SER E 179 23.67 -1.43 9.17
C SER E 179 23.56 -0.34 8.11
N TYR E 180 23.84 0.90 8.52
CA TYR E 180 23.70 2.02 7.61
C TYR E 180 24.61 1.83 6.41
N PRO E 181 24.08 1.65 5.20
CA PRO E 181 24.94 1.29 4.06
C PRO E 181 25.92 2.37 3.63
N LEU E 182 25.70 3.63 4.02
CA LEU E 182 26.36 4.72 3.32
C LEU E 182 27.87 4.56 3.23
N PRO E 183 28.58 4.24 4.32
CA PRO E 183 30.02 4.15 4.25
C PRO E 183 30.40 3.17 3.15
N LEU E 184 29.87 1.94 3.20
CA LEU E 184 30.28 0.87 2.25
C LEU E 184 29.92 1.29 0.83
N LEU E 185 28.74 1.87 0.64
CA LEU E 185 28.31 2.19 -0.73
C LEU E 185 29.29 3.21 -1.29
N SER E 186 29.70 4.18 -0.49
CA SER E 186 30.62 5.24 -0.95
C SER E 186 31.96 4.63 -1.33
N LEU E 187 32.47 3.71 -0.52
CA LEU E 187 33.78 3.07 -0.76
C LEU E 187 33.71 2.24 -2.04
N THR E 188 32.58 1.60 -2.32
CA THR E 188 32.41 0.78 -3.53
C THR E 188 32.36 1.71 -4.73
N THR E 189 31.66 2.82 -4.59
CA THR E 189 31.54 3.80 -5.68
C THR E 189 32.92 4.36 -5.97
N HIS E 190 33.71 4.64 -4.94
CA HIS E 190 35.07 5.16 -5.11
C HIS E 190 35.87 4.13 -5.89
N LEU E 191 35.83 2.88 -5.47
CA LEU E 191 36.59 1.77 -6.11
C LEU E 191 36.09 1.58 -7.53
N ALA E 192 34.79 1.68 -7.75
CA ALA E 192 34.17 1.42 -9.06
C ALA E 192 34.65 2.47 -10.03
N LEU E 193 34.47 3.73 -9.68
CA LEU E 193 34.89 4.84 -10.53
C LEU E 193 36.37 4.75 -10.86
N LEU E 194 37.19 4.39 -9.86
CA LEU E 194 38.61 4.18 -10.14
C LEU E 194 38.81 3.13 -11.21
N SER E 195 38.05 2.04 -11.15
CA SER E 195 38.17 0.98 -12.14
C SER E 195 37.55 1.34 -13.47
N THR E 196 36.76 2.41 -13.52
CA THR E 196 36.05 2.75 -14.75
C THR E 196 37.05 3.13 -15.84
N ARG E 197 36.94 2.50 -17.00
CA ARG E 197 37.70 2.86 -18.18
C ARG E 197 36.74 3.35 -19.26
N LEU E 198 37.18 4.36 -19.99
CA LEU E 198 36.32 5.04 -20.96
C LEU E 198 36.84 4.76 -22.37
N PRO E 199 36.00 4.35 -23.31
CA PRO E 199 36.50 4.03 -24.65
C PRO E 199 37.32 5.17 -25.25
N ARG E 200 38.52 4.87 -25.74
CA ARG E 200 39.38 5.90 -26.39
C ARG E 200 38.67 6.37 -27.65
N LEU E 201 38.77 7.64 -28.05
CA LEU E 201 38.00 8.18 -29.22
C LEU E 201 38.87 8.23 -30.46
N LYS E 202 38.71 7.29 -31.41
CA LYS E 202 39.44 7.40 -32.71
C LYS E 202 38.87 8.60 -33.48
N SER E 203 37.54 8.76 -33.46
CA SER E 203 36.88 9.85 -34.24
C SER E 203 37.12 11.20 -33.58
N GLU E 204 37.06 12.29 -34.37
CA GLU E 204 37.17 13.65 -33.79
C GLU E 204 35.85 13.98 -33.09
N GLY E 205 35.60 15.25 -32.79
CA GLY E 205 34.37 15.62 -32.05
C GLY E 205 33.21 16.07 -32.92
N ASP E 206 33.45 16.89 -33.94
CA ASP E 206 32.30 17.40 -34.71
C ASP E 206 31.58 16.21 -35.35
N GLU E 207 32.32 15.22 -35.85
CA GLU E 207 31.66 13.98 -36.34
C GLU E 207 31.20 13.19 -35.11
N ASP E 208 30.21 12.32 -35.26
CA ASP E 208 29.69 11.54 -34.10
C ASP E 208 30.88 10.75 -33.57
N PRO E 209 31.10 10.66 -32.24
CA PRO E 209 32.32 10.04 -31.74
C PRO E 209 32.46 8.56 -32.07
N TYR E 210 33.67 8.10 -32.41
CA TYR E 210 33.96 6.68 -32.72
C TYR E 210 35.10 6.30 -31.78
N PHE E 211 35.04 5.14 -31.12
CA PHE E 211 36.03 4.79 -30.07
C PHE E 211 36.73 3.45 -30.31
N ASP E 212 38.05 3.38 -30.08
CA ASP E 212 38.79 2.09 -30.12
C ASP E 212 38.01 1.07 -29.29
N ASP E 213 38.04 -0.24 -29.62
CA ASP E 213 37.19 -1.19 -28.90
C ASP E 213 37.92 -1.91 -27.77
N ASP E 214 39.25 -1.82 -27.70
CA ASP E 214 40.00 -2.55 -26.70
C ASP E 214 39.80 -1.93 -25.33
N TRP E 215 39.32 -2.72 -24.37
CA TRP E 215 39.18 -2.23 -23.00
C TRP E 215 40.53 -1.91 -22.38
N ALA E 216 41.59 -2.62 -22.78
CA ALA E 216 42.92 -2.31 -22.29
C ALA E 216 43.47 -1.02 -22.87
N VAL E 217 42.98 -0.60 -24.03
CA VAL E 217 43.40 0.67 -24.62
C VAL E 217 42.64 1.83 -24.01
N ALA E 218 41.40 1.60 -23.59
CA ALA E 218 40.57 2.65 -23.04
C ALA E 218 41.20 3.23 -21.78
N PRO E 219 41.42 4.54 -21.71
CA PRO E 219 42.05 5.11 -20.52
C PRO E 219 41.09 5.19 -19.35
N TYR E 220 41.67 5.28 -18.16
CA TYR E 220 40.88 5.32 -16.93
C TYR E 220 40.07 6.60 -16.86
N LEU E 221 38.86 6.49 -16.30
CA LEU E 221 38.23 7.64 -15.70
C LEU E 221 38.76 7.80 -14.28
N PHE E 222 39.08 9.04 -13.90
CA PHE E 222 39.89 9.31 -12.72
C PHE E 222 41.25 8.64 -12.84
N PRO E 223 41.97 8.86 -13.94
CA PRO E 223 43.24 8.14 -14.14
C PRO E 223 44.24 8.44 -13.03
N ARG E 224 45.01 7.43 -12.68
CA ARG E 224 46.03 7.56 -11.65
C ARG E 224 47.36 8.01 -12.24
N THR E 241 41.96 14.74 -9.78
CA THR E 241 41.35 14.45 -8.49
C THR E 241 40.87 13.01 -8.40
N ARG E 242 40.79 12.49 -7.17
CA ARG E 242 40.29 11.16 -6.94
C ARG E 242 38.76 11.20 -6.87
N PRO E 243 38.08 10.06 -7.08
CA PRO E 243 36.64 10.00 -6.89
C PRO E 243 36.35 10.31 -5.42
N PRO E 244 35.21 10.93 -5.06
CA PRO E 244 34.96 11.31 -3.67
C PRO E 244 34.81 10.12 -2.73
N ILE E 245 35.42 10.18 -1.56
CA ILE E 245 35.20 9.16 -0.52
C ILE E 245 34.15 9.82 0.35
N THR E 246 33.45 9.09 1.18
CA THR E 246 32.50 9.66 2.17
C THR E 246 32.61 8.84 3.44
N LEU E 247 32.77 9.49 4.59
CA LEU E 247 32.95 8.79 5.87
C LEU E 247 31.77 9.15 6.76
N LEU E 248 31.09 8.17 7.34
CA LEU E 248 30.03 8.44 8.32
C LEU E 248 30.74 8.69 9.63
N VAL E 249 30.79 9.93 10.08
CA VAL E 249 31.50 10.32 11.28
C VAL E 249 30.49 10.52 12.39
N MET E 250 30.87 10.14 13.60
CA MET E 250 29.95 10.07 14.72
C MET E 250 30.60 10.72 15.93
N ALA E 251 29.77 11.27 16.81
CA ALA E 251 30.24 11.91 18.02
C ALA E 251 29.41 11.48 19.21
N VAL E 252 30.09 11.18 20.32
CA VAL E 252 29.48 10.98 21.62
C VAL E 252 30.25 11.83 22.61
N GLY E 253 29.54 12.72 23.30
CA GLY E 253 30.26 13.69 24.12
C GLY E 253 31.23 14.46 23.26
N ASN E 254 32.47 14.54 23.70
CA ASN E 254 33.52 15.19 22.92
C ASN E 254 34.29 14.23 22.03
N ASN E 255 34.04 12.93 22.14
CA ASN E 255 34.77 11.94 21.36
C ASN E 255 34.23 11.88 19.94
N ILE E 256 35.13 11.89 18.96
CA ILE E 256 34.78 11.74 17.55
C ILE E 256 35.14 10.33 17.13
N LEU E 257 34.21 9.66 16.45
CA LEU E 257 34.35 8.27 16.06
C LEU E 257 34.14 8.12 14.57
N PHE E 258 34.94 7.24 13.95
CA PHE E 258 34.89 7.00 12.53
C PHE E 258 34.51 5.55 12.26
N ASP E 259 33.88 5.33 11.10
CA ASP E 259 33.45 4.00 10.70
C ASP E 259 32.66 3.34 11.85
N PRO E 260 31.60 3.98 12.32
CA PRO E 260 30.90 3.46 13.49
C PRO E 260 30.09 2.22 13.16
N SER E 261 30.09 1.27 14.09
CA SER E 261 29.23 0.10 13.97
C SER E 261 27.79 0.50 14.24
N LYS E 262 26.87 -0.33 13.74
CA LYS E 262 25.44 -0.05 13.97
C LYS E 262 25.15 0.11 15.44
N GLU E 263 25.80 -0.70 16.28
CA GLU E 263 25.64 -0.53 17.72
C GLU E 263 26.16 0.83 18.18
N GLU E 264 27.31 1.25 17.68
CA GLU E 264 27.85 2.55 18.05
C GLU E 264 26.96 3.66 17.49
N LEU E 265 26.62 3.58 16.21
CA LEU E 265 25.82 4.64 15.60
C LEU E 265 24.47 4.79 16.28
N ALA E 266 24.00 3.73 16.95
CA ALA E 266 22.70 3.80 17.61
C ALA E 266 22.72 4.71 18.83
N VAL E 267 23.89 5.05 19.38
CA VAL E 267 24.01 5.94 20.51
C VAL E 267 24.68 7.25 20.16
N ALA E 268 24.88 7.50 18.87
CA ALA E 268 25.56 8.71 18.45
C ALA E 268 24.80 9.95 18.89
N ASP E 269 25.50 10.88 19.50
CA ASP E 269 24.91 12.19 19.76
C ASP E 269 24.85 13.01 18.48
N VAL E 270 25.82 12.81 17.58
CA VAL E 270 25.87 13.51 16.31
C VAL E 270 26.40 12.55 15.27
N ALA E 271 25.86 12.64 14.06
CA ALA E 271 26.30 11.80 12.96
C ALA E 271 26.33 12.64 11.68
N LEU E 272 27.46 12.61 10.98
CA LEU E 272 27.65 13.40 9.78
C LEU E 272 28.15 12.52 8.65
N ALA E 273 27.59 12.72 7.47
CA ALA E 273 28.09 12.11 6.26
C ALA E 273 28.97 13.11 5.54
N VAL E 274 30.29 12.95 5.64
CA VAL E 274 31.25 13.90 5.13
C VAL E 274 31.86 13.33 3.87
N SER E 275 31.72 14.05 2.77
CA SER E 275 32.26 13.63 1.49
C SER E 275 33.52 14.43 1.20
N VAL E 276 34.60 13.72 0.91
CA VAL E 276 35.91 14.33 0.71
C VAL E 276 36.57 13.72 -0.53
N THR E 277 37.50 14.47 -1.10
CA THR E 277 38.30 14.00 -2.21
C THR E 277 39.73 14.50 -2.02
N ALA E 278 40.64 13.94 -2.81
CA ALA E 278 42.03 14.34 -2.80
C ALA E 278 42.51 14.56 -4.23
N THR E 279 43.59 15.34 -4.36
CA THR E 279 44.14 15.66 -5.67
C THR E 279 45.64 15.43 -5.70
N GLY E 308 50.49 14.40 4.03
CA GLY E 308 49.18 13.89 3.65
C GLY E 308 48.76 14.34 2.27
N ARG E 309 47.57 13.90 1.85
CA ARG E 309 47.04 14.25 0.52
C ARG E 309 46.43 15.64 0.59
N LYS E 310 46.24 16.28 -0.56
CA LYS E 310 45.63 17.59 -0.67
C LYS E 310 44.10 17.41 -0.68
N LEU E 311 43.54 17.31 0.51
CA LEU E 311 42.12 17.05 0.66
C LEU E 311 41.29 18.27 0.29
N ARG E 312 40.08 18.01 -0.20
CA ARG E 312 39.12 19.06 -0.54
C ARG E 312 37.75 18.62 -0.05
N LEU E 313 37.15 19.42 0.83
CA LEU E 313 35.82 19.09 1.33
C LEU E 313 34.78 19.30 0.24
N LEU E 314 33.83 18.40 0.16
CA LEU E 314 32.84 18.42 -0.91
C LEU E 314 31.42 18.55 -0.41
N SER E 315 31.08 17.94 0.72
CA SER E 315 29.74 18.09 1.26
C SER E 315 29.69 17.52 2.66
N ILE E 316 28.73 18.00 3.44
CA ILE E 316 28.41 17.48 4.76
C ILE E 316 26.90 17.36 4.86
N ARG E 317 26.43 16.23 5.39
CA ARG E 317 25.02 16.03 5.65
C ARG E 317 24.85 15.42 7.03
N THR E 318 23.87 15.90 7.78
CA THR E 318 23.63 15.42 9.14
C THR E 318 22.75 14.20 9.11
N ILE E 319 23.29 13.03 9.43
CA ILE E 319 22.50 11.81 9.55
C ILE E 319 21.71 11.90 10.84
N ASP E 320 20.39 11.89 10.72
CA ASP E 320 19.53 11.97 11.90
C ASP E 320 19.95 10.89 12.88
N PRO E 321 20.55 11.24 14.01
CA PRO E 321 21.05 10.22 14.93
C PRO E 321 19.98 9.19 15.24
N PRO E 322 20.19 7.94 14.86
CA PRO E 322 19.21 6.90 15.21
C PRO E 322 18.94 6.84 16.69
N SER E 323 19.84 7.35 17.52
CA SER E 323 19.63 7.35 18.96
C SER E 323 18.31 8.02 19.34
N ARG E 324 17.87 8.98 18.54
CA ARG E 324 16.65 9.75 18.85
C ARG E 324 15.43 8.83 18.82
N LEU E 325 15.47 7.76 18.02
CA LEU E 325 14.31 6.88 17.82
C LEU E 325 14.32 5.71 18.81
N THR E 326 15.30 5.63 19.70
CA THR E 326 15.45 4.52 20.67
C THR E 326 14.50 4.71 21.86
N PRO E 327 14.16 3.64 22.61
CA PRO E 327 13.32 3.75 23.79
C PRO E 327 14.00 4.52 24.92
N PRO E 328 13.28 5.08 25.90
CA PRO E 328 13.95 5.74 27.03
C PRO E 328 14.29 4.76 28.13
N GLY E 329 15.30 5.11 28.91
CA GLY E 329 15.67 4.31 30.06
C GLY E 329 14.75 4.54 31.24
N VAL E 330 14.58 3.50 32.04
CA VAL E 330 13.71 3.52 33.21
C VAL E 330 14.59 3.44 34.45
N PRO E 331 14.70 4.50 35.25
CA PRO E 331 15.52 4.42 36.46
C PRO E 331 14.92 3.46 37.48
N ASN E 332 15.74 3.06 38.44
CA ASN E 332 15.26 2.23 39.52
C ASN E 332 14.33 3.04 40.43
N SER E 333 13.86 2.40 41.48
CA SER E 333 12.96 3.05 42.43
C SER E 333 13.62 4.28 43.05
N SER E 364 7.96 11.21 33.77
CA SER E 364 8.10 12.60 34.20
C SER E 364 9.46 13.15 33.78
N GLU E 365 9.64 14.45 33.94
CA GLU E 365 10.87 15.10 33.51
C GLU E 365 12.02 14.73 34.45
N PRO E 366 13.12 14.17 33.96
CA PRO E 366 14.27 13.90 34.83
C PRO E 366 15.07 15.17 35.07
N ILE E 367 15.41 15.42 36.33
CA ILE E 367 16.20 16.61 36.65
C ILE E 367 17.68 16.37 36.42
N GLU E 368 18.13 15.13 36.47
CA GLU E 368 19.55 14.82 36.48
C GLU E 368 19.87 13.79 35.42
N PRO E 369 21.04 13.88 34.78
CA PRO E 369 21.48 12.78 33.90
C PRO E 369 21.96 11.59 34.70
N ILE E 370 21.03 10.75 35.15
CA ILE E 370 21.38 9.64 36.02
C ILE E 370 22.35 8.71 35.33
N GLU E 371 23.39 8.30 36.05
CA GLU E 371 24.36 7.36 35.50
C GLU E 371 23.69 6.05 35.15
N GLY E 372 23.98 5.54 33.96
CA GLY E 372 23.52 4.23 33.56
C GLY E 372 22.10 4.17 33.07
N VAL E 373 21.39 5.29 33.02
CA VAL E 373 20.01 5.33 32.53
C VAL E 373 20.03 6.00 31.16
N TRP E 374 19.66 5.27 30.13
CA TRP E 374 19.70 5.80 28.78
C TRP E 374 18.63 6.86 28.59
N ARG E 375 18.94 7.84 27.76
CA ARG E 375 18.00 8.91 27.44
C ARG E 375 18.39 9.46 26.08
N ALA E 376 17.45 9.43 25.14
CA ALA E 376 17.77 9.78 23.77
C ALA E 376 18.34 11.20 23.73
N PRO E 377 19.34 11.46 22.88
CA PRO E 377 19.88 12.81 22.82
C PRO E 377 18.81 13.81 22.45
N ARG E 378 18.45 14.69 23.38
CA ARG E 378 17.22 15.44 23.27
C ARG E 378 17.36 16.71 22.45
N GLY E 379 18.58 17.16 22.15
CA GLY E 379 18.75 18.37 21.38
C GLY E 379 19.51 18.15 20.09
N GLY E 380 20.16 19.20 19.61
CA GLY E 380 21.02 19.10 18.44
C GLY E 380 22.47 18.88 18.83
N ALA E 381 23.34 19.02 17.83
CA ALA E 381 24.77 18.90 18.04
C ALA E 381 25.34 20.21 18.53
N LYS E 382 26.12 20.16 19.61
CA LYS E 382 26.78 21.37 20.10
C LYS E 382 27.61 21.99 18.99
N ARG E 383 27.52 23.31 18.85
CA ARG E 383 28.12 23.98 17.71
C ARG E 383 29.60 23.63 17.56
N LEU E 384 30.33 23.55 18.68
CA LEU E 384 31.76 23.24 18.60
C LEU E 384 32.00 21.84 18.08
N VAL E 385 31.15 20.88 18.46
CA VAL E 385 31.36 19.50 18.04
C VAL E 385 31.37 19.40 16.52
N LEU E 386 30.49 20.16 15.85
CA LEU E 386 30.45 20.12 14.39
C LEU E 386 31.79 20.53 13.81
N GLY E 387 32.40 21.59 14.36
CA GLY E 387 33.73 21.98 13.91
C GLY E 387 34.75 20.88 14.18
N ALA E 388 34.62 20.23 15.32
CA ALA E 388 35.54 19.16 15.72
C ALA E 388 35.38 17.98 14.76
N LEU E 389 34.16 17.62 14.42
CA LEU E 389 33.89 16.44 13.57
C LEU E 389 34.54 16.66 12.21
N VAL E 390 34.44 17.86 11.64
CA VAL E 390 34.93 18.11 10.26
C VAL E 390 36.41 18.44 10.34
N GLN E 391 36.85 19.11 11.39
CA GLN E 391 38.27 19.39 11.58
C GLN E 391 39.07 18.10 11.59
N LYS E 392 38.60 17.08 12.32
CA LYS E 392 39.33 15.83 12.40
C LYS E 392 39.27 15.04 11.11
N VAL E 393 38.21 15.21 10.32
CA VAL E 393 38.13 14.53 9.04
C VAL E 393 39.20 15.07 8.09
N LEU E 394 39.38 16.38 8.07
CA LEU E 394 40.24 17.02 7.09
C LEU E 394 41.68 17.20 7.56
N GLU E 395 42.00 16.83 8.80
CA GLU E 395 43.39 16.96 9.24
C GLU E 395 44.29 16.08 8.37
N LYS E 396 45.42 16.65 7.95
CA LYS E 396 46.32 15.91 7.08
C LYS E 396 46.85 14.68 7.78
N GLY E 397 46.96 13.58 7.03
CA GLY E 397 47.37 12.33 7.62
C GLY E 397 46.30 11.69 8.49
N GLY E 398 45.06 12.17 8.40
CA GLY E 398 43.99 11.69 9.25
C GLY E 398 43.32 10.46 8.69
N VAL E 399 42.06 10.28 9.08
CA VAL E 399 41.31 9.10 8.68
C VAL E 399 41.19 9.04 7.16
N VAL E 400 41.00 10.18 6.51
CA VAL E 400 40.83 10.18 5.06
C VAL E 400 42.05 9.58 4.38
N ASP E 401 43.24 9.99 4.82
CA ASP E 401 44.46 9.41 4.27
C ASP E 401 44.50 7.91 4.52
N GLU E 402 44.14 7.48 5.72
CA GLU E 402 44.11 6.05 6.03
C GLU E 402 43.16 5.31 5.09
N VAL E 403 41.96 5.86 4.88
CA VAL E 403 40.99 5.21 4.01
C VAL E 403 41.51 5.16 2.58
N LEU E 404 42.01 6.29 2.07
CA LEU E 404 42.49 6.32 0.70
C LEU E 404 43.70 5.41 0.53
N ASP E 405 44.61 5.40 1.51
CA ASP E 405 45.74 4.48 1.44
C ASP E 405 45.26 3.04 1.29
N ALA E 406 44.35 2.62 2.17
CA ALA E 406 43.82 1.27 2.07
C ALA E 406 43.06 1.07 0.76
N LEU E 407 42.27 2.06 0.36
CA LEU E 407 41.47 1.92 -0.86
C LEU E 407 42.37 1.89 -2.09
N GLU E 408 43.34 2.81 -2.17
CA GLU E 408 44.21 2.86 -3.33
C GLU E 408 45.11 1.63 -3.43
N GLY E 409 45.29 0.89 -2.34
CA GLY E 409 46.09 -0.32 -2.39
C GLY E 409 45.39 -1.49 -3.06
N VAL E 410 44.08 -1.38 -3.31
CA VAL E 410 43.36 -2.44 -3.99
C VAL E 410 43.76 -2.47 -5.45
N GLU E 411 43.98 -3.66 -5.98
CA GLU E 411 44.35 -3.79 -7.38
C GLU E 411 43.22 -3.32 -8.28
N LEU E 412 43.60 -2.85 -9.46
CA LEU E 412 42.64 -2.20 -10.36
C LEU E 412 42.66 -2.82 -11.75
N ASP F 3 -2.53 8.82 -14.64
CA ASP F 3 -3.08 8.15 -13.43
C ASP F 3 -4.60 8.08 -13.48
N ARG F 4 -5.17 7.18 -12.67
CA ARG F 4 -6.62 7.15 -12.51
C ARG F 4 -7.11 8.33 -11.70
N ARG F 5 -6.28 8.86 -10.81
CA ARG F 5 -6.73 9.80 -9.79
C ARG F 5 -6.62 11.26 -10.21
N ARG F 6 -6.10 11.55 -11.40
CA ARG F 6 -5.94 12.92 -11.84
C ARG F 6 -6.39 13.05 -13.29
N ILE F 7 -6.86 14.24 -13.64
CA ILE F 7 -7.28 14.51 -15.00
C ILE F 7 -6.03 14.66 -15.86
N ASN F 8 -5.73 13.63 -16.62
CA ASN F 8 -4.49 13.61 -17.44
C ASN F 8 -4.62 14.69 -18.51
N GLY F 9 -3.53 15.40 -18.78
CA GLY F 9 -3.50 16.45 -19.78
C GLY F 9 -3.54 15.86 -21.17
N PRO F 10 -3.07 16.61 -22.16
CA PRO F 10 -3.07 16.09 -23.53
C PRO F 10 -2.10 14.93 -23.67
N ALA F 11 -2.40 14.06 -24.62
CA ALA F 11 -1.54 12.89 -24.84
C ALA F 11 -0.12 13.32 -25.17
N GLY F 12 0.04 14.32 -26.04
CA GLY F 12 1.36 14.80 -26.37
C GLY F 12 2.04 15.45 -25.18
N ALA F 13 3.36 15.48 -25.21
CA ALA F 13 4.14 16.15 -24.17
C ALA F 13 4.12 17.66 -24.43
N THR F 14 3.54 18.41 -23.50
CA THR F 14 3.49 19.86 -23.65
C THR F 14 4.85 20.48 -23.37
N ILE F 15 5.12 21.57 -24.07
CA ILE F 15 6.40 22.29 -23.94
C ILE F 15 6.16 23.52 -23.08
N PRO F 16 7.00 23.80 -22.10
CA PRO F 16 6.91 25.08 -21.39
C PRO F 16 7.23 26.22 -22.32
N PRO F 17 6.66 27.41 -22.09
CA PRO F 17 6.92 28.55 -22.95
C PRO F 17 8.42 28.76 -23.15
N VAL F 18 8.87 28.98 -24.39
CA VAL F 18 10.29 29.31 -24.66
C VAL F 18 10.29 30.75 -25.15
N TYR F 19 11.05 31.64 -24.52
CA TYR F 19 11.02 33.09 -24.85
C TYR F 19 11.71 33.41 -26.17
N GLU F 20 11.27 34.47 -26.83
CA GLU F 20 11.78 34.88 -28.17
C GLU F 20 13.25 35.22 -28.08
N ASP F 21 13.65 35.90 -27.00
CA ASP F 21 15.07 36.26 -26.79
C ASP F 21 15.53 37.11 -27.96
N SER F 22 14.70 38.05 -28.40
CA SER F 22 14.99 38.85 -29.62
C SER F 22 16.28 39.68 -29.46
N GLY F 23 16.54 40.29 -28.31
CA GLY F 23 17.78 41.06 -28.10
C GLY F 23 18.71 40.55 -27.01
N ILE F 24 19.98 40.26 -27.32
CA ILE F 24 21.01 39.93 -26.29
C ILE F 24 21.23 41.16 -25.43
N SER F 25 21.22 42.35 -26.03
CA SER F 25 21.49 43.64 -25.35
C SER F 25 20.42 43.86 -24.30
N GLU F 26 19.18 43.46 -24.57
CA GLU F 26 18.05 43.70 -23.66
C GLU F 26 18.38 42.97 -22.35
N VAL F 27 18.99 41.79 -22.41
CA VAL F 27 19.31 40.99 -21.18
C VAL F 27 20.26 41.86 -20.37
N LYS F 28 21.23 42.50 -21.01
CA LYS F 28 22.10 43.51 -20.34
C LYS F 28 22.84 42.98 -19.11
N ALA F 29 22.83 43.70 -17.98
CA ALA F 29 23.61 43.39 -16.76
C ALA F 29 23.13 42.16 -16.00
N LEU F 30 24.04 41.49 -15.29
CA LEU F 30 23.70 40.33 -14.45
C LEU F 30 23.29 40.82 -13.06
N LYS F 31 22.25 40.27 -12.47
CA LYS F 31 21.76 40.62 -11.12
C LYS F 31 22.95 40.71 -10.17
N ILE F 32 23.01 41.72 -9.31
CA ILE F 32 24.04 41.87 -8.31
C ILE F 32 23.39 42.05 -6.94
N ARG F 33 23.90 41.35 -5.95
CA ARG F 33 23.31 41.37 -4.61
C ARG F 33 23.47 42.77 -4.01
N SER F 34 22.38 43.53 -3.97
CA SER F 34 22.41 44.81 -3.28
C SER F 34 22.32 44.63 -1.77
N ARG F 35 21.68 43.56 -1.32
CA ARG F 35 21.49 43.33 0.11
C ARG F 35 22.84 43.15 0.78
N PRO F 36 23.05 43.72 1.97
CA PRO F 36 24.34 43.54 2.65
C PRO F 36 24.61 42.05 2.89
N SER F 37 25.89 41.70 2.89
CA SER F 37 26.29 40.30 2.96
C SER F 37 25.74 39.60 4.20
N ASN F 38 25.48 40.33 5.28
CA ASN F 38 25.03 39.74 6.52
C ASN F 38 23.53 39.90 6.78
N ILE F 39 22.75 40.28 5.77
CA ILE F 39 21.33 40.57 5.94
C ILE F 39 20.52 39.56 5.14
N ILE F 40 19.59 38.88 5.83
CA ILE F 40 18.72 37.92 5.16
C ILE F 40 17.63 38.66 4.38
N ARG F 41 16.90 37.90 3.56
CA ARG F 41 15.69 38.44 2.95
C ARG F 41 14.70 38.87 4.02
N LYS F 42 13.75 39.70 3.63
CA LYS F 42 12.65 40.04 4.54
C LYS F 42 11.71 38.86 4.68
N ILE F 43 11.67 38.25 5.86
CA ILE F 43 10.79 37.12 6.10
C ILE F 43 9.40 37.63 6.49
N TYR F 44 8.38 37.16 5.78
CA TYR F 44 7.00 37.33 6.21
C TYR F 44 6.51 36.01 6.78
N LEU F 45 6.08 36.02 8.03
CA LEU F 45 5.69 34.81 8.73
C LEU F 45 4.37 35.05 9.45
N LYS F 46 3.41 34.17 9.22
CA LYS F 46 2.11 34.23 9.88
C LYS F 46 1.81 32.88 10.50
N THR F 47 1.02 32.90 11.56
CA THR F 47 0.71 31.70 12.33
C THR F 47 -0.80 31.50 12.37
N GLY F 48 -1.20 30.24 12.52
CA GLY F 48 -2.62 29.92 12.54
C GLY F 48 -3.32 30.11 11.22
N VAL F 49 -2.63 29.82 10.11
CA VAL F 49 -3.23 30.07 8.80
C VAL F 49 -4.23 28.99 8.43
N THR F 50 -4.12 27.80 9.03
CA THR F 50 -5.05 26.70 8.80
C THR F 50 -5.61 26.27 10.16
N PRO F 51 -6.67 26.92 10.62
CA PRO F 51 -7.20 26.59 11.96
C PRO F 51 -7.60 25.14 12.11
N SER F 52 -7.97 24.47 11.02
CA SER F 52 -8.34 23.07 11.11
C SER F 52 -7.21 22.23 11.69
N ALA F 53 -5.96 22.57 11.37
CA ALA F 53 -4.82 21.86 11.92
C ALA F 53 -4.57 22.27 13.36
N SER F 54 -3.84 21.43 14.08
CA SER F 54 -3.48 21.76 15.45
C SER F 54 -2.59 22.99 15.51
N GLY F 55 -1.65 23.11 14.58
CA GLY F 55 -0.85 24.31 14.46
C GLY F 55 -0.41 24.49 13.03
N SER F 56 -0.28 25.74 12.63
CA SER F 56 0.03 26.04 11.24
C SER F 56 0.74 27.37 11.16
N ALA F 57 1.45 27.55 10.06
CA ALA F 57 2.15 28.80 9.80
C ALA F 57 2.31 28.95 8.29
N TYR F 58 2.51 30.19 7.86
CA TYR F 58 2.74 30.50 6.47
C TYR F 58 3.95 31.43 6.39
N LEU F 59 4.84 31.14 5.44
CA LEU F 59 6.08 31.88 5.28
C LEU F 59 6.21 32.32 3.84
N GLU F 60 6.63 33.57 3.65
CA GLU F 60 6.79 34.14 2.31
C GLU F 60 7.97 35.09 2.33
N LEU F 61 8.71 35.13 1.23
CA LEU F 61 9.92 35.92 1.10
C LEU F 61 9.88 36.75 -0.17
N GLU F 62 10.44 37.96 -0.12
CA GLU F 62 10.61 38.75 -1.32
C GLU F 62 11.75 38.16 -2.15
N THR F 63 11.57 38.12 -3.47
CA THR F 63 12.51 37.39 -4.31
C THR F 63 13.92 37.95 -4.19
N SER F 64 14.07 39.28 -4.28
CA SER F 64 15.37 39.93 -4.23
C SER F 64 15.26 41.17 -3.35
N ALA F 65 14.60 41.02 -2.20
CA ALA F 65 14.44 42.12 -1.24
C ALA F 65 13.69 43.28 -1.88
N ASN F 66 12.78 42.96 -2.79
CA ASN F 66 11.94 43.94 -3.45
C ASN F 66 10.51 43.77 -2.98
N SER F 67 9.92 44.86 -2.48
CA SER F 67 8.57 44.80 -1.96
C SER F 67 7.60 44.36 -3.05
N GLY F 68 6.73 43.40 -2.71
CA GLY F 68 5.74 42.90 -3.63
C GLY F 68 6.23 41.84 -4.59
N VAL F 69 7.54 41.69 -4.76
CA VAL F 69 8.09 40.66 -5.64
C VAL F 69 8.30 39.41 -4.79
N SER F 70 7.23 38.64 -4.59
CA SER F 70 7.29 37.50 -3.71
C SER F 70 7.98 36.32 -4.39
N GLY F 71 8.82 35.62 -3.63
CA GLY F 71 9.52 34.46 -4.12
C GLY F 71 9.09 33.20 -3.41
N LEU F 72 9.90 32.69 -2.49
CA LEU F 72 9.55 31.49 -1.76
C LEU F 72 8.26 31.69 -0.98
N LYS F 73 7.39 30.69 -1.03
CA LYS F 73 6.14 30.68 -0.28
C LYS F 73 5.92 29.29 0.27
N LEU F 74 5.84 29.17 1.60
CA LEU F 74 5.71 27.89 2.26
C LEU F 74 4.52 27.91 3.20
N SER F 75 3.65 26.91 3.10
CA SER F 75 2.56 26.70 4.03
C SER F 75 2.81 25.42 4.81
N CYS F 76 2.77 25.51 6.13
CA CYS F 76 3.06 24.39 7.00
C CYS F 76 1.91 24.15 7.94
N THR F 77 1.54 22.89 8.11
CA THR F 77 0.42 22.49 8.99
C THR F 77 0.85 21.35 9.89
N VAL F 78 1.40 21.65 11.06
CA VAL F 78 1.73 20.59 12.03
C VAL F 78 0.41 19.97 12.44
N HIS F 79 0.35 18.67 12.60
CA HIS F 79 -0.86 17.98 13.08
C HIS F 79 -0.45 17.48 14.45
N GLY F 80 -1.23 17.74 15.47
CA GLY F 80 -0.85 17.59 16.88
C GLY F 80 -0.69 16.16 17.27
N PRO F 81 -0.09 15.87 18.44
CA PRO F 81 0.23 14.52 18.70
C PRO F 81 -1.12 13.83 18.51
N ARG F 82 -1.12 12.74 17.76
CA ARG F 82 -2.35 12.05 17.32
C ARG F 82 -2.10 10.56 17.40
N SER F 83 -3.10 9.70 17.51
CA SER F 83 -2.81 8.27 17.70
C SER F 83 -2.05 7.77 16.49
N LEU F 84 -1.04 6.95 16.70
CA LEU F 84 -0.23 6.36 15.60
C LEU F 84 -1.09 5.36 14.83
N PRO F 85 -0.93 5.19 13.51
CA PRO F 85 -1.67 4.17 12.77
C PRO F 85 -1.57 2.83 13.49
N ARG F 86 -2.54 1.92 13.33
CA ARG F 86 -2.53 0.70 14.12
C ARG F 86 -1.72 -0.42 13.49
N SER F 87 -1.29 -0.26 12.23
CA SER F 87 -0.36 -1.21 11.65
C SER F 87 0.97 -1.23 12.41
N SER F 88 1.39 -0.08 12.92
CA SER F 88 2.56 0.03 13.81
C SER F 88 2.09 0.77 15.06
N PRO F 89 1.31 0.09 15.90
CA PRO F 89 0.51 0.81 16.91
C PRO F 89 1.31 1.37 18.07
N PHE F 90 2.59 1.05 18.21
CA PHE F 90 3.35 1.49 19.36
C PHE F 90 4.69 2.06 18.93
N SER F 91 5.12 3.09 19.66
CA SER F 91 6.43 3.69 19.51
C SER F 91 6.80 4.35 20.83
N PRO F 92 7.91 3.96 21.47
CA PRO F 92 8.23 4.57 22.76
C PRO F 92 8.41 6.07 22.69
N HIS F 93 8.88 6.56 21.55
CA HIS F 93 9.14 7.98 21.32
C HIS F 93 8.11 8.50 20.34
N MET F 94 7.68 9.75 20.54
CA MET F 94 6.78 10.37 19.58
C MET F 94 7.43 10.38 18.20
N VAL F 95 6.66 10.00 17.18
CA VAL F 95 7.19 9.83 15.84
C VAL F 95 6.94 11.10 15.05
N VAL F 96 8.00 11.88 14.81
CA VAL F 96 7.88 13.03 13.93
C VAL F 96 7.91 12.56 12.49
N SER F 97 6.87 12.90 11.74
CA SER F 97 6.75 12.52 10.34
C SER F 97 6.63 13.78 9.51
N THR F 98 7.50 13.91 8.52
CA THR F 98 7.58 15.11 7.70
C THR F 98 7.19 14.77 6.27
N HIS F 99 6.24 15.52 5.72
CA HIS F 99 5.83 15.41 4.34
C HIS F 99 5.99 16.77 3.68
N VAL F 100 6.80 16.83 2.63
CA VAL F 100 7.06 18.07 1.91
C VAL F 100 6.71 17.86 0.46
N LYS F 101 5.82 18.69 -0.07
CA LYS F 101 5.36 18.57 -1.44
C LYS F 101 5.37 19.94 -2.11
N TYR F 102 5.92 19.97 -3.32
CA TYR F 102 5.85 21.18 -4.12
C TYR F 102 4.40 21.26 -4.52
N ALA F 103 3.83 22.45 -4.56
CA ALA F 103 2.44 22.65 -4.99
C ALA F 103 2.44 22.36 -6.47
N PRO F 104 1.31 21.99 -7.07
CA PRO F 104 1.31 21.59 -8.45
C PRO F 104 1.82 22.80 -9.22
N PHE F 105 1.51 24.00 -8.76
CA PHE F 105 1.96 25.24 -9.42
C PHE F 105 3.47 25.30 -9.34
N ALA F 106 4.05 24.82 -8.25
CA ALA F 106 5.52 24.84 -8.02
C ALA F 106 6.23 23.57 -8.51
N THR F 107 5.53 22.57 -9.05
CA THR F 107 6.14 21.29 -9.48
C THR F 107 7.08 21.52 -10.65
N LYS F 108 8.15 20.76 -10.74
CA LYS F 108 9.12 20.90 -11.86
C LYS F 108 8.39 20.60 -13.16
N GLN F 109 7.54 19.57 -13.16
CA GLN F 109 6.78 19.16 -14.36
C GLN F 109 5.29 19.30 -14.06
N ARG F 110 4.51 19.93 -14.94
CA ARG F 110 3.05 20.08 -14.77
C ARG F 110 2.50 18.68 -14.89
N ARG F 111 3.07 17.85 -15.77
CA ARG F 111 2.76 16.41 -15.77
C ARG F 111 4.08 15.73 -15.44
N GLY F 112 4.13 14.96 -14.35
CA GLY F 112 5.37 14.28 -13.93
C GLY F 112 5.18 12.79 -13.77
N TYR F 113 6.01 11.98 -14.43
CA TYR F 113 6.00 10.51 -14.25
C TYR F 113 6.40 10.20 -12.81
N LEU F 114 7.38 10.92 -12.27
CA LEU F 114 7.95 10.62 -10.93
C LEU F 114 7.91 11.84 -10.02
N ARG F 115 7.62 11.64 -8.74
CA ARG F 115 7.63 12.73 -7.73
C ARG F 115 9.08 13.20 -7.63
N ASP F 116 9.33 14.48 -7.40
CA ASP F 116 10.72 14.98 -7.45
C ASP F 116 11.50 14.28 -6.36
N PRO F 117 12.76 13.89 -6.62
CA PRO F 117 13.57 13.32 -5.57
C PRO F 117 13.68 14.48 -4.58
N THR F 118 13.84 15.71 -5.05
CA THR F 118 14.00 16.90 -4.20
C THR F 118 12.97 16.93 -3.09
N GLU F 119 11.72 16.53 -3.33
CA GLU F 119 10.65 16.62 -2.32
C GLU F 119 10.97 15.64 -1.21
N ARG F 120 11.44 14.45 -1.58
CA ARG F 120 11.77 13.40 -0.59
C ARG F 120 12.98 13.87 0.21
N ASP F 121 13.99 14.41 -0.48
CA ASP F 121 15.21 14.87 0.16
C ASP F 121 14.90 15.94 1.20
N LEU F 122 14.13 16.95 0.82
CA LEU F 122 13.79 18.01 1.75
C LEU F 122 13.07 17.44 2.97
N GLY F 123 12.27 16.40 2.78
CA GLY F 123 11.62 15.77 3.92
C GLY F 123 12.61 15.21 4.90
N ILE F 124 13.66 14.56 4.41
CA ILE F 124 14.65 13.97 5.30
C ILE F 124 15.41 15.07 6.02
N HIS F 125 15.87 16.09 5.30
CA HIS F 125 16.54 17.19 5.95
C HIS F 125 15.66 17.84 7.00
N LEU F 126 14.44 18.21 6.61
CA LEU F 126 13.54 18.83 7.58
C LEU F 126 13.22 17.87 8.72
N GLU F 127 13.06 16.59 8.41
CA GLU F 127 12.80 15.61 9.46
C GLU F 127 13.94 15.59 10.46
N ALA F 128 15.18 15.56 9.97
CA ALA F 128 16.33 15.58 10.87
C ALA F 128 16.38 16.87 11.67
N ALA F 129 16.12 18.00 11.03
CA ALA F 129 16.19 19.29 11.72
C ALA F 129 15.14 19.37 12.82
N LEU F 130 13.90 19.03 12.51
CA LEU F 130 12.82 19.20 13.49
C LEU F 130 12.89 18.14 14.58
N ARG F 131 13.20 16.90 14.21
CA ARG F 131 13.21 15.84 15.20
C ARG F 131 14.19 16.15 16.32
N GLY F 132 15.30 16.83 15.99
CA GLY F 132 16.22 17.25 17.03
C GLY F 132 15.62 18.29 17.96
N ALA F 133 14.78 19.16 17.42
CA ALA F 133 14.20 20.27 18.17
C ALA F 133 12.92 19.89 18.90
N ILE F 134 12.39 18.68 18.69
CA ILE F 134 11.12 18.26 19.25
C ILE F 134 11.40 17.24 20.34
N ILE F 135 10.71 17.35 21.47
CA ILE F 135 10.88 16.43 22.58
C ILE F 135 10.01 15.22 22.31
N ALA F 136 10.64 14.11 21.90
CA ALA F 136 9.89 12.89 21.61
C ALA F 136 9.45 12.21 22.90
N ASP F 137 10.28 12.31 23.95
CA ASP F 137 9.95 11.65 25.21
C ASP F 137 8.62 12.12 25.78
N ARG F 138 8.22 13.36 25.50
CA ARG F 138 7.02 13.91 26.13
C ARG F 138 5.79 13.08 25.79
N TRP F 139 5.67 12.62 24.56
CA TRP F 139 4.43 12.05 24.03
C TRP F 139 4.72 10.67 23.46
N PRO F 140 4.87 9.66 24.33
CA PRO F 140 5.08 8.31 23.85
C PRO F 140 3.79 7.70 23.31
N LYS F 141 3.86 6.84 22.32
CA LYS F 141 2.68 6.11 21.77
C LYS F 141 1.93 7.02 20.82
N SER F 142 2.45 8.21 20.54
CA SER F 142 1.76 9.20 19.68
C SER F 142 2.65 9.61 18.53
N GLY F 143 2.05 10.23 17.52
CA GLY F 143 2.79 10.76 16.39
C GLY F 143 2.39 12.18 16.06
N VAL F 144 3.30 12.93 15.45
CA VAL F 144 3.05 14.30 15.01
C VAL F 144 3.51 14.43 13.57
N ASP F 145 2.67 14.99 12.71
CA ASP F 145 2.98 15.06 11.27
C ASP F 145 3.12 16.49 10.79
N ILE F 146 4.30 16.89 10.36
CA ILE F 146 4.58 18.21 9.84
C ILE F 146 4.49 18.14 8.32
N ILE F 147 3.53 18.84 7.74
CA ILE F 147 3.32 18.86 6.31
C ILE F 147 3.70 20.23 5.79
N ILE F 148 4.64 20.27 4.84
CA ILE F 148 5.07 21.50 4.20
C ILE F 148 4.58 21.48 2.77
N SER F 149 3.87 22.54 2.38
CA SER F 149 3.45 22.72 1.00
C SER F 149 4.27 23.85 0.41
N ILE F 150 5.16 23.52 -0.51
CA ILE F 150 6.01 24.53 -1.12
C ILE F 150 5.16 25.25 -2.16
N ILE F 151 4.47 26.29 -1.73
CA ILE F 151 3.54 26.98 -2.62
C ILE F 151 4.27 27.54 -3.83
N GLU F 152 5.42 28.15 -3.61
CA GLU F 152 6.16 28.80 -4.68
C GLU F 152 7.64 28.75 -4.33
N GLY F 153 8.46 28.46 -5.33
CA GLY F 153 9.89 28.53 -5.16
C GLY F 153 10.43 29.90 -5.54
N ASP F 154 11.58 30.25 -4.95
CA ASP F 154 12.17 31.54 -5.24
C ASP F 154 12.52 31.70 -6.71
N GLN F 155 12.62 30.61 -7.45
CA GLN F 155 12.83 30.64 -8.88
C GLN F 155 12.02 29.51 -9.51
N ASP F 156 11.48 29.77 -10.70
CA ASP F 156 10.64 28.78 -11.35
C ASP F 156 11.44 27.50 -11.58
N ARG F 157 10.78 26.35 -11.39
CA ARG F 157 11.50 25.09 -11.39
C ARG F 157 12.23 24.85 -12.70
N GLU F 158 11.52 24.95 -13.82
CA GLU F 158 12.16 24.73 -15.12
C GLU F 158 13.22 25.78 -15.41
N ALA F 159 13.08 26.99 -14.86
CA ALA F 159 14.10 28.00 -15.03
C ALA F 159 15.33 27.72 -14.16
N SER F 160 15.12 27.13 -12.98
CA SER F 160 16.24 26.85 -12.08
C SER F 160 17.27 25.94 -12.73
N LYS F 161 16.84 25.04 -13.63
CA LYS F 161 17.79 24.18 -14.32
C LYS F 161 18.87 24.98 -15.02
N THR F 162 18.51 26.13 -15.60
CA THR F 162 19.48 26.98 -16.27
C THR F 162 20.41 27.69 -15.30
N GLN F 163 19.95 27.96 -14.08
CA GLN F 163 20.70 28.75 -13.11
C GLN F 163 21.74 27.92 -12.36
N GLY F 164 22.67 27.30 -13.07
CA GLY F 164 23.77 26.62 -12.44
C GLY F 164 23.39 25.31 -11.78
N ASP F 165 22.64 25.38 -10.69
CA ASP F 165 22.31 24.19 -9.91
C ASP F 165 21.08 24.45 -9.07
N GLU F 166 20.18 23.47 -9.01
CA GLU F 166 19.02 23.56 -8.13
C GLU F 166 19.40 23.43 -6.66
N VAL F 167 20.57 22.86 -6.37
CA VAL F 167 20.92 22.58 -4.99
C VAL F 167 20.89 23.85 -4.16
N TRP F 168 21.40 24.96 -4.71
CA TRP F 168 21.36 26.21 -3.97
C TRP F 168 19.93 26.60 -3.63
N ASP F 169 19.02 26.46 -4.60
CA ASP F 169 17.62 26.72 -4.33
C ASP F 169 17.07 25.79 -3.26
N MET F 170 17.44 24.52 -3.32
CA MET F 170 16.96 23.57 -2.32
C MET F 170 17.40 24.00 -0.92
N MET F 171 18.63 24.47 -0.78
CA MET F 171 19.10 24.95 0.51
C MET F 171 18.26 26.14 0.98
N ASN F 172 17.97 27.07 0.07
CA ASN F 172 17.08 28.17 0.41
C ASN F 172 15.72 27.65 0.84
N THR F 173 15.18 26.70 0.08
CA THR F 173 13.88 26.12 0.42
C THR F 173 13.95 25.45 1.78
N LEU F 174 15.00 24.67 2.03
CA LEU F 174 15.10 23.97 3.32
C LEU F 174 15.17 24.97 4.46
N SER F 175 15.93 26.04 4.29
CA SER F 175 16.01 27.06 5.34
C SER F 175 14.63 27.59 5.67
N GLY F 176 13.82 27.87 4.66
CA GLY F 176 12.46 28.31 4.91
C GLY F 176 11.64 27.24 5.60
N CYS F 177 11.76 26.00 5.14
CA CYS F 177 11.00 24.90 5.72
C CYS F 177 11.27 24.78 7.22
N ILE F 178 12.53 24.88 7.61
CA ILE F 178 12.88 24.78 9.01
C ILE F 178 12.21 25.89 9.80
N THR F 179 12.28 27.12 9.29
CA THR F 179 11.72 28.26 10.01
C THR F 179 10.21 28.13 10.13
N VAL F 180 9.52 27.90 9.01
CA VAL F 180 8.06 27.84 9.03
C VAL F 180 7.60 26.66 9.87
N ALA F 181 8.26 25.50 9.72
CA ALA F 181 7.87 24.34 10.50
C ALA F 181 8.00 24.62 11.99
N SER F 182 9.08 25.30 12.40
CA SER F 182 9.23 25.65 13.79
C SER F 182 8.11 26.58 14.24
N ALA F 183 7.72 27.53 13.38
CA ALA F 183 6.59 28.40 13.72
C ALA F 183 5.34 27.57 13.93
N ALA F 184 5.07 26.63 13.03
CA ALA F 184 3.91 25.76 13.20
C ALA F 184 4.02 24.92 14.45
N LEU F 185 5.19 24.34 14.71
CA LEU F 185 5.37 23.53 15.91
C LEU F 185 5.08 24.35 17.16
N ALA F 186 5.62 25.56 17.23
CA ALA F 186 5.30 26.43 18.35
C ALA F 186 3.81 26.71 18.42
N ASP F 187 3.19 26.95 17.26
CA ASP F 187 1.75 27.19 17.23
C ASP F 187 0.98 25.97 17.75
N ALA F 188 1.41 24.77 17.33
CA ALA F 188 0.74 23.55 17.74
C ALA F 188 0.96 23.21 19.21
N GLY F 189 1.82 23.95 19.91
CA GLY F 189 2.12 23.63 21.28
C GLY F 189 2.86 22.33 21.44
N ILE F 190 3.70 21.96 20.46
CA ILE F 190 4.54 20.72 20.53
C ILE F 190 5.78 21.03 21.35
N ASP F 191 6.01 20.31 22.44
CA ASP F 191 7.20 20.50 23.30
C ASP F 191 8.41 20.51 22.38
N CYS F 192 9.14 21.62 22.30
CA CYS F 192 10.37 21.71 21.47
C CYS F 192 11.50 22.18 22.37
N VAL F 193 12.70 21.66 22.17
CA VAL F 193 13.84 21.97 23.06
C VAL F 193 14.09 23.46 22.96
N ASP F 194 14.07 23.98 21.75
CA ASP F 194 14.26 25.42 21.49
C ASP F 194 13.63 25.70 20.15
N THR F 195 13.30 26.93 19.83
CA THR F 195 12.82 27.24 18.49
C THR F 195 13.99 26.96 17.57
N VAL F 196 13.79 26.30 16.44
CA VAL F 196 14.84 26.06 15.44
C VAL F 196 14.51 26.90 14.22
N ALA F 197 15.46 27.66 13.73
CA ALA F 197 15.26 28.49 12.54
C ALA F 197 16.25 28.01 11.51
N GLY F 198 15.93 28.16 10.24
CA GLY F 198 16.78 27.70 9.16
C GLY F 198 17.64 28.80 8.56
N GLY F 199 18.94 28.73 8.81
CA GLY F 199 19.88 29.68 8.23
C GLY F 199 20.66 29.06 7.08
N VAL F 200 21.00 29.89 6.10
CA VAL F 200 21.78 29.46 4.95
C VAL F 200 22.77 30.55 4.58
N ALA F 201 23.99 30.15 4.25
CA ALA F 201 25.04 31.08 3.88
C ALA F 201 25.88 30.45 2.78
N ALA F 202 26.56 31.30 2.01
CA ALA F 202 27.30 30.84 0.86
C ALA F 202 28.64 31.56 0.76
N LEU F 203 29.60 30.86 0.17
CA LEU F 203 30.86 31.45 -0.25
C LEU F 203 30.77 31.72 -1.75
N VAL F 204 30.92 32.99 -2.13
CA VAL F 204 30.67 33.42 -3.50
C VAL F 204 31.85 34.23 -4.00
N GLN F 205 32.00 34.29 -5.31
CA GLN F 205 33.09 35.01 -5.97
C GLN F 205 32.52 35.65 -7.23
N ASP F 206 32.15 36.92 -7.13
CA ASP F 206 31.57 37.65 -8.24
C ASP F 206 32.61 38.45 -9.04
N SER F 207 33.89 38.35 -8.68
CA SER F 207 34.93 39.08 -9.38
C SER F 207 36.23 38.31 -9.22
N ASP F 208 37.30 38.84 -9.82
CA ASP F 208 38.62 38.23 -9.67
C ASP F 208 39.16 38.36 -8.25
N GLY F 209 38.54 39.19 -7.42
CA GLY F 209 38.95 39.30 -6.04
C GLY F 209 38.55 38.10 -5.22
N SER F 210 38.95 38.11 -3.96
CA SER F 210 38.71 36.98 -3.10
C SER F 210 37.21 36.78 -2.88
N PRO F 211 36.77 35.55 -2.63
CA PRO F 211 35.34 35.30 -2.45
C PRO F 211 34.83 35.87 -1.13
N GLU F 212 33.53 36.17 -1.12
CA GLU F 212 32.88 36.68 0.07
C GLU F 212 31.98 35.62 0.69
N ILE F 213 31.76 35.73 1.99
CA ILE F 213 30.74 34.96 2.68
C ILE F 213 29.45 35.77 2.66
N VAL F 214 28.36 35.15 2.20
CA VAL F 214 27.11 35.85 1.96
C VAL F 214 25.99 35.08 2.63
N VAL F 215 25.17 35.78 3.41
CA VAL F 215 24.04 35.18 4.10
C VAL F 215 22.82 35.20 3.18
N ASP F 216 22.06 34.12 3.20
CA ASP F 216 20.81 34.01 2.47
C ASP F 216 21.03 34.39 1.01
N PRO F 217 21.74 33.57 0.25
CA PRO F 217 22.07 33.92 -1.13
C PRO F 217 20.94 33.55 -2.09
N ILE F 218 21.10 33.99 -3.33
CA ILE F 218 20.33 33.47 -4.44
C ILE F 218 21.29 33.33 -5.62
N PRO F 219 21.38 32.16 -6.24
CA PRO F 219 22.47 31.95 -7.23
C PRO F 219 22.45 32.94 -8.37
N SER F 220 21.27 33.44 -8.76
CA SER F 220 21.23 34.37 -9.88
C SER F 220 21.96 35.66 -9.57
N GLU F 221 22.05 36.04 -8.29
CA GLU F 221 22.72 37.29 -7.92
C GLU F 221 24.24 37.16 -7.89
N HIS F 222 24.79 35.96 -8.06
CA HIS F 222 26.23 35.76 -7.96
C HIS F 222 26.73 35.02 -9.18
N ARG F 223 27.94 35.37 -9.61
CA ARG F 223 28.51 34.74 -10.79
C ARG F 223 28.97 33.32 -10.50
N LYS F 224 29.30 33.00 -9.26
CA LYS F 224 29.79 31.67 -8.92
C LYS F 224 29.66 31.45 -7.43
N ILE F 225 28.88 30.44 -7.04
CA ILE F 225 28.80 30.02 -5.65
C ILE F 225 29.80 28.89 -5.43
N LEU F 226 30.87 29.18 -4.71
CA LEU F 226 31.89 28.17 -4.46
C LEU F 226 31.39 27.12 -3.48
N ALA F 227 30.70 27.54 -2.43
CA ALA F 227 30.14 26.61 -1.47
C ALA F 227 29.00 27.29 -0.72
N ALA F 228 28.15 26.47 -0.13
CA ALA F 228 27.04 26.98 0.65
C ALA F 228 26.75 26.03 1.80
N CYS F 229 26.10 26.55 2.84
CA CYS F 229 25.81 25.79 4.03
C CYS F 229 24.43 26.14 4.53
N CYS F 230 23.63 25.12 4.84
CA CYS F 230 22.31 25.29 5.43
C CYS F 230 22.33 24.71 6.83
N VAL F 231 21.82 25.46 7.79
CA VAL F 231 21.97 25.10 9.20
C VAL F 231 20.65 25.28 9.94
N ALA F 232 20.15 24.20 10.53
CA ALA F 232 19.07 24.29 11.49
C ALA F 232 19.70 24.48 12.86
N TYR F 233 19.52 25.67 13.44
CA TYR F 233 20.29 26.07 14.61
C TYR F 233 19.35 26.50 15.73
N LEU F 234 19.75 26.18 16.97
CA LEU F 234 18.97 26.46 18.17
C LEU F 234 19.72 27.48 19.00
N PRO F 235 19.43 28.78 18.85
CA PRO F 235 20.23 29.79 19.55
C PRO F 235 20.25 29.62 21.05
N MET F 236 19.13 29.27 21.68
CA MET F 236 19.13 29.09 23.13
C MET F 236 19.93 27.87 23.55
N ARG F 237 20.13 26.92 22.65
CA ARG F 237 20.96 25.75 22.91
C ARG F 237 22.34 25.87 22.31
N ASP F 238 22.55 26.79 21.38
CA ASP F 238 23.79 26.89 20.64
C ASP F 238 24.12 25.56 19.97
N GLU F 239 23.09 24.90 19.46
CA GLU F 239 23.20 23.57 18.87
C GLU F 239 22.66 23.59 17.45
N VAL F 240 23.20 22.71 16.62
CA VAL F 240 22.76 22.54 15.25
C VAL F 240 22.11 21.18 15.13
N THR F 241 20.83 21.16 14.75
CA THR F 241 20.12 19.90 14.58
C THR F 241 20.29 19.32 13.19
N ASN F 242 20.59 20.14 12.20
CA ASN F 242 20.79 19.65 10.83
C ASN F 242 21.78 20.57 10.14
N LEU F 243 22.97 20.05 9.87
CA LEU F 243 23.99 20.78 9.11
C LEU F 243 24.04 20.20 7.71
N TRP F 244 23.97 21.07 6.71
CA TRP F 244 24.08 20.66 5.32
C TRP F 244 25.02 21.62 4.61
N PHE F 245 26.09 21.07 4.04
CA PHE F 245 27.09 21.85 3.35
C PHE F 245 27.40 21.19 2.01
N ARG F 246 27.67 22.02 1.01
CA ARG F 246 28.11 21.52 -0.29
C ARG F 246 29.00 22.55 -0.93
N GLY F 247 30.00 22.09 -1.67
CA GLY F 247 30.96 22.96 -2.34
C GLY F 247 32.37 22.45 -2.19
N ASP F 248 33.16 22.64 -3.24
CA ASP F 248 34.56 22.24 -3.25
C ASP F 248 35.36 23.25 -2.46
N LEU F 249 35.79 22.88 -1.26
CA LEU F 249 36.64 23.72 -0.43
C LEU F 249 37.92 22.97 -0.08
N PRO F 250 39.09 23.51 -0.39
CA PRO F 250 40.33 22.87 0.05
C PRO F 250 40.38 22.78 1.57
N ALA F 251 40.96 21.69 2.08
CA ALA F 251 41.13 21.56 3.52
C ALA F 251 41.97 22.69 4.10
N SER F 252 42.81 23.32 3.27
CA SER F 252 43.53 24.50 3.71
C SER F 252 42.59 25.65 4.05
N ASP F 253 41.39 25.66 3.48
CA ASP F 253 40.39 26.70 3.74
C ASP F 253 39.43 26.30 4.86
N MET F 254 39.90 25.50 5.82
CA MET F 254 39.04 25.13 6.93
C MET F 254 38.51 26.36 7.65
N ASP F 255 39.28 27.45 7.68
CA ASP F 255 38.80 28.68 8.29
C ASP F 255 37.59 29.22 7.54
N LEU F 256 37.63 29.22 6.21
CA LEU F 256 36.50 29.69 5.44
C LEU F 256 35.26 28.85 5.73
N TYR F 257 35.41 27.53 5.77
CA TYR F 257 34.29 26.68 6.14
C TYR F 257 33.76 27.06 7.52
N THR F 258 34.67 27.25 8.48
CA THR F 258 34.25 27.62 9.82
C THR F 258 33.49 28.94 9.80
N GLU F 259 34.00 29.93 9.07
CA GLU F 259 33.28 31.18 8.91
C GLU F 259 31.96 30.94 8.18
N LEU F 260 31.98 30.12 7.13
CA LEU F 260 30.77 29.87 6.37
C LEU F 260 29.68 29.29 7.25
N VAL F 261 30.03 28.34 8.11
CA VAL F 261 29.05 27.80 9.04
C VAL F 261 28.60 28.87 10.02
N GLU F 262 29.54 29.66 10.54
CA GLU F 262 29.18 30.66 11.54
C GLU F 262 28.21 31.69 10.97
N LYS F 263 28.48 32.19 9.77
CA LYS F 263 27.53 33.09 9.15
C LYS F 263 26.21 32.39 8.86
N GLY F 264 26.28 31.14 8.41
CA GLY F 264 25.06 30.37 8.24
C GLY F 264 24.28 30.27 9.54
N ILE F 265 24.99 30.10 10.66
CA ILE F 265 24.32 30.16 11.96
C ILE F 265 23.82 31.57 12.22
N GLN F 266 24.60 32.58 11.82
CA GLN F 266 24.15 33.95 11.99
C GLN F 266 22.86 34.18 11.23
N ALA F 267 22.76 33.63 10.02
CA ALA F 267 21.50 33.71 9.28
C ALA F 267 20.38 33.05 10.05
N SER F 268 20.66 31.89 10.65
CA SER F 268 19.64 31.22 11.45
C SER F 268 19.21 32.10 12.63
N ARG F 269 20.17 32.74 13.30
CA ARG F 269 19.80 33.68 14.35
C ARG F 269 18.93 34.80 13.79
N SER F 270 19.33 35.35 12.64
CA SER F 270 18.53 36.42 12.04
C SER F 270 17.12 35.94 11.74
N ALA F 271 16.99 34.76 11.13
CA ALA F 271 15.67 34.22 10.86
C ALA F 271 14.92 33.94 12.16
N ASN F 272 15.61 33.41 13.17
CA ASN F 272 14.96 33.15 14.45
C ASN F 272 14.42 34.44 15.05
N ARG F 273 15.07 35.57 14.78
CA ARG F 273 14.58 36.84 15.29
C ARG F 273 13.16 37.10 14.78
N VAL F 274 12.95 36.94 13.49
CA VAL F 274 11.60 37.08 12.94
C VAL F 274 10.67 36.03 13.54
N LEU F 275 11.17 34.81 13.68
CA LEU F 275 10.33 33.71 14.16
C LEU F 275 9.81 34.01 15.56
N VAL F 276 10.68 34.48 16.46
CA VAL F 276 10.23 34.80 17.81
C VAL F 276 9.31 36.00 17.80
N ASP F 277 9.61 37.00 16.96
CA ASP F 277 8.74 38.17 16.88
C ASP F 277 7.34 37.78 16.43
N CYS F 278 7.23 36.93 15.42
CA CYS F 278 5.92 36.46 14.97
C CYS F 278 5.21 35.68 16.06
N LEU F 279 5.92 34.80 16.75
CA LEU F 279 5.29 33.99 17.79
C LEU F 279 4.91 34.85 18.99
N THR F 280 5.76 35.83 19.35
CA THR F 280 5.43 36.71 20.46
C THR F 280 4.15 37.49 20.17
N GLU F 281 4.06 38.11 19.00
CA GLU F 281 2.87 38.87 18.65
C GLU F 281 1.66 37.96 18.47
N THR F 282 1.87 36.69 18.12
CA THR F 282 0.75 35.76 18.02
C THR F 282 0.07 35.55 19.35
N VAL F 283 0.81 35.72 20.45
CA VAL F 283 0.26 35.54 21.79
C VAL F 283 0.74 36.66 22.70
N THR G 5 -54.57 -14.54 -4.56
CA THR G 5 -53.13 -14.81 -4.33
C THR G 5 -52.51 -13.72 -3.46
N ARG G 6 -51.28 -13.94 -3.03
CA ARG G 6 -50.63 -13.01 -2.12
C ARG G 6 -50.30 -11.70 -2.84
N PRO G 7 -50.39 -10.56 -2.16
CA PRO G 7 -50.07 -9.29 -2.82
C PRO G 7 -48.56 -9.06 -2.89
N PHE G 8 -48.09 -8.70 -4.07
CA PHE G 8 -46.68 -8.36 -4.26
C PHE G 8 -46.43 -6.91 -3.82
N VAL G 9 -45.32 -6.69 -3.13
CA VAL G 9 -45.01 -5.39 -2.56
C VAL G 9 -43.55 -5.05 -2.81
N LEU G 10 -43.31 -3.84 -3.30
CA LEU G 10 -41.97 -3.28 -3.40
C LEU G 10 -41.59 -2.61 -2.09
N PRO G 11 -40.30 -2.42 -1.83
CA PRO G 11 -39.90 -1.75 -0.58
C PRO G 11 -40.50 -0.36 -0.49
N GLY G 12 -40.91 0.02 0.71
CA GLY G 12 -41.52 1.31 0.95
C GLY G 12 -43.02 1.36 0.70
N GLU G 13 -43.60 0.34 0.06
CA GLU G 13 -45.04 0.29 -0.18
C GLU G 13 -45.72 -0.13 1.11
N THR G 14 -46.14 0.87 1.88
CA THR G 14 -46.73 0.60 3.20
C THR G 14 -47.91 -0.35 3.08
N ILE G 15 -47.95 -1.33 3.97
CA ILE G 15 -49.01 -2.33 3.96
C ILE G 15 -50.30 -1.68 4.44
N ASP G 16 -51.37 -1.85 3.68
CA ASP G 16 -52.65 -1.31 4.09
C ASP G 16 -53.10 -2.00 5.39
N PRO G 17 -53.60 -1.25 6.37
CA PRO G 17 -54.00 -1.88 7.63
C PRO G 17 -55.08 -2.94 7.46
N SER G 18 -55.86 -2.89 6.39
CA SER G 18 -56.83 -3.94 6.13
C SER G 18 -56.13 -5.29 5.97
N LEU G 19 -55.01 -5.32 5.26
CA LEU G 19 -54.24 -6.55 5.12
C LEU G 19 -53.55 -6.95 6.42
N VAL G 20 -53.23 -5.98 7.27
CA VAL G 20 -52.45 -6.23 8.47
C VAL G 20 -53.25 -7.12 9.43
N PRO G 21 -52.73 -8.28 9.83
CA PRO G 21 -53.39 -9.05 10.89
C PRO G 21 -53.33 -8.31 12.21
N THR G 22 -54.45 -8.33 12.94
CA THR G 22 -54.53 -7.74 14.27
C THR G 22 -55.13 -8.77 15.22
N HIS G 23 -54.42 -9.06 16.30
CA HIS G 23 -54.91 -9.96 17.33
C HIS G 23 -54.69 -9.33 18.69
N PRO G 24 -55.75 -9.10 19.48
CA PRO G 24 -55.54 -8.44 20.78
C PRO G 24 -54.64 -9.24 21.71
N LYS G 25 -54.72 -10.57 21.65
CA LYS G 25 -53.93 -11.42 22.53
C LYS G 25 -52.45 -11.33 22.22
N HIS G 26 -52.09 -11.37 20.95
CA HIS G 26 -50.66 -11.43 20.60
C HIS G 26 -50.21 -10.19 19.83
N PRO G 27 -49.06 -9.61 20.15
CA PRO G 27 -48.46 -8.58 19.29
C PRO G 27 -48.04 -9.19 17.96
N LEU G 28 -48.10 -8.41 16.89
CA LEU G 28 -47.80 -8.92 15.54
C LEU G 28 -46.34 -9.34 15.46
N ARG G 29 -46.07 -10.58 15.14
CA ARG G 29 -44.72 -11.14 15.02
C ARG G 29 -44.28 -10.95 13.57
N LEU G 30 -43.61 -9.84 13.31
CA LEU G 30 -43.15 -9.53 11.95
C LEU G 30 -41.94 -10.39 11.60
N GLY G 31 -41.97 -10.99 10.42
CA GLY G 31 -40.89 -11.83 9.96
C GLY G 31 -39.95 -11.08 9.04
N PRO G 32 -39.23 -11.82 8.18
CA PRO G 32 -38.30 -11.17 7.26
C PRO G 32 -39.00 -10.21 6.32
N GLY G 33 -38.30 -9.14 5.97
CA GLY G 33 -38.74 -8.24 4.92
C GLY G 33 -39.74 -7.19 5.33
N LEU G 34 -40.06 -7.07 6.62
CA LEU G 34 -41.00 -6.06 7.09
C LEU G 34 -40.35 -5.21 8.18
N ARG G 35 -40.78 -3.95 8.25
CA ARG G 35 -40.24 -2.98 9.19
C ARG G 35 -41.40 -2.25 9.85
N HIS G 36 -41.36 -2.16 11.18
CA HIS G 36 -42.37 -1.44 11.93
C HIS G 36 -41.87 -0.04 12.27
N VAL G 37 -42.81 0.90 12.36
CA VAL G 37 -42.50 2.27 12.73
C VAL G 37 -43.44 2.71 13.85
N PRO G 38 -43.05 3.67 14.69
CA PRO G 38 -43.88 4.03 15.84
C PRO G 38 -45.30 4.39 15.45
N PRO G 39 -45.50 5.07 14.30
CA PRO G 39 -46.87 5.37 13.86
C PRO G 39 -47.75 4.14 13.67
N SER G 40 -47.19 2.95 13.88
CA SER G 40 -47.92 1.68 13.74
C SER G 40 -48.13 1.30 12.28
N ASP G 41 -47.32 1.84 11.40
CA ASP G 41 -47.35 1.44 10.00
C ASP G 41 -46.36 0.33 9.76
N ILE G 42 -46.72 -0.58 8.86
CA ILE G 42 -45.88 -1.70 8.47
C ILE G 42 -45.41 -1.45 7.05
N ILE G 43 -44.08 -1.38 6.87
CA ILE G 43 -43.48 -1.05 5.59
C ILE G 43 -42.62 -2.24 5.17
N PRO G 44 -42.80 -2.79 3.97
CA PRO G 44 -41.88 -3.82 3.50
C PRO G 44 -40.53 -3.22 3.16
N THR G 45 -39.47 -3.95 3.48
CA THR G 45 -38.13 -3.51 3.19
C THR G 45 -37.56 -4.14 1.93
N VAL G 46 -38.18 -5.20 1.40
CA VAL G 46 -37.67 -5.92 0.26
C VAL G 46 -38.82 -6.21 -0.70
N ALA G 47 -38.47 -6.43 -1.96
CA ALA G 47 -39.47 -6.81 -2.94
C ALA G 47 -39.84 -8.26 -2.77
N GLY G 48 -41.13 -8.54 -2.74
CA GLY G 48 -41.58 -9.90 -2.52
C GLY G 48 -43.09 -9.94 -2.40
N GLN G 49 -43.58 -11.08 -1.90
CA GLN G 49 -45.01 -11.29 -1.71
C GLN G 49 -45.31 -11.35 -0.22
N LEU G 50 -46.33 -10.60 0.21
CA LEU G 50 -46.68 -10.54 1.61
C LEU G 50 -47.34 -11.84 2.06
N ILE G 51 -46.89 -12.36 3.20
CA ILE G 51 -47.45 -13.57 3.80
C ILE G 51 -48.05 -13.21 5.13
N THR G 52 -49.25 -13.73 5.40
CA THR G 52 -49.92 -13.56 6.68
C THR G 52 -50.33 -14.91 7.22
N ASN G 53 -50.16 -15.09 8.53
CA ASN G 53 -50.50 -16.35 9.20
C ASN G 53 -51.28 -15.98 10.47
N LEU G 54 -52.61 -15.90 10.33
CA LEU G 54 -53.45 -15.47 11.43
C LEU G 54 -53.38 -16.43 12.62
N ASN G 55 -53.06 -17.70 12.37
CA ASN G 55 -52.91 -18.64 13.48
C ASN G 55 -51.85 -18.18 14.45
N LYS G 56 -50.80 -17.52 13.95
CA LYS G 56 -49.73 -17.00 14.78
C LYS G 56 -49.77 -15.48 14.90
N ASN G 57 -50.76 -14.83 14.30
CA ASN G 57 -50.76 -13.38 14.21
C ASN G 57 -49.41 -12.91 13.69
N SER G 58 -48.90 -13.62 12.69
CA SER G 58 -47.57 -13.36 12.14
C SER G 58 -47.69 -12.95 10.68
N MET G 59 -46.74 -12.13 10.24
CA MET G 59 -46.76 -11.60 8.88
C MET G 59 -45.34 -11.30 8.45
N TRP G 60 -45.05 -11.53 7.18
CA TRP G 60 -43.71 -11.32 6.65
C TRP G 60 -43.79 -11.32 5.13
N VAL G 61 -42.68 -10.91 4.51
CA VAL G 61 -42.57 -10.86 3.06
C VAL G 61 -41.73 -12.06 2.62
N GLU G 62 -42.28 -12.87 1.74
CA GLU G 62 -41.55 -14.01 1.21
C GLU G 62 -40.72 -13.57 0.01
N TYR G 63 -39.43 -13.89 0.03
CA TYR G 63 -38.55 -13.52 -1.06
C TYR G 63 -37.35 -14.44 -1.03
N ASN G 64 -36.61 -14.45 -2.13
CA ASN G 64 -35.44 -15.29 -2.28
C ASN G 64 -34.20 -14.43 -2.42
N SER G 65 -33.13 -14.82 -1.72
CA SER G 65 -31.89 -14.06 -1.74
C SER G 65 -30.75 -15.01 -1.39
N GLN G 66 -29.52 -14.55 -1.63
CA GLN G 66 -28.34 -15.37 -1.43
C GLN G 66 -27.67 -15.13 -0.08
N ARG G 67 -27.26 -13.90 0.21
CA ARG G 67 -26.43 -13.64 1.39
C ARG G 67 -27.27 -13.80 2.64
N TYR G 68 -26.81 -14.67 3.54
CA TYR G 68 -27.55 -14.94 4.76
C TYR G 68 -27.23 -13.92 5.84
N VAL G 69 -28.27 -13.49 6.56
CA VAL G 69 -28.14 -12.58 7.69
C VAL G 69 -28.30 -13.40 8.95
N PRO G 70 -27.27 -13.57 9.78
CA PRO G 70 -27.41 -14.45 10.94
C PRO G 70 -28.58 -14.01 11.82
N THR G 71 -29.36 -15.00 12.23
CA THR G 71 -30.53 -14.78 13.08
C THR G 71 -30.50 -15.80 14.21
N GLN G 72 -30.84 -15.36 15.41
CA GLN G 72 -30.69 -16.23 16.57
C GLN G 72 -31.57 -17.47 16.42
N ASN G 73 -31.04 -18.59 16.92
CA ASN G 73 -31.69 -19.90 16.93
C ASN G 73 -31.71 -20.57 15.56
N ASP G 74 -31.18 -19.94 14.52
CA ASP G 74 -31.07 -20.61 13.23
C ASP G 74 -29.98 -21.67 13.28
N LEU G 75 -30.16 -22.70 12.45
CA LEU G 75 -29.16 -23.74 12.28
C LEU G 75 -28.39 -23.47 11.01
N VAL G 76 -27.07 -23.34 11.13
CA VAL G 76 -26.22 -22.93 10.03
C VAL G 76 -25.06 -23.91 9.91
N LEU G 77 -24.53 -24.09 8.70
CA LEU G 77 -23.36 -24.97 8.47
C LEU G 77 -22.13 -24.09 8.34
N ALA G 78 -21.65 -23.52 9.44
CA ALA G 78 -20.46 -22.65 9.48
C ALA G 78 -19.20 -23.46 9.25
N GLN G 79 -18.15 -22.87 8.70
CA GLN G 79 -16.84 -23.55 8.51
C GLN G 79 -15.83 -22.87 9.42
N VAL G 80 -15.08 -23.60 10.24
CA VAL G 80 -14.13 -22.97 11.19
C VAL G 80 -13.09 -22.27 10.34
N LEU G 81 -12.70 -21.05 10.67
CA LEU G 81 -11.64 -20.30 9.98
C LEU G 81 -10.34 -20.36 10.77
N ARG G 82 -10.41 -20.23 12.10
CA ARG G 82 -9.22 -20.16 12.98
C ARG G 82 -9.60 -20.57 14.38
N SER G 83 -8.63 -20.87 15.25
CA SER G 83 -8.89 -21.16 16.68
C SER G 83 -8.23 -20.07 17.52
N THR G 84 -8.95 -19.48 18.47
CA THR G 84 -8.43 -18.42 19.38
C THR G 84 -8.15 -19.09 20.74
N GLN G 85 -7.69 -18.35 21.74
CA GLN G 85 -7.31 -18.99 23.00
C GLN G 85 -8.51 -19.65 23.69
N ASP G 86 -9.74 -19.37 23.24
CA ASP G 86 -10.93 -19.87 23.97
C ASP G 86 -12.11 -20.29 23.09
N SER G 87 -12.18 -19.88 21.82
CA SER G 87 -13.33 -20.15 20.92
C SER G 87 -12.80 -20.47 19.54
N TYR G 88 -13.55 -21.11 18.64
CA TYR G 88 -13.11 -21.29 17.25
C TYR G 88 -13.86 -20.28 16.40
N LEU G 89 -13.19 -19.38 15.68
CA LEU G 89 -13.91 -18.47 14.75
C LEU G 89 -14.47 -19.35 13.65
N CYS G 90 -15.70 -19.14 13.19
CA CYS G 90 -16.30 -19.87 12.04
C CYS G 90 -16.95 -18.88 11.09
N LEU G 91 -16.72 -18.97 9.79
CA LEU G 91 -17.39 -18.09 8.80
C LEU G 91 -18.73 -18.69 8.39
N ILE G 92 -19.83 -18.14 8.87
CA ILE G 92 -21.18 -18.70 8.56
C ILE G 92 -21.35 -18.58 7.06
N THR G 93 -21.02 -17.43 6.48
CA THR G 93 -21.20 -17.12 5.05
C THR G 93 -19.84 -16.70 4.50
N PRO G 94 -19.56 -16.70 3.18
CA PRO G 94 -18.20 -16.46 2.72
C PRO G 94 -17.55 -15.12 3.06
N HIS G 95 -18.24 -13.99 3.03
CA HIS G 95 -17.62 -12.70 3.45
C HIS G 95 -18.28 -12.14 4.71
N THR G 96 -19.26 -12.80 5.28
CA THR G 96 -19.89 -12.33 6.53
C THR G 96 -18.80 -12.28 7.60
N PRO G 97 -18.83 -11.33 8.55
CA PRO G 97 -17.86 -11.29 9.65
C PRO G 97 -17.85 -12.61 10.40
N PRO G 98 -16.67 -13.13 10.76
CA PRO G 98 -16.61 -14.47 11.34
C PRO G 98 -17.42 -14.54 12.62
N ALA G 99 -18.14 -15.65 12.78
CA ALA G 99 -18.83 -15.90 14.02
C ALA G 99 -17.88 -16.53 15.03
N THR G 100 -18.28 -16.48 16.30
CA THR G 100 -17.50 -17.05 17.38
C THR G 100 -18.17 -18.33 17.85
N LEU G 101 -17.40 -19.42 17.88
CA LEU G 101 -17.87 -20.70 18.39
C LEU G 101 -17.09 -21.03 19.65
N PRO G 102 -17.68 -20.89 20.84
CA PRO G 102 -16.91 -21.13 22.06
C PRO G 102 -16.35 -22.55 22.09
N HIS G 103 -15.13 -22.67 22.61
CA HIS G 103 -14.46 -23.96 22.65
C HIS G 103 -15.29 -25.03 23.34
N LEU G 104 -16.05 -24.64 24.38
CA LEU G 104 -16.83 -25.59 25.15
C LEU G 104 -18.30 -25.62 24.74
N ALA G 105 -18.61 -25.30 23.49
CA ALA G 105 -19.98 -25.29 23.01
C ALA G 105 -20.41 -26.61 22.39
N PHE G 106 -19.77 -27.72 22.73
CA PHE G 106 -20.09 -29.03 22.19
C PHE G 106 -20.47 -29.99 23.31
N GLU G 107 -21.29 -30.98 22.96
CA GLU G 107 -21.78 -31.93 23.96
C GLU G 107 -20.62 -32.61 24.68
N SER G 108 -20.68 -32.65 26.00
CA SER G 108 -19.66 -33.27 26.85
C SER G 108 -18.30 -32.60 26.69
N ALA G 109 -18.27 -31.36 26.20
CA ALA G 109 -17.00 -30.70 25.96
C ALA G 109 -16.39 -30.16 27.24
N THR G 110 -15.08 -30.33 27.37
CA THR G 110 -14.33 -29.76 28.49
C THR G 110 -12.97 -29.32 27.97
N LYS G 111 -12.21 -28.64 28.83
CA LYS G 111 -10.85 -28.28 28.46
C LYS G 111 -10.00 -29.51 28.17
N LYS G 112 -10.39 -30.68 28.67
CA LYS G 112 -9.71 -31.93 28.39
C LYS G 112 -10.31 -32.64 27.19
N THR G 113 -11.65 -32.72 27.12
CA THR G 113 -12.36 -33.52 26.14
C THR G 113 -12.84 -32.72 24.94
N ARG G 114 -12.40 -31.48 24.78
CA ARG G 114 -12.89 -30.66 23.68
C ARG G 114 -12.51 -31.30 22.35
N PRO G 115 -13.39 -31.29 21.35
CA PRO G 115 -13.00 -31.76 20.02
C PRO G 115 -12.05 -30.77 19.35
N GLN G 116 -10.97 -31.31 18.79
CA GLN G 116 -9.92 -30.48 18.19
C GLN G 116 -10.23 -30.22 16.72
N LEU G 117 -11.14 -29.28 16.49
CA LEU G 117 -11.45 -28.88 15.13
C LEU G 117 -10.26 -28.16 14.51
N GLN G 118 -10.24 -28.12 13.18
CA GLN G 118 -9.12 -27.58 12.43
C GLN G 118 -9.59 -26.52 11.45
N PRO G 119 -8.71 -25.60 11.05
CA PRO G 119 -9.10 -24.59 10.07
C PRO G 119 -9.69 -25.24 8.83
N GLY G 120 -10.85 -24.73 8.42
CA GLY G 120 -11.59 -25.31 7.32
C GLY G 120 -12.52 -26.43 7.71
N GLN G 121 -12.50 -26.85 8.98
CA GLN G 121 -13.40 -27.89 9.43
C GLN G 121 -14.84 -27.40 9.36
N LEU G 122 -15.71 -28.20 8.74
CA LEU G 122 -17.11 -27.86 8.63
C LEU G 122 -17.85 -28.23 9.90
N VAL G 123 -18.70 -27.32 10.38
CA VAL G 123 -19.42 -27.52 11.63
C VAL G 123 -20.87 -27.12 11.42
N TYR G 124 -21.78 -27.94 11.94
CA TYR G 124 -23.21 -27.67 11.88
C TYR G 124 -23.65 -27.19 13.26
N ALA G 125 -24.05 -25.93 13.35
CA ALA G 125 -24.22 -25.28 14.64
C ALA G 125 -25.45 -24.38 14.61
N ARG G 126 -25.97 -24.09 15.80
CA ARG G 126 -27.04 -23.14 15.96
C ARG G 126 -26.48 -21.75 16.22
N VAL G 127 -27.19 -20.74 15.72
CA VAL G 127 -26.79 -19.35 15.96
C VAL G 127 -27.18 -18.99 17.39
N SER G 128 -26.20 -19.06 18.30
CA SER G 128 -26.49 -18.81 19.70
C SER G 128 -26.96 -17.39 19.94
N LEU G 129 -26.30 -16.42 19.32
CA LEU G 129 -26.59 -15.01 19.55
C LEU G 129 -26.39 -14.24 18.26
N ALA G 130 -27.25 -13.25 18.01
CA ALA G 130 -27.11 -12.41 16.84
C ALA G 130 -27.76 -11.06 17.11
N ASN G 131 -27.01 -10.00 16.86
CA ASN G 131 -27.51 -8.64 16.98
C ASN G 131 -26.99 -7.82 15.81
N ARG G 132 -27.70 -6.74 15.52
CA ARG G 132 -27.21 -5.81 14.51
C ARG G 132 -25.87 -5.22 14.91
N HIS G 133 -25.54 -5.25 16.21
CA HIS G 133 -24.29 -4.66 16.69
C HIS G 133 -23.17 -5.68 16.75
N MET G 134 -23.35 -6.74 17.52
CA MET G 134 -22.31 -7.72 17.79
C MET G 134 -22.26 -8.77 16.70
N ASP G 135 -21.07 -9.35 16.51
CA ASP G 135 -20.94 -10.46 15.59
C ASP G 135 -21.64 -11.70 16.16
N PRO G 136 -22.16 -12.56 15.31
CA PRO G 136 -22.95 -13.69 15.81
C PRO G 136 -22.09 -14.71 16.54
N GLU G 137 -22.73 -15.42 17.46
CA GLU G 137 -22.09 -16.51 18.18
C GLU G 137 -22.81 -17.81 17.87
N LEU G 138 -22.03 -18.90 17.85
CA LEU G 138 -22.53 -20.20 17.46
C LEU G 138 -22.45 -21.16 18.66
N GLU G 139 -23.23 -22.23 18.56
CA GLU G 139 -23.24 -23.25 19.58
C GLU G 139 -23.64 -24.57 18.96
N CYS G 140 -23.09 -25.66 19.49
CA CYS G 140 -23.50 -27.00 19.11
C CYS G 140 -24.32 -27.69 20.18
N VAL G 141 -24.12 -27.34 21.45
CA VAL G 141 -24.95 -27.87 22.51
C VAL G 141 -26.32 -27.22 22.50
N ASN G 142 -27.27 -27.88 23.14
CA ASN G 142 -28.50 -27.23 23.57
C ASN G 142 -28.30 -26.82 25.00
N PRO G 143 -28.03 -25.54 25.30
CA PRO G 143 -27.57 -25.18 26.65
C PRO G 143 -28.48 -25.67 27.76
N SER G 144 -29.79 -25.75 27.51
CA SER G 144 -30.71 -26.23 28.52
C SER G 144 -30.56 -27.72 28.81
N THR G 145 -29.89 -28.47 27.94
CA THR G 145 -29.72 -29.91 28.12
C THR G 145 -28.30 -30.40 27.97
N GLY G 146 -27.43 -29.67 27.26
CA GLY G 146 -26.09 -30.13 26.98
C GLY G 146 -25.98 -31.14 25.87
N LYS G 147 -27.10 -31.58 25.29
CA LYS G 147 -27.05 -32.53 24.20
C LYS G 147 -26.82 -31.81 22.87
N ALA G 148 -26.24 -32.53 21.92
CA ALA G 148 -25.94 -31.94 20.62
C ALA G 148 -27.20 -31.71 19.78
N ASP G 149 -28.21 -32.57 19.91
CA ASP G 149 -29.43 -32.45 19.12
C ASP G 149 -29.13 -32.45 17.63
N GLY G 150 -28.14 -33.26 17.23
CA GLY G 150 -27.77 -33.38 15.84
C GLY G 150 -26.73 -32.39 15.37
N LEU G 151 -26.37 -31.42 16.20
CA LEU G 151 -25.37 -30.43 15.82
C LEU G 151 -23.96 -30.99 16.08
N GLY G 152 -22.95 -30.19 15.75
CA GLY G 152 -21.59 -30.58 15.98
C GLY G 152 -20.78 -30.59 14.70
N PRO G 153 -19.49 -30.86 14.80
CA PRO G 153 -18.65 -30.90 13.59
C PRO G 153 -19.11 -31.97 12.63
N ILE G 154 -18.95 -31.69 11.34
CA ILE G 154 -19.36 -32.60 10.27
C ILE G 154 -18.16 -33.48 9.94
N THR G 155 -18.21 -34.73 10.38
CA THR G 155 -17.07 -35.63 10.25
C THR G 155 -17.15 -36.53 9.02
N GLY G 156 -18.35 -36.93 8.61
CA GLY G 156 -18.50 -37.94 7.59
C GLY G 156 -18.00 -37.47 6.24
N PRO G 157 -17.77 -38.42 5.32
CA PRO G 157 -17.37 -38.04 3.96
C PRO G 157 -18.52 -37.39 3.21
N GLY G 158 -18.25 -36.23 2.64
CA GLY G 158 -19.29 -35.49 1.96
C GLY G 158 -18.75 -34.17 1.42
N CYS G 159 -19.68 -33.36 0.94
CA CYS G 159 -19.36 -32.06 0.35
C CYS G 159 -20.48 -31.09 0.66
N VAL G 160 -20.18 -29.80 0.53
CA VAL G 160 -21.13 -28.73 0.80
C VAL G 160 -21.50 -28.07 -0.52
N PHE G 161 -22.80 -27.82 -0.70
CA PHE G 161 -23.32 -27.20 -1.91
C PHE G 161 -24.11 -25.96 -1.54
N GLU G 162 -23.82 -24.87 -2.22
CA GLU G 162 -24.51 -23.61 -1.95
C GLU G 162 -25.86 -23.59 -2.66
N VAL G 163 -26.84 -22.98 -2.01
CA VAL G 163 -28.18 -22.86 -2.57
C VAL G 163 -28.75 -21.52 -2.12
N SER G 164 -29.79 -21.07 -2.81
CA SER G 164 -30.44 -19.83 -2.41
C SER G 164 -31.10 -20.00 -1.04
N LEU G 165 -31.15 -18.91 -0.28
CA LEU G 165 -31.72 -18.99 1.05
C LEU G 165 -33.17 -19.44 1.01
N GLY G 166 -33.93 -18.94 0.04
CA GLY G 166 -35.30 -19.40 -0.11
C GLY G 166 -35.37 -20.90 -0.30
N PHE G 167 -34.48 -21.44 -1.13
CA PHE G 167 -34.45 -22.88 -1.33
C PHE G 167 -34.09 -23.60 -0.04
N ALA G 168 -33.14 -23.05 0.72
CA ALA G 168 -32.77 -23.68 1.98
C ALA G 168 -33.95 -23.76 2.92
N ARG G 169 -34.75 -22.69 3.01
CA ARG G 169 -35.94 -22.75 3.85
C ARG G 169 -36.89 -23.83 3.38
N ARG G 170 -37.03 -24.01 2.06
CA ARG G 170 -37.89 -25.05 1.55
C ARG G 170 -37.45 -26.42 2.05
N LEU G 171 -36.15 -26.67 2.08
CA LEU G 171 -35.67 -27.96 2.57
C LEU G 171 -35.94 -28.12 4.06
N LEU G 172 -35.79 -27.05 4.83
CA LEU G 172 -35.85 -27.15 6.29
C LEU G 172 -37.27 -27.20 6.83
N MET G 173 -38.26 -26.68 6.10
CA MET G 173 -39.63 -26.77 6.58
C MET G 173 -40.05 -28.23 6.66
N ALA G 174 -40.84 -28.56 7.69
CA ALA G 174 -41.18 -29.96 7.93
C ALA G 174 -41.85 -30.60 6.72
N LYS G 175 -42.83 -29.92 6.14
CA LYS G 175 -43.50 -30.41 4.93
C LYS G 175 -42.75 -29.98 3.68
N SER G 176 -41.50 -30.43 3.59
CA SER G 176 -40.63 -29.98 2.51
C SER G 176 -41.17 -30.37 1.14
N ARG G 177 -41.65 -31.60 0.99
CA ARG G 177 -42.14 -32.03 -0.31
C ARG G 177 -43.55 -31.54 -0.58
N GLU G 178 -44.44 -31.62 0.41
CA GLU G 178 -45.82 -31.22 0.19
C GLU G 178 -45.94 -29.70 0.10
N GLU G 179 -45.38 -28.98 1.07
CA GLU G 179 -45.44 -27.52 1.07
C GLU G 179 -44.24 -26.92 0.36
N GLY G 180 -43.04 -27.39 0.66
CA GLY G 180 -41.85 -26.86 0.02
C GLY G 180 -41.68 -27.27 -1.42
N LYS G 181 -42.38 -28.31 -1.86
CA LYS G 181 -42.34 -28.79 -3.24
C LYS G 181 -40.96 -29.25 -3.66
N VAL G 182 -40.09 -29.56 -2.70
CA VAL G 182 -38.73 -30.00 -3.00
C VAL G 182 -38.69 -31.50 -2.74
N GLY G 183 -38.98 -32.27 -3.78
CA GLY G 183 -38.97 -33.71 -3.71
C GLY G 183 -37.70 -34.36 -4.20
N VAL G 184 -36.68 -33.57 -4.54
CA VAL G 184 -35.45 -34.12 -5.09
C VAL G 184 -34.86 -35.16 -4.13
N LEU G 185 -34.78 -34.82 -2.86
CA LEU G 185 -34.15 -35.73 -1.90
C LEU G 185 -34.91 -37.05 -1.84
N GLU G 186 -36.24 -36.99 -1.79
CA GLU G 186 -37.02 -38.21 -1.78
C GLU G 186 -36.81 -39.01 -3.06
N MET G 187 -36.79 -38.34 -4.20
CA MET G 187 -36.62 -39.04 -5.46
C MET G 187 -35.29 -39.78 -5.51
N LEU G 188 -34.21 -39.12 -5.09
CA LEU G 188 -32.91 -39.77 -5.12
C LEU G 188 -32.80 -40.86 -4.07
N ALA G 189 -33.43 -40.66 -2.92
CA ALA G 189 -33.46 -41.71 -1.91
C ALA G 189 -34.34 -42.88 -2.29
N GLY G 190 -35.06 -42.79 -3.40
CA GLY G 190 -35.99 -43.83 -3.80
C GLY G 190 -37.32 -43.79 -3.09
N GLU G 191 -37.55 -42.80 -2.22
CA GLU G 191 -38.81 -42.73 -1.50
C GLU G 191 -39.97 -42.32 -2.39
N ASP G 192 -39.69 -41.59 -3.47
CA ASP G 192 -40.75 -41.22 -4.41
C ASP G 192 -40.92 -42.33 -5.42
N PRO G 193 -42.05 -43.03 -5.45
CA PRO G 193 -42.21 -44.15 -6.38
C PRO G 193 -42.43 -43.66 -7.80
N SER G 194 -42.34 -44.61 -8.73
CA SER G 194 -42.59 -44.36 -10.14
C SER G 194 -41.67 -43.31 -10.74
N ILE G 195 -40.51 -43.06 -10.11
CA ILE G 195 -39.54 -42.15 -10.69
C ILE G 195 -38.95 -42.76 -11.96
N GLY G 196 -38.71 -44.07 -11.95
CA GLY G 196 -38.09 -44.74 -13.07
C GLY G 196 -36.59 -44.72 -12.96
N GLU G 197 -35.94 -45.84 -13.25
CA GLU G 197 -34.51 -46.00 -13.05
C GLU G 197 -34.12 -45.67 -11.61
N ALA G 198 -34.99 -46.01 -10.66
CA ALA G 198 -34.77 -45.63 -9.27
C ALA G 198 -33.51 -46.27 -8.69
N GLY G 199 -33.16 -47.47 -9.12
CA GLY G 199 -32.03 -48.16 -8.52
C GLY G 199 -32.19 -48.43 -7.04
N ALA G 200 -33.43 -48.55 -6.57
CA ALA G 200 -33.74 -48.80 -5.17
C ALA G 200 -33.32 -47.64 -4.26
N GLY G 201 -32.98 -46.49 -4.84
CA GLY G 201 -32.65 -45.32 -4.05
C GLY G 201 -31.20 -45.24 -3.64
N LEU G 202 -30.65 -44.03 -3.63
CA LEU G 202 -29.29 -43.80 -3.14
C LEU G 202 -29.32 -43.60 -1.63
N ALA G 203 -28.16 -43.78 -1.00
CA ALA G 203 -28.01 -43.64 0.44
C ALA G 203 -27.15 -42.42 0.74
N PHE G 204 -27.69 -41.48 1.51
CA PHE G 204 -26.97 -40.27 1.86
C PHE G 204 -27.64 -39.62 3.05
N GLU G 205 -26.85 -38.82 3.77
CA GLU G 205 -27.36 -37.98 4.84
C GLU G 205 -27.08 -36.53 4.49
N THR G 206 -28.08 -35.67 4.67
CA THR G 206 -27.98 -34.28 4.29
C THR G 206 -28.36 -33.40 5.47
N ALA G 207 -27.57 -32.34 5.67
CA ALA G 207 -27.86 -31.33 6.67
C ALA G 207 -27.93 -29.98 5.96
N VAL G 208 -29.03 -29.24 6.16
CA VAL G 208 -29.28 -27.97 5.41
C VAL G 208 -29.17 -26.77 6.34
N GLY G 209 -28.14 -25.94 6.18
CA GLY G 209 -28.01 -24.70 6.94
C GLY G 209 -29.02 -23.66 6.51
N ARG G 210 -29.47 -22.79 7.41
CA ARG G 210 -30.35 -21.66 7.05
C ARG G 210 -29.47 -20.84 6.12
N ASN G 211 -28.19 -20.73 6.43
CA ASN G 211 -27.24 -20.09 5.49
C ASN G 211 -27.37 -21.08 4.36
N GLY G 212 -27.30 -20.65 3.11
CA GLY G 212 -27.65 -21.60 2.05
C GLY G 212 -26.47 -22.48 1.74
N ARG G 213 -26.14 -23.34 2.68
CA ARG G 213 -25.11 -24.38 2.48
C ARG G 213 -25.84 -25.66 2.89
N VAL G 214 -25.79 -26.69 2.06
CA VAL G 214 -26.43 -28.00 2.39
C VAL G 214 -25.32 -29.03 2.33
N TRP G 215 -24.93 -29.60 3.45
CA TRP G 215 -23.92 -30.65 3.46
C TRP G 215 -24.61 -31.98 3.25
N VAL G 216 -24.15 -32.71 2.22
CA VAL G 216 -24.70 -34.06 1.90
C VAL G 216 -23.53 -35.03 1.92
N GLY G 217 -23.60 -36.08 2.73
CA GLY G 217 -22.52 -37.04 2.88
C GLY G 217 -22.96 -38.43 2.49
N SER G 218 -22.02 -39.19 1.92
CA SER G 218 -22.28 -40.57 1.54
C SER G 218 -20.95 -41.23 1.24
N GLU G 219 -20.88 -42.54 1.49
CA GLU G 219 -19.68 -43.29 1.17
C GLU G 219 -19.44 -43.33 -0.34
N ASP G 220 -20.46 -43.07 -1.14
CA ASP G 220 -20.36 -43.10 -2.59
C ASP G 220 -20.15 -41.69 -3.11
N VAL G 221 -19.08 -41.49 -3.86
CA VAL G 221 -18.84 -40.19 -4.47
C VAL G 221 -19.95 -39.84 -5.44
N LYS G 222 -20.31 -40.78 -6.31
CA LYS G 222 -21.34 -40.50 -7.30
C LYS G 222 -22.62 -40.00 -6.64
N THR G 223 -23.00 -40.61 -5.51
CA THR G 223 -24.20 -40.19 -4.81
C THR G 223 -24.12 -38.73 -4.41
N VAL G 224 -23.00 -38.34 -3.80
CA VAL G 224 -22.86 -36.96 -3.35
C VAL G 224 -22.91 -36.00 -4.54
N ILE G 225 -22.22 -36.34 -5.63
CA ILE G 225 -22.25 -35.49 -6.81
C ILE G 225 -23.67 -35.37 -7.34
N ILE G 226 -24.37 -36.49 -7.45
CA ILE G 226 -25.70 -36.49 -8.05
C ILE G 226 -26.66 -35.64 -7.23
N VAL G 227 -26.71 -35.89 -5.93
CA VAL G 227 -27.63 -35.13 -5.08
C VAL G 227 -27.21 -33.67 -5.06
N GLY G 228 -25.91 -33.40 -5.04
CA GLY G 228 -25.46 -32.02 -5.10
C GLY G 228 -25.91 -31.32 -6.37
N ARG G 229 -25.73 -31.98 -7.52
CA ARG G 229 -26.19 -31.40 -8.77
C ARG G 229 -27.71 -31.22 -8.75
N ALA G 230 -28.42 -32.21 -8.20
CA ALA G 230 -29.88 -32.14 -8.18
C ALA G 230 -30.35 -30.94 -7.37
N LEU G 231 -29.80 -30.75 -6.17
CA LEU G 231 -30.22 -29.63 -5.33
C LEU G 231 -29.88 -28.30 -5.99
N GLN G 232 -28.66 -28.18 -6.52
CA GLN G 232 -28.25 -26.92 -7.13
C GLN G 232 -29.07 -26.63 -8.39
N GLU G 233 -29.30 -27.64 -9.22
CA GLU G 233 -30.00 -27.39 -10.47
C GLU G 233 -31.48 -27.16 -10.27
N THR G 234 -32.08 -27.78 -9.25
CA THR G 234 -33.48 -27.49 -8.96
C THR G 234 -33.62 -26.14 -8.29
N ASP G 235 -32.61 -25.72 -7.53
CA ASP G 235 -32.63 -24.40 -6.92
C ASP G 235 -32.50 -23.31 -7.98
N ARG G 236 -31.45 -23.39 -8.79
CA ARG G 236 -31.22 -22.37 -9.81
C ARG G 236 -32.29 -22.41 -10.89
N GLY G 237 -32.92 -23.56 -11.09
CA GLY G 237 -33.96 -23.68 -12.08
C GLY G 237 -35.35 -23.37 -11.59
N ASN G 238 -35.55 -23.26 -10.28
CA ASN G 238 -36.89 -23.10 -9.71
C ASN G 238 -37.83 -24.17 -10.23
N LEU G 239 -37.29 -25.38 -10.39
CA LEU G 239 -38.02 -26.45 -11.08
C LEU G 239 -39.25 -26.87 -10.30
N THR G 240 -40.33 -27.13 -11.03
CA THR G 240 -41.50 -27.74 -10.42
C THR G 240 -41.15 -29.15 -9.97
N ILE G 241 -42.03 -29.73 -9.15
CA ILE G 241 -41.73 -31.06 -8.63
C ILE G 241 -41.61 -32.06 -9.76
N GLU G 242 -42.43 -31.91 -10.80
CA GLU G 242 -42.28 -32.75 -11.98
C GLU G 242 -41.00 -32.40 -12.73
N GLY G 243 -40.65 -31.12 -12.79
CA GLY G 243 -39.37 -30.76 -13.36
C GLY G 243 -38.20 -31.37 -12.60
N GLN G 244 -38.35 -31.49 -11.27
CA GLN G 244 -37.34 -32.18 -10.48
C GLN G 244 -37.24 -33.64 -10.90
N ARG G 245 -38.37 -34.32 -11.10
CA ARG G 245 -38.33 -35.70 -11.53
C ARG G 245 -37.61 -35.84 -12.87
N LYS G 246 -37.93 -34.95 -13.80
CA LYS G 246 -37.22 -34.93 -15.07
C LYS G 246 -35.73 -34.71 -14.85
N LEU G 247 -35.38 -33.85 -13.89
CA LEU G 247 -33.97 -33.57 -13.61
C LEU G 247 -33.26 -34.82 -13.11
N VAL G 248 -33.80 -35.46 -12.08
CA VAL G 248 -33.11 -36.61 -11.50
C VAL G 248 -33.07 -37.77 -12.48
N ARG G 249 -34.13 -37.94 -13.27
CA ARG G 249 -34.08 -38.93 -14.33
C ARG G 249 -32.89 -38.68 -15.25
N ARG G 250 -32.70 -37.42 -15.65
CA ARG G 250 -31.55 -37.07 -16.48
C ARG G 250 -30.24 -37.32 -15.73
N LEU G 251 -30.18 -36.92 -14.46
CA LEU G 251 -28.95 -37.09 -13.69
C LEU G 251 -28.61 -38.56 -13.50
N LEU G 252 -29.60 -39.37 -13.11
CA LEU G 252 -29.32 -40.77 -12.84
C LEU G 252 -28.84 -41.51 -14.08
N ARG G 253 -29.22 -41.07 -15.28
CA ARG G 253 -28.65 -41.64 -16.49
C ARG G 253 -27.20 -41.22 -16.65
N GLU G 254 -26.90 -39.94 -16.38
CA GLU G 254 -25.52 -39.49 -16.38
C GLU G 254 -24.71 -40.18 -15.30
N MET G 255 -25.35 -40.50 -14.17
CA MET G 255 -24.65 -41.23 -13.11
C MET G 255 -24.18 -42.59 -13.58
N ARG G 256 -24.90 -43.19 -14.53
CA ARG G 256 -24.53 -44.50 -15.03
C ARG G 256 -23.17 -44.45 -15.71
N SER H 57 27.01 -41.93 10.97
CA SER H 57 27.56 -42.54 9.73
C SER H 57 28.02 -41.43 8.77
N SER H 58 28.78 -40.45 9.26
CA SER H 58 29.20 -39.28 8.44
C SER H 58 30.44 -39.60 7.62
N SER H 59 30.41 -40.59 6.73
CA SER H 59 31.53 -40.90 5.80
C SER H 59 31.69 -39.74 4.81
N ASP H 60 30.57 -39.21 4.30
CA ASP H 60 30.57 -38.11 3.29
C ASP H 60 29.25 -37.36 3.43
N ILE H 61 29.16 -36.14 2.90
CA ILE H 61 27.95 -35.29 3.05
C ILE H 61 26.82 -35.79 2.15
N VAL H 62 25.69 -36.17 2.73
CA VAL H 62 24.48 -36.50 1.98
C VAL H 62 23.79 -35.20 1.62
N THR H 63 23.03 -35.22 0.54
CA THR H 63 22.49 -34.01 -0.07
C THR H 63 20.99 -34.17 -0.27
N PRO H 64 20.27 -33.08 -0.47
CA PRO H 64 18.82 -33.17 -0.64
C PRO H 64 18.44 -34.10 -1.79
N GLY H 65 17.37 -34.85 -1.60
CA GLY H 65 16.92 -35.78 -2.61
C GLY H 65 17.77 -37.03 -2.74
N GLU H 66 18.81 -37.17 -1.93
CA GLU H 66 19.68 -38.33 -2.01
C GLU H 66 19.13 -39.44 -1.13
N LEU H 67 19.02 -40.63 -1.70
CA LEU H 67 18.49 -41.77 -0.96
C LEU H 67 19.45 -42.16 0.15
N ILE H 68 18.97 -42.14 1.39
CA ILE H 68 19.79 -42.59 2.51
C ILE H 68 19.72 -44.11 2.64
N THR H 69 18.54 -44.64 2.87
CA THR H 69 18.32 -46.07 2.91
C THR H 69 16.90 -46.37 2.45
N THR H 70 16.69 -47.56 1.89
CA THR H 70 15.38 -47.96 1.43
C THR H 70 14.66 -48.92 2.37
N SER H 71 15.41 -49.58 3.25
CA SER H 71 14.81 -50.60 4.11
C SER H 71 13.86 -49.96 5.13
N PRO H 72 12.79 -50.65 5.52
CA PRO H 72 11.85 -50.08 6.49
C PRO H 72 12.32 -50.16 7.93
N GLN H 73 13.53 -50.64 8.20
CA GLN H 73 13.97 -50.84 9.57
C GLN H 73 14.13 -49.53 10.34
N PHE H 74 14.15 -48.39 9.65
CA PHE H 74 14.56 -47.12 10.25
C PHE H 74 13.39 -46.17 10.35
N MET H 75 13.35 -45.43 11.46
CA MET H 75 12.48 -44.26 11.58
C MET H 75 13.19 -43.03 11.04
N ARG H 76 12.41 -42.11 10.47
CA ARG H 76 13.01 -40.90 9.93
C ARG H 76 13.20 -39.87 11.05
N GLY H 77 14.00 -38.85 10.75
CA GLY H 77 14.28 -37.79 11.70
C GLY H 77 14.36 -36.44 11.01
N HIS H 78 14.83 -35.42 11.73
CA HIS H 78 14.97 -34.11 11.14
C HIS H 78 15.94 -34.18 9.96
N GLY H 79 15.65 -33.38 8.94
CA GLY H 79 16.46 -33.36 7.75
C GLY H 79 16.19 -34.45 6.76
N THR H 80 15.21 -35.31 7.01
CA THR H 80 14.89 -36.41 6.12
C THR H 80 13.39 -36.49 5.94
N TYR H 81 12.99 -37.08 4.82
CA TYR H 81 11.58 -37.25 4.50
C TYR H 81 11.40 -38.56 3.76
N ILE H 82 10.19 -39.10 3.83
CA ILE H 82 9.83 -40.36 3.20
C ILE H 82 8.78 -40.06 2.14
N PRO H 83 9.02 -40.36 0.88
CA PRO H 83 7.94 -40.29 -0.11
C PRO H 83 6.81 -41.19 0.29
N PRO H 84 5.55 -40.75 0.17
CA PRO H 84 4.44 -41.55 0.73
C PRO H 84 4.32 -42.93 0.10
N GLY H 85 4.82 -43.13 -1.12
CA GLY H 85 4.69 -44.39 -1.80
C GLY H 85 5.76 -45.43 -1.54
N THR H 86 6.67 -45.19 -0.60
CA THR H 86 7.76 -46.12 -0.36
C THR H 86 8.20 -46.04 1.09
N THR H 87 8.97 -47.04 1.51
CA THR H 87 9.61 -47.04 2.82
C THR H 87 10.91 -46.26 2.83
N SER H 88 11.36 -45.77 1.68
CA SER H 88 12.68 -45.16 1.59
C SER H 88 12.75 -43.86 2.37
N ILE H 89 13.89 -43.61 2.99
CA ILE H 89 14.19 -42.35 3.65
C ILE H 89 15.16 -41.58 2.78
N ILE H 90 14.83 -40.32 2.49
CA ILE H 90 15.61 -39.48 1.60
C ILE H 90 15.99 -38.21 2.35
N SER H 91 17.24 -37.77 2.17
CA SER H 91 17.72 -36.59 2.86
C SER H 91 17.06 -35.34 2.29
N SER H 92 16.60 -34.46 3.19
CA SER H 92 16.02 -33.19 2.79
C SER H 92 17.04 -32.08 2.69
N VAL H 93 18.25 -32.27 3.23
CA VAL H 93 19.22 -31.20 3.38
C VAL H 93 20.60 -31.72 3.00
N ALA H 94 21.53 -30.80 2.86
CA ALA H 94 22.95 -31.14 2.74
C ALA H 94 23.54 -31.19 4.13
N GLY H 95 23.98 -32.37 4.54
CA GLY H 95 24.45 -32.54 5.90
C GLY H 95 25.01 -33.93 6.11
N THR H 96 25.18 -34.28 7.38
CA THR H 96 25.75 -35.56 7.78
C THR H 96 24.66 -36.46 8.31
N ILE H 97 24.62 -37.69 7.81
CA ILE H 97 23.63 -38.67 8.27
C ILE H 97 23.99 -39.11 9.68
N LEU H 98 23.08 -38.90 10.62
CA LEU H 98 23.25 -39.33 12.01
C LEU H 98 22.27 -40.45 12.31
N ARG H 99 22.77 -41.54 12.88
CA ARG H 99 22.00 -42.74 13.14
C ARG H 99 22.02 -43.04 14.62
N THR H 100 20.84 -43.16 15.24
CA THR H 100 20.73 -43.47 16.66
C THR H 100 19.44 -44.25 16.90
N ASN H 101 19.57 -45.39 17.58
CA ASN H 101 18.41 -46.20 17.94
C ASN H 101 17.53 -46.50 16.73
N LYS H 102 18.18 -46.82 15.62
CA LYS H 102 17.47 -47.16 14.38
C LYS H 102 16.60 -46.01 13.90
N LEU H 103 16.94 -44.78 14.29
CA LEU H 103 16.34 -43.59 13.74
C LEU H 103 17.39 -42.84 12.94
N LEU H 104 17.08 -42.52 11.70
CA LEU H 104 18.01 -41.85 10.80
C LEU H 104 17.64 -40.38 10.69
N SER H 105 18.64 -39.52 10.81
CA SER H 105 18.45 -38.08 10.70
C SER H 105 19.71 -37.49 10.09
N VAL H 106 19.56 -36.30 9.53
CA VAL H 106 20.67 -35.61 8.87
C VAL H 106 20.88 -34.27 9.56
N ARG H 107 22.06 -34.08 10.13
CA ARG H 107 22.41 -32.78 10.68
C ARG H 107 22.87 -31.89 9.54
N PRO H 108 22.21 -30.78 9.26
CA PRO H 108 22.59 -29.96 8.12
C PRO H 108 23.94 -29.31 8.34
N LEU H 109 24.62 -29.01 7.22
CA LEU H 109 25.89 -28.30 7.31
C LEU H 109 25.72 -26.99 8.07
N ARG H 110 24.69 -26.22 7.72
CA ARG H 110 24.41 -24.96 8.38
C ARG H 110 22.90 -24.78 8.46
N ALA H 111 22.41 -24.47 9.66
CA ALA H 111 20.98 -24.29 9.86
C ALA H 111 20.77 -23.39 11.06
N ARG H 112 19.65 -22.67 11.04
CA ARG H 112 19.32 -21.77 12.13
C ARG H 112 19.00 -22.56 13.39
N TYR H 113 19.15 -21.90 14.52
CA TYR H 113 19.01 -22.56 15.81
C TYR H 113 17.65 -23.25 15.92
N THR H 114 17.67 -24.51 16.33
CA THR H 114 16.45 -25.27 16.61
C THR H 114 16.37 -25.54 18.10
N PRO H 115 15.40 -25.00 18.82
CA PRO H 115 15.42 -25.10 20.28
C PRO H 115 15.06 -26.49 20.78
N GLU H 116 15.60 -26.80 21.95
CA GLU H 116 15.25 -27.99 22.71
C GLU H 116 14.90 -27.58 24.13
N VAL H 117 14.00 -28.35 24.75
CA VAL H 117 13.59 -28.03 26.11
C VAL H 117 14.82 -27.99 27.01
N GLY H 118 14.85 -27.00 27.90
CA GLY H 118 15.95 -26.82 28.81
C GLY H 118 17.05 -25.91 28.30
N ASP H 119 17.03 -25.56 27.02
CA ASP H 119 18.04 -24.68 26.46
C ASP H 119 18.01 -23.32 27.14
N LEU H 120 19.18 -22.84 27.54
CA LEU H 120 19.33 -21.49 28.07
C LEU H 120 19.72 -20.57 26.93
N VAL H 121 18.84 -19.64 26.59
CA VAL H 121 18.98 -18.83 25.38
C VAL H 121 18.95 -17.36 25.76
N VAL H 122 19.54 -16.54 24.90
CA VAL H 122 19.50 -15.09 25.01
C VAL H 122 18.78 -14.55 23.79
N GLY H 123 17.77 -13.72 24.02
CA GLY H 123 17.03 -13.11 22.94
C GLY H 123 16.49 -11.77 23.35
N ARG H 124 16.20 -10.95 22.35
CA ARG H 124 15.62 -9.64 22.57
C ARG H 124 14.15 -9.67 22.14
N ILE H 125 13.31 -9.01 22.93
CA ILE H 125 11.88 -9.08 22.70
C ILE H 125 11.51 -8.19 21.52
N ILE H 126 10.73 -8.74 20.60
CA ILE H 126 10.40 -8.07 19.35
C ILE H 126 8.97 -7.53 19.40
N GLU H 127 8.09 -8.22 20.12
CA GLU H 127 6.68 -7.86 20.13
C GLU H 127 6.10 -8.05 21.51
N VAL H 128 5.06 -7.27 21.80
CA VAL H 128 4.22 -7.47 22.97
C VAL H 128 2.84 -7.91 22.47
N GLN H 129 2.35 -9.02 23.00
CA GLN H 129 1.07 -9.57 22.59
C GLN H 129 0.27 -9.89 23.84
N ALA H 130 -0.99 -10.24 23.64
CA ALA H 130 -1.88 -10.48 24.78
C ALA H 130 -1.27 -11.50 25.72
N ARG H 131 -0.88 -11.06 26.91
CA ARG H 131 -0.28 -11.94 27.92
C ARG H 131 0.88 -12.75 27.35
N ARG H 132 1.63 -12.17 26.43
CA ARG H 132 2.73 -12.89 25.80
C ARG H 132 3.69 -11.90 25.14
N TRP H 133 4.96 -12.28 25.11
CA TRP H 133 5.98 -11.60 24.32
C TRP H 133 6.52 -12.54 23.26
N ARG H 134 6.88 -11.98 22.11
CA ARG H 134 7.59 -12.72 21.07
C ARG H 134 9.06 -12.35 21.15
N VAL H 135 9.90 -13.33 21.38
CA VAL H 135 11.32 -13.12 21.63
C VAL H 135 12.10 -13.64 20.44
N ASP H 136 12.96 -12.80 19.87
CA ASP H 136 13.84 -13.24 18.81
C ASP H 136 15.03 -13.97 19.42
N VAL H 137 15.17 -15.26 19.09
CA VAL H 137 16.27 -16.08 19.55
C VAL H 137 17.08 -16.64 18.39
N GLY H 138 16.92 -16.08 17.20
CA GLY H 138 17.63 -16.60 16.05
C GLY H 138 17.09 -17.91 15.51
N SER H 139 15.96 -18.37 16.03
CA SER H 139 15.37 -19.63 15.59
C SER H 139 14.55 -19.37 14.33
N THR H 140 13.78 -20.36 13.89
CA THR H 140 12.96 -20.18 12.70
C THR H 140 11.78 -19.25 12.95
N GLN H 141 11.29 -19.16 14.19
CA GLN H 141 10.26 -18.20 14.52
C GLN H 141 10.47 -17.71 15.94
N PHE H 142 9.92 -16.55 16.24
CA PHE H 142 10.11 -15.95 17.55
C PHE H 142 9.64 -16.88 18.65
N ALA H 143 10.46 -17.04 19.68
CA ALA H 143 10.07 -17.81 20.84
C ALA H 143 9.00 -17.06 21.63
N SER H 144 8.07 -17.81 22.21
CA SER H 144 7.01 -17.21 23.00
C SER H 144 7.41 -17.17 24.46
N LEU H 145 7.06 -16.08 25.12
CA LEU H 145 7.32 -15.91 26.55
C LEU H 145 6.03 -15.54 27.25
N PRO H 146 5.27 -16.50 27.78
CA PRO H 146 4.00 -16.16 28.41
C PRO H 146 4.18 -15.23 29.59
N LEU H 147 3.23 -14.33 29.77
CA LEU H 147 3.28 -13.42 30.91
C LEU H 147 3.32 -14.20 32.22
N SER H 148 2.67 -15.36 32.25
CA SER H 148 2.68 -16.20 33.43
C SER H 148 4.03 -16.85 33.68
N ALA H 149 4.97 -16.76 32.74
CA ALA H 149 6.22 -17.49 32.81
C ALA H 149 7.39 -16.62 33.28
N ILE H 150 7.13 -15.44 33.82
CA ILE H 150 8.20 -14.56 34.30
C ILE H 150 8.03 -14.35 35.79
N ASN H 151 9.14 -14.02 36.45
CA ASN H 151 9.14 -13.83 37.89
C ASN H 151 8.69 -12.42 38.24
N LEU H 152 7.39 -12.16 38.30
CA LEU H 152 6.88 -10.81 38.67
C LEU H 152 7.46 -10.45 40.03
N PRO H 153 7.83 -9.18 40.33
CA PRO H 153 8.50 -8.92 41.61
C PRO H 153 7.57 -9.30 42.74
N GLY H 154 6.30 -8.92 42.68
CA GLY H 154 5.28 -9.44 43.60
C GLY H 154 4.00 -9.62 42.81
N GLY H 155 3.95 -10.48 41.80
CA GLY H 155 2.70 -10.51 41.02
C GLY H 155 1.58 -10.96 41.93
N ILE H 156 1.79 -12.01 42.71
CA ILE H 156 0.81 -12.45 43.74
C ILE H 156 0.69 -11.38 44.83
N LEU H 157 1.82 -10.84 45.27
CA LEU H 157 1.84 -9.89 46.42
C LEU H 157 1.08 -8.61 46.06
N ARG H 158 1.28 -8.10 44.86
CA ARG H 158 0.64 -6.83 44.41
C ARG H 158 -0.87 -6.99 44.33
N LYS H 159 -1.37 -8.13 43.83
CA LYS H 159 -2.83 -8.31 43.60
C LYS H 159 -3.12 -7.41 42.39
N ARG H 160 -2.08 -7.03 41.65
CA ARG H 160 -2.16 -6.11 40.49
C ARG H 160 -2.14 -6.93 39.22
N THR H 161 -2.31 -8.25 39.28
CA THR H 161 -2.12 -9.16 38.13
C THR H 161 -3.11 -8.74 37.03
N GLU H 162 -4.33 -8.35 37.40
CA GLU H 162 -5.29 -7.87 36.40
C GLU H 162 -4.70 -6.63 35.74
N THR H 163 -4.08 -5.73 36.51
CA THR H 163 -3.36 -4.54 35.98
C THR H 163 -2.16 -5.02 35.17
N ASP H 164 -1.42 -6.02 35.66
CA ASP H 164 -0.18 -6.50 35.02
C ASP H 164 -0.42 -6.87 33.57
N GLU H 165 -1.51 -7.57 33.29
CA GLU H 165 -1.74 -8.09 31.91
C GLU H 165 -1.68 -6.89 30.99
N LEU H 166 -2.25 -5.76 31.41
CA LEU H 166 -2.31 -4.54 30.57
C LEU H 166 -0.95 -3.83 30.52
N GLN H 167 -0.13 -3.90 31.57
CA GLN H 167 1.11 -3.14 31.66
C GLN H 167 2.35 -4.00 31.40
N MET H 168 2.25 -4.96 30.48
CA MET H 168 3.40 -5.82 30.20
C MET H 168 4.65 -5.01 29.88
N ARG H 169 4.48 -3.88 29.20
CA ARG H 169 5.64 -3.08 28.82
C ARG H 169 6.40 -2.56 30.03
N SER H 170 5.79 -2.57 31.21
CA SER H 170 6.55 -2.23 32.41
C SER H 170 7.61 -3.26 32.71
N PHE H 171 7.38 -4.52 32.31
CA PHE H 171 8.35 -5.58 32.56
C PHE H 171 9.35 -5.69 31.41
N PHE H 172 8.85 -5.96 30.20
CA PHE H 172 9.69 -6.02 29.02
C PHE H 172 9.05 -5.17 27.92
N SER H 173 9.89 -4.54 27.13
CA SER H 173 9.46 -3.73 25.99
C SER H 173 10.24 -4.16 24.77
N GLU H 174 9.71 -3.79 23.59
CA GLU H 174 10.35 -4.19 22.35
C GLU H 174 11.81 -3.76 22.35
N GLY H 175 12.69 -4.71 22.03
CA GLY H 175 14.11 -4.48 22.03
C GLY H 175 14.82 -4.92 23.29
N ASP H 176 14.09 -5.07 24.40
CA ASP H 176 14.72 -5.49 25.64
C ASP H 176 15.33 -6.88 25.50
N LEU H 177 16.55 -7.04 26.01
CA LEU H 177 17.22 -8.33 26.02
C LEU H 177 16.87 -9.09 27.29
N LEU H 178 16.83 -10.41 27.16
CA LEU H 178 16.59 -11.27 28.32
C LEU H 178 17.37 -12.57 28.14
N VAL H 179 17.61 -13.23 29.26
CA VAL H 179 18.18 -14.57 29.30
C VAL H 179 17.12 -15.48 29.91
N ALA H 180 16.73 -16.51 29.15
CA ALA H 180 15.60 -17.34 29.54
C ALA H 180 15.90 -18.79 29.16
N GLU H 181 15.07 -19.68 29.65
CA GLU H 181 15.19 -21.11 29.43
C GLU H 181 13.97 -21.63 28.69
N VAL H 182 14.18 -22.55 27.77
CA VAL H 182 13.09 -23.10 26.98
C VAL H 182 12.37 -24.14 27.83
N GLN H 183 11.13 -23.84 28.22
CA GLN H 183 10.33 -24.80 28.97
C GLN H 183 9.52 -25.73 28.09
N GLY H 184 9.42 -25.44 26.79
CA GLY H 184 8.67 -26.30 25.90
C GLY H 184 8.83 -25.84 24.47
N VAL H 185 8.49 -26.75 23.56
CA VAL H 185 8.55 -26.49 22.12
C VAL H 185 7.26 -27.00 21.49
N TYR H 186 6.63 -26.17 20.67
CA TYR H 186 5.40 -26.56 20.00
C TYR H 186 5.71 -27.47 18.81
N GLY H 187 4.66 -28.07 18.27
CA GLY H 187 4.83 -28.91 17.09
C GLY H 187 5.37 -28.15 15.91
N ASP H 188 4.97 -26.88 15.76
CA ASP H 188 5.49 -26.05 14.69
C ASP H 188 6.97 -25.72 14.87
N GLY H 189 7.54 -26.00 16.04
CA GLY H 189 8.93 -25.72 16.30
C GLY H 189 9.21 -24.46 17.09
N GLY H 190 8.20 -23.64 17.35
CA GLY H 190 8.40 -22.44 18.15
C GLY H 190 8.58 -22.77 19.61
N ALA H 191 9.60 -22.20 20.23
CA ALA H 191 9.89 -22.47 21.63
C ALA H 191 9.01 -21.63 22.54
N VAL H 192 8.78 -22.14 23.75
CA VAL H 192 8.08 -21.41 24.80
C VAL H 192 9.07 -21.21 25.93
N LEU H 193 9.34 -19.95 26.27
CA LEU H 193 10.35 -19.62 27.25
C LEU H 193 9.72 -19.46 28.64
N HIS H 194 10.60 -19.44 29.63
CA HIS H 194 10.19 -19.25 31.04
C HIS H 194 11.32 -18.49 31.70
N THR H 195 11.03 -17.59 32.63
CA THR H 195 12.04 -16.74 33.24
C THR H 195 11.85 -16.62 34.75
N ARG H 196 11.42 -17.71 35.39
CA ARG H 196 11.12 -17.67 36.81
C ARG H 196 12.33 -17.89 37.70
N SER H 197 13.39 -18.53 37.18
CA SER H 197 14.61 -18.64 37.97
C SER H 197 15.21 -17.26 38.20
N LEU H 198 15.71 -17.03 39.42
CA LEU H 198 16.22 -15.71 39.77
C LEU H 198 17.35 -15.28 38.83
N LYS H 199 18.13 -16.23 38.30
CA LYS H 199 19.20 -15.87 37.40
C LYS H 199 18.68 -15.46 36.02
N TYR H 200 17.42 -15.73 35.72
CA TYR H 200 16.83 -15.32 34.46
C TYR H 200 16.11 -13.98 34.63
N GLY H 201 16.05 -13.21 33.55
CA GLY H 201 15.40 -11.93 33.57
C GLY H 201 16.00 -11.00 32.54
N LYS H 202 15.67 -9.73 32.67
CA LYS H 202 16.22 -8.72 31.77
C LYS H 202 17.72 -8.59 31.99
N LEU H 203 18.44 -8.38 30.89
CA LEU H 203 19.90 -8.29 30.94
C LEU H 203 20.34 -6.84 30.99
N ARG H 204 21.31 -6.55 31.86
CA ARG H 204 21.79 -5.19 32.07
C ARG H 204 23.30 -5.20 32.24
N ASN H 205 23.89 -4.01 32.22
CA ASN H 205 25.31 -3.83 32.53
C ASN H 205 26.21 -4.60 31.57
N GLY H 206 25.84 -4.68 30.30
CA GLY H 206 26.63 -5.49 29.40
C GLY H 206 26.52 -5.06 27.95
N VAL H 207 27.08 -5.90 27.09
CA VAL H 207 27.06 -5.70 25.65
C VAL H 207 26.61 -7.00 24.99
N PHE H 208 25.94 -6.88 23.86
CA PHE H 208 25.37 -8.02 23.15
C PHE H 208 26.09 -8.23 21.82
N VAL H 209 26.33 -9.49 21.49
CA VAL H 209 26.93 -9.87 20.22
C VAL H 209 26.26 -11.14 19.74
N ALA H 210 26.03 -11.23 18.43
CA ALA H 210 25.35 -12.36 17.82
C ALA H 210 26.37 -13.25 17.13
N VAL H 211 26.28 -14.56 17.39
CA VAL H 211 27.15 -15.55 16.77
C VAL H 211 26.29 -16.45 15.90
N SER H 212 26.67 -16.61 14.65
CA SER H 212 25.94 -17.47 13.71
C SER H 212 26.91 -18.22 12.82
N GLY H 213 28.11 -18.50 13.35
CA GLY H 213 29.11 -19.20 12.56
C GLY H 213 29.55 -18.44 11.34
N MET H 214 29.63 -17.11 11.42
CA MET H 214 30.00 -16.31 10.26
C MET H 214 31.39 -16.68 9.77
N GLY H 215 31.47 -17.26 8.58
CA GLY H 215 32.75 -17.61 8.00
C GLY H 215 33.36 -18.87 8.56
N GLY H 216 33.48 -18.95 9.89
CA GLY H 216 34.11 -20.08 10.53
C GLY H 216 33.22 -21.29 10.71
N GLY H 217 31.92 -21.17 10.43
CA GLY H 217 31.02 -22.29 10.56
C GLY H 217 30.72 -22.65 11.99
N GLY H 218 31.76 -22.99 12.76
CA GLY H 218 31.57 -23.33 14.16
C GLY H 218 31.05 -22.14 14.95
N GLY H 219 30.26 -22.45 15.97
CA GLY H 219 29.64 -21.43 16.80
C GLY H 219 29.41 -21.94 18.21
N VAL H 220 28.40 -21.42 18.87
CA VAL H 220 28.10 -21.81 20.24
C VAL H 220 27.58 -23.24 20.26
N VAL H 221 27.91 -23.97 21.33
CA VAL H 221 27.50 -25.34 21.50
C VAL H 221 27.03 -25.54 22.94
N ARG H 222 26.17 -26.53 23.13
CA ARG H 222 25.77 -26.90 24.49
C ARG H 222 27.00 -27.30 25.28
N SER H 223 27.05 -26.90 26.55
CA SER H 223 28.22 -27.14 27.37
C SER H 223 27.77 -27.39 28.80
N ARG H 224 28.75 -27.59 29.69
CA ARG H 224 28.45 -27.86 31.09
C ARG H 224 27.57 -26.77 31.68
N ARG H 225 27.91 -25.52 31.42
CA ARG H 225 27.10 -24.40 31.85
C ARG H 225 27.23 -23.28 30.83
N GLN H 226 26.12 -22.58 30.59
CA GLN H 226 26.09 -21.48 29.64
C GLN H 226 26.33 -20.12 30.27
N VAL H 227 26.49 -20.05 31.59
CA VAL H 227 26.70 -18.79 32.29
C VAL H 227 27.78 -19.01 33.34
N TRP H 228 28.76 -18.09 33.36
CA TRP H 228 29.85 -18.13 34.34
C TRP H 228 30.28 -16.70 34.64
N THR H 229 31.07 -16.49 35.67
CA THR H 229 31.62 -15.19 36.02
C THR H 229 33.13 -15.26 36.02
N LEU H 230 33.80 -14.35 35.32
CA LEU H 230 35.29 -14.34 35.30
C LEU H 230 35.80 -13.16 36.12
N GLU H 231 36.88 -13.35 36.87
CA GLU H 231 37.47 -12.33 37.77
C GLU H 231 37.72 -11.09 36.93
N GLY H 232 38.17 -11.28 35.70
CA GLY H 232 38.54 -10.16 34.81
C GLY H 232 40.00 -9.81 35.01
N ALA H 233 40.51 -8.83 34.27
CA ALA H 233 41.94 -8.47 34.26
C ALA H 233 42.08 -6.96 34.37
N ASN H 234 43.23 -6.49 34.84
CA ASN H 234 43.47 -5.04 34.98
C ASN H 234 42.40 -4.51 35.93
N GLY H 235 42.05 -5.29 36.95
CA GLY H 235 41.07 -4.89 37.97
C GLY H 235 39.71 -4.55 37.39
N ALA H 236 39.29 -5.25 36.34
CA ALA H 236 37.94 -5.09 35.77
C ALA H 236 36.93 -5.50 36.83
N GLY H 237 37.24 -6.54 37.59
CA GLY H 237 36.33 -7.07 38.61
C GLY H 237 35.40 -8.10 38.01
N LEU H 238 34.52 -8.69 38.80
CA LEU H 238 33.68 -9.80 38.29
C LEU H 238 32.88 -9.33 37.09
N ILE H 239 32.94 -10.03 35.97
CA ILE H 239 32.14 -9.78 34.79
C ILE H 239 31.52 -11.09 34.34
N ASP H 240 30.21 -11.08 34.11
CA ASP H 240 29.51 -12.29 33.71
C ASP H 240 29.56 -12.47 32.21
N VAL H 241 29.39 -13.73 31.79
CA VAL H 241 29.30 -14.08 30.38
C VAL H 241 28.15 -15.06 30.23
N VAL H 242 27.33 -14.86 29.19
CA VAL H 242 26.20 -15.72 28.90
C VAL H 242 26.35 -16.23 27.48
N LEU H 243 26.49 -17.55 27.33
CA LEU H 243 26.63 -18.17 26.03
C LEU H 243 25.30 -18.78 25.64
N GLY H 244 24.41 -17.94 25.14
CA GLY H 244 23.12 -18.42 24.70
C GLY H 244 23.29 -19.49 23.64
N VAL H 245 22.75 -20.69 23.89
CA VAL H 245 22.94 -21.79 22.97
C VAL H 245 22.43 -21.45 21.59
N ASN H 246 21.55 -20.46 21.50
CA ASN H 246 21.00 -20.04 20.20
C ASN H 246 21.97 -19.16 19.42
N GLY H 247 23.16 -18.89 19.93
CA GLY H 247 24.16 -18.12 19.23
C GLY H 247 24.30 -16.69 19.71
N TYR H 248 23.31 -16.17 20.43
CA TYR H 248 23.42 -14.84 21.01
C TYR H 248 24.25 -14.91 22.28
N VAL H 249 25.11 -13.92 22.48
CA VAL H 249 26.06 -13.90 23.59
C VAL H 249 25.94 -12.56 24.30
N TRP H 250 26.01 -12.60 25.64
CA TRP H 250 25.89 -11.40 26.46
C TRP H 250 27.03 -11.36 27.46
N ILE H 251 27.68 -10.21 27.55
CA ILE H 251 28.81 -10.00 28.45
C ILE H 251 28.50 -8.77 29.29
N ALA H 252 28.56 -8.93 30.61
CA ALA H 252 28.14 -7.86 31.50
C ALA H 252 28.92 -7.92 32.81
N LYS H 253 28.93 -6.80 33.52
CA LYS H 253 29.50 -6.76 34.86
C LYS H 253 28.63 -7.58 35.80
N HIS H 254 29.27 -8.27 36.73
CA HIS H 254 28.51 -9.13 37.64
C HIS H 254 27.70 -8.28 38.61
N THR H 255 26.50 -8.76 38.93
CA THR H 255 25.67 -8.15 39.95
C THR H 255 24.86 -9.25 40.62
N GLU H 256 24.46 -8.97 41.87
CA GLU H 256 23.74 -9.99 42.64
C GLU H 256 22.42 -10.37 41.98
N ASP H 257 21.79 -9.44 41.27
CA ASP H 257 20.60 -9.76 40.50
C ASP H 257 20.93 -10.32 39.12
N GLY H 258 22.20 -10.41 38.77
CA GLY H 258 22.59 -10.85 37.45
C GLY H 258 22.46 -12.35 37.30
N PRO H 259 22.73 -12.83 36.08
CA PRO H 259 22.58 -14.25 35.79
C PRO H 259 23.70 -15.09 36.40
N GLY H 260 24.86 -14.48 36.62
CA GLY H 260 26.04 -15.21 37.04
C GLY H 260 26.09 -15.47 38.53
N GLU H 261 27.11 -16.24 38.92
CA GLU H 261 27.37 -16.58 40.31
C GLU H 261 28.83 -16.32 40.60
N ASP H 262 29.08 -15.62 41.70
CA ASP H 262 30.46 -15.29 42.06
C ASP H 262 31.27 -16.57 42.25
N PRO H 263 32.50 -16.63 41.74
CA PRO H 263 33.27 -17.88 41.89
C PRO H 263 33.70 -18.12 43.34
N SER H 280 12.49 -6.65 44.93
CA SER H 280 12.89 -7.11 43.60
C SER H 280 12.21 -6.29 42.51
N ALA H 281 11.55 -5.20 42.91
CA ALA H 281 10.80 -4.39 41.94
C ALA H 281 11.72 -3.81 40.87
N ASN H 282 12.97 -3.52 41.21
CA ASN H 282 13.90 -2.91 40.26
C ASN H 282 14.41 -3.91 39.22
N MET H 283 14.08 -5.19 39.36
CA MET H 283 14.63 -6.25 38.49
C MET H 283 14.44 -5.93 37.02
N TYR H 284 13.38 -5.23 36.67
CA TYR H 284 13.06 -4.94 35.27
C TYR H 284 13.44 -3.52 34.86
N SER H 285 13.86 -2.68 35.78
CA SER H 285 14.33 -1.35 35.41
C SER H 285 15.57 -1.47 34.54
N SER H 286 15.63 -0.66 33.49
CA SER H 286 16.74 -0.71 32.54
C SER H 286 17.94 0.12 32.96
N GLN H 287 18.06 0.45 34.24
CA GLN H 287 19.19 1.25 34.70
C GLN H 287 20.41 0.37 34.90
N ASN H 288 21.50 0.71 34.22
CA ASN H 288 22.76 0.03 34.46
C ASN H 288 23.36 0.50 35.78
N ASP H 289 23.99 -0.42 36.49
CA ASP H 289 24.84 -0.03 37.61
C ASP H 289 26.10 0.62 37.06
N ARG H 290 26.77 1.39 37.91
CA ARG H 290 27.98 2.06 37.46
C ARG H 290 29.03 1.03 37.03
N ILE H 291 29.69 1.31 35.92
CA ILE H 291 30.71 0.43 35.36
C ILE H 291 31.96 1.26 35.13
N GLU H 292 33.09 0.77 35.63
CA GLU H 292 34.35 1.48 35.49
C GLU H 292 34.97 1.21 34.12
N ALA H 293 35.89 2.08 33.73
CA ALA H 293 36.49 1.98 32.40
C ALA H 293 37.16 0.63 32.20
N GLU H 294 38.02 0.23 33.15
CA GLU H 294 38.73 -1.03 32.99
C GLU H 294 37.75 -2.19 32.84
N THR H 295 36.62 -2.13 33.54
CA THR H 295 35.60 -3.16 33.37
C THR H 295 35.09 -3.18 31.93
N MET H 296 34.82 -2.01 31.37
CA MET H 296 34.35 -1.96 29.99
C MET H 296 35.42 -2.44 29.03
N ARG H 297 36.68 -2.12 29.31
CA ARG H 297 37.76 -2.61 28.44
C ARG H 297 37.76 -4.13 28.38
N GLU H 298 37.72 -4.79 29.54
CA GLU H 298 37.72 -6.24 29.54
C GLU H 298 36.46 -6.79 28.89
N ILE H 299 35.30 -6.20 29.21
CA ILE H 299 34.07 -6.62 28.57
C ILE H 299 34.21 -6.51 27.05
N ALA H 300 34.79 -5.41 26.58
CA ALA H 300 35.09 -5.29 25.17
C ALA H 300 36.09 -6.34 24.72
N ARG H 301 37.08 -6.64 25.55
CA ARG H 301 38.07 -7.65 25.20
C ARG H 301 37.42 -9.01 24.99
N LEU H 302 36.53 -9.39 25.90
CA LEU H 302 35.83 -10.66 25.74
C LEU H 302 35.01 -10.67 24.45
N ARG H 303 34.32 -9.57 24.17
CA ARG H 303 33.56 -9.49 22.93
C ARG H 303 34.46 -9.68 21.73
N GLY H 304 35.64 -9.07 21.76
CA GLY H 304 36.60 -9.32 20.69
C GLY H 304 37.05 -10.76 20.66
N VAL H 305 37.26 -11.37 21.83
CA VAL H 305 37.67 -12.76 21.88
C VAL H 305 36.62 -13.64 21.22
N VAL H 306 35.35 -13.46 21.60
CA VAL H 306 34.29 -14.28 21.03
C VAL H 306 34.28 -14.18 19.51
N MET H 307 34.35 -12.96 18.99
CA MET H 307 34.39 -12.78 17.54
C MET H 307 35.61 -13.46 16.95
N ALA H 308 36.74 -13.41 17.66
CA ALA H 308 37.94 -14.07 17.17
C ALA H 308 37.70 -15.57 17.02
N LEU H 309 37.05 -16.19 18.00
CA LEU H 309 36.72 -17.61 17.89
C LEU H 309 35.82 -17.85 16.69
N VAL H 310 34.74 -17.08 16.56
CA VAL H 310 33.77 -17.31 15.50
C VAL H 310 34.40 -17.06 14.14
N GLU H 311 35.12 -15.95 14.00
CA GLU H 311 35.69 -15.60 12.70
C GLU H 311 36.68 -16.66 12.22
N ASN H 312 37.18 -17.51 13.12
CA ASN H 312 38.09 -18.58 12.76
C ASN H 312 37.50 -19.95 12.98
N GLY H 313 36.19 -20.04 13.23
CA GLY H 313 35.51 -21.32 13.30
C GLY H 313 35.74 -22.12 14.55
N LEU H 314 36.33 -21.52 15.59
CA LEU H 314 36.59 -22.26 16.82
C LEU H 314 35.30 -22.49 17.61
N ARG H 315 35.25 -23.55 18.39
CA ARG H 315 34.07 -23.80 19.25
C ARG H 315 33.95 -22.60 20.18
N VAL H 316 32.80 -21.94 20.23
CA VAL H 316 32.59 -20.84 21.22
C VAL H 316 31.96 -21.55 22.40
N ASP H 317 32.66 -21.59 23.51
CA ASP H 317 32.20 -22.34 24.69
C ASP H 317 32.89 -21.74 25.90
N GLU H 318 32.44 -21.96 27.12
CA GLU H 318 33.07 -21.26 28.25
C GLU H 318 34.52 -21.65 28.35
N ASP H 319 34.84 -22.93 28.15
CA ASP H 319 36.23 -23.41 28.28
C ASP H 319 37.11 -22.73 27.24
N MET H 320 36.62 -22.57 26.02
CA MET H 320 37.45 -22.04 24.92
C MET H 320 37.52 -20.53 25.03
N VAL H 321 36.54 -19.90 25.66
CA VAL H 321 36.54 -18.46 25.86
C VAL H 321 37.55 -18.07 26.93
N MET H 322 37.55 -18.78 28.07
CA MET H 322 38.51 -18.47 29.12
C MET H 322 39.93 -18.65 28.61
N ARG H 323 40.17 -19.71 27.86
CA ARG H 323 41.49 -19.89 27.24
C ARG H 323 41.84 -18.70 26.36
N GLY H 324 40.91 -18.28 25.51
CA GLY H 324 41.16 -17.12 24.67
C GLY H 324 41.36 -15.84 25.47
N TYR H 325 40.54 -15.64 26.49
CA TYR H 325 40.63 -14.42 27.28
C TYR H 325 42.00 -14.30 27.94
N ARG H 326 42.46 -15.38 28.59
CA ARG H 326 43.78 -15.34 29.19
C ARG H 326 44.85 -15.11 28.14
N GLU H 327 44.74 -15.77 26.99
CA GLU H 327 45.67 -15.54 25.91
C GLU H 327 45.61 -14.08 25.45
N ALA H 328 44.40 -13.54 25.32
CA ALA H 328 44.26 -12.15 24.91
C ALA H 328 44.85 -11.21 25.95
N VAL H 329 44.59 -11.46 27.23
CA VAL H 329 45.11 -10.60 28.29
C VAL H 329 46.64 -10.58 28.23
N GLU H 330 47.25 -11.76 28.19
CA GLU H 330 48.71 -11.83 28.12
C GLU H 330 49.20 -11.26 26.80
N MET H 331 48.46 -11.47 25.72
CA MET H 331 48.82 -10.88 24.44
C MET H 331 48.89 -9.36 24.55
N ALA H 332 47.91 -8.76 25.22
CA ALA H 332 47.94 -7.32 25.41
C ALA H 332 49.12 -6.89 26.27
N LEU H 333 49.43 -7.63 27.34
CA LEU H 333 50.53 -7.25 28.21
C LEU H 333 51.85 -7.22 27.45
N VAL H 334 52.10 -8.23 26.61
CA VAL H 334 53.33 -8.26 25.85
C VAL H 334 53.30 -7.32 24.65
N SER H 335 52.10 -6.98 24.17
CA SER H 335 51.93 -6.05 23.03
C SER H 335 52.53 -4.71 23.44
N PRO H 336 53.20 -3.94 22.54
CA PRO H 336 53.71 -2.61 22.91
C PRO H 336 52.63 -1.62 23.26
N GLU H 337 51.41 -1.81 22.76
CA GLU H 337 50.31 -0.88 23.06
C GLU H 337 49.86 -0.94 24.51
N GLY H 338 50.27 -1.97 25.25
CA GLY H 338 49.95 -2.08 26.65
C GLY H 338 48.64 -2.81 26.89
N PRO H 339 48.41 -3.25 28.15
CA PRO H 339 47.23 -4.02 28.49
C PRO H 339 45.96 -3.25 28.11
N GLU H 340 46.06 -1.94 28.02
CA GLU H 340 44.89 -1.08 27.72
C GLU H 340 44.32 -1.43 26.35
N ASP H 341 45.14 -1.71 25.34
CA ASP H 341 44.60 -1.95 23.98
C ASP H 341 43.74 -3.20 24.07
N VAL H 342 42.51 -3.16 23.53
CA VAL H 342 41.58 -4.30 23.56
C VAL H 342 41.29 -4.82 22.15
N TYR H 343 41.82 -4.19 21.10
CA TYR H 343 41.47 -4.56 19.71
C TYR H 343 41.93 -5.99 19.44
N LEU H 344 41.14 -6.77 18.71
CA LEU H 344 41.48 -8.15 18.39
C LEU H 344 41.07 -8.53 16.97
N GLY H 345 40.85 -7.56 16.09
CA GLY H 345 40.42 -7.86 14.75
C GLY H 345 41.58 -8.14 13.81
N GLY H 346 41.24 -8.77 12.68
CA GLY H 346 42.22 -9.00 11.64
C GLY H 346 43.33 -9.95 12.07
N GLU H 347 44.53 -9.68 11.54
CA GLU H 347 45.65 -10.60 11.75
C GLU H 347 45.89 -10.90 13.21
N ARG H 348 45.74 -9.88 14.06
CA ARG H 348 45.91 -10.01 15.53
C ARG H 348 44.83 -10.95 16.02
N GLY H 349 43.66 -10.92 15.40
CA GLY H 349 42.61 -11.87 15.74
C GLY H 349 42.98 -13.29 15.37
N ARG H 350 43.56 -13.46 14.18
CA ARG H 350 44.04 -14.78 13.78
C ARG H 350 45.18 -15.24 14.69
N GLN H 351 46.05 -14.31 15.09
CA GLN H 351 47.14 -14.66 15.99
C GLN H 351 46.59 -15.28 17.27
N LEU H 352 45.52 -14.70 17.81
CA LEU H 352 44.89 -15.27 19.00
C LEU H 352 44.37 -16.68 18.71
N ALA H 353 43.74 -16.87 17.56
CA ALA H 353 43.21 -18.18 17.22
C ALA H 353 44.33 -19.21 17.08
N ALA H 354 45.44 -18.82 16.45
CA ALA H 354 46.56 -19.74 16.31
C ALA H 354 47.10 -20.16 17.67
N ALA H 355 47.25 -19.21 18.60
CA ALA H 355 47.67 -19.54 19.95
C ALA H 355 46.57 -20.22 20.74
N LEU H 356 45.32 -20.15 20.28
CA LEU H 356 44.21 -20.76 21.00
C LEU H 356 43.90 -22.16 20.53
N THR H 357 44.15 -22.48 19.26
CA THR H 357 43.92 -23.83 18.77
C THR H 357 44.97 -24.82 19.26
N ALA H 358 46.13 -24.33 19.69
CA ALA H 358 47.18 -25.18 20.23
C ALA H 358 46.74 -25.76 21.57
N PRO I 6 1.39 35.97 33.83
CA PRO I 6 1.13 36.62 32.55
C PRO I 6 2.39 36.74 31.68
N THR I 7 3.51 36.24 32.18
CA THR I 7 4.77 36.30 31.43
C THR I 7 4.72 35.31 30.28
N LEU I 8 4.93 35.82 29.06
CA LEU I 8 4.95 34.96 27.88
C LEU I 8 6.34 34.37 27.71
N ALA I 9 6.40 33.08 27.42
CA ALA I 9 7.65 32.37 27.25
C ALA I 9 7.66 31.64 25.92
N LEU I 10 8.79 31.68 25.23
CA LEU I 10 8.99 31.01 23.97
C LEU I 10 9.65 29.65 24.17
N PRO I 11 9.53 28.75 23.21
CA PRO I 11 10.26 27.49 23.31
C PRO I 11 11.75 27.74 23.44
N GLY I 12 12.35 27.12 24.45
CA GLY I 12 13.77 27.28 24.70
C GLY I 12 14.13 28.47 25.55
N GLN I 13 13.16 29.30 25.92
CA GLN I 13 13.44 30.43 26.79
C GLN I 13 13.85 29.94 28.17
N LEU I 14 14.85 30.61 28.76
CA LEU I 14 15.33 30.22 30.07
C LEU I 14 14.34 30.65 31.14
N LEU I 15 14.01 29.73 32.03
CA LEU I 15 13.13 30.02 33.15
C LEU I 15 13.87 30.19 34.47
N GLY I 16 14.93 29.41 34.69
CA GLY I 16 15.74 29.53 35.87
C GLY I 16 16.51 28.26 36.16
N PRO I 17 17.41 28.30 37.13
CA PRO I 17 18.16 27.09 37.48
C PRO I 17 17.29 26.08 38.22
N ILE I 18 17.66 24.81 38.10
CA ILE I 18 16.91 23.75 38.77
C ILE I 18 16.92 23.95 40.27
N SER I 19 17.91 24.66 40.80
CA SER I 19 17.98 24.92 42.23
C SER I 19 16.87 25.84 42.71
N LYS I 20 16.29 26.64 41.82
CA LYS I 20 15.23 27.56 42.19
C LYS I 20 13.84 27.03 41.89
N TYR I 21 13.69 26.19 40.87
CA TYR I 21 12.37 25.76 40.42
C TYR I 21 12.40 24.26 40.16
N GLN I 22 11.22 23.67 40.18
CA GLN I 22 11.03 22.26 39.86
C GLN I 22 10.31 22.14 38.54
N PRO I 23 10.81 21.36 37.58
CA PRO I 23 10.20 21.35 36.24
C PRO I 23 8.76 20.86 36.30
N GLY I 24 7.87 21.61 35.66
CA GLY I 24 6.49 21.21 35.52
C GLY I 24 6.13 20.98 34.07
N PRO I 25 4.84 20.84 33.78
CA PRO I 25 4.42 20.68 32.40
C PRO I 25 4.88 21.86 31.55
N GLY I 26 5.28 21.56 30.32
CA GLY I 26 5.72 22.59 29.40
C GLY I 26 7.14 23.06 29.59
N THR I 27 7.93 22.38 30.41
CA THR I 27 9.31 22.77 30.68
C THR I 27 10.22 21.57 30.49
N HIS I 28 11.51 21.85 30.36
CA HIS I 28 12.52 20.81 30.22
C HIS I 28 13.82 21.29 30.80
N VAL I 29 14.61 20.37 31.34
CA VAL I 29 15.88 20.69 31.96
C VAL I 29 16.99 20.52 30.94
N HIS I 30 18.05 21.32 31.09
CA HIS I 30 19.20 21.24 30.19
C HIS I 30 20.38 21.86 30.91
N GLU I 31 21.41 21.06 31.19
CA GLU I 31 22.61 21.53 31.85
C GLU I 31 22.27 22.28 33.13
N SER I 32 21.49 21.62 33.99
CA SER I 32 21.14 22.15 35.31
C SER I 32 20.33 23.43 35.22
N ASN I 33 19.76 23.73 34.06
CA ASN I 33 18.92 24.90 33.88
C ASN I 33 17.57 24.48 33.33
N LEU I 34 16.53 25.25 33.67
CA LEU I 34 15.16 24.91 33.34
C LEU I 34 14.64 25.88 32.30
N TYR I 35 14.11 25.33 31.20
CA TYR I 35 13.68 26.12 30.06
C TYR I 35 12.24 25.78 29.73
N SER I 36 11.59 26.69 29.01
CA SER I 36 10.22 26.47 28.57
C SER I 36 10.22 25.72 27.24
N SER I 37 9.54 24.58 27.19
CA SER I 37 9.45 23.80 25.96
C SER I 37 8.29 24.23 25.07
N LEU I 38 7.50 25.22 25.48
CA LEU I 38 6.28 25.60 24.78
C LEU I 38 6.21 27.12 24.64
N LEU I 39 5.51 27.57 23.61
CA LEU I 39 5.10 28.98 23.53
C LEU I 39 3.86 29.17 24.38
N GLY I 40 4.00 29.86 25.49
CA GLY I 40 2.86 30.02 26.38
C GLY I 40 3.22 30.86 27.59
N THR I 41 2.22 31.04 28.44
CA THR I 41 2.38 31.83 29.65
C THR I 41 2.98 30.97 30.76
N VAL I 42 3.85 31.58 31.56
CA VAL I 42 4.49 30.87 32.66
C VAL I 42 3.59 30.88 33.88
N HIS I 43 3.67 29.82 34.67
CA HIS I 43 2.92 29.72 35.91
C HIS I 43 3.77 28.99 36.93
N VAL I 44 3.80 29.48 38.16
CA VAL I 44 4.54 28.86 39.24
C VAL I 44 3.56 28.41 40.32
N THR I 45 3.57 27.11 40.61
CA THR I 45 2.68 26.58 41.64
C THR I 45 3.00 27.17 43.00
N GLN I 46 4.29 27.27 43.33
CA GLN I 46 4.72 27.78 44.63
C GLN I 46 4.06 26.99 45.76
N PRO I 47 4.25 25.66 45.81
CA PRO I 47 3.80 24.82 46.92
C PRO I 47 3.92 25.50 48.28
N GLU I 68 11.57 21.10 49.43
CA GLU I 68 10.69 21.28 48.28
C GLU I 68 11.00 22.61 47.57
N LEU I 69 10.73 22.64 46.29
CA LEU I 69 10.98 23.80 45.44
C LEU I 69 9.72 24.15 44.66
N PRO I 70 9.58 25.40 44.25
CA PRO I 70 8.37 25.80 43.52
C PRO I 70 8.34 25.20 42.12
N THR I 71 7.24 24.52 41.80
CA THR I 71 7.06 23.99 40.46
C THR I 71 6.74 25.12 39.49
N ILE I 72 7.38 25.09 38.32
CA ILE I 72 7.19 26.09 37.28
C ILE I 72 6.75 25.38 36.01
N SER I 73 5.79 25.98 35.31
CA SER I 73 5.20 25.33 34.15
C SER I 73 4.86 26.37 33.10
N VAL I 74 4.41 25.90 31.95
CA VAL I 74 4.03 26.76 30.83
C VAL I 74 2.74 26.21 30.24
N SER I 75 1.83 27.11 29.88
CA SER I 75 0.55 26.74 29.28
C SER I 75 0.45 27.38 27.90
N ALA I 76 0.16 26.57 26.89
CA ALA I 76 0.14 27.06 25.52
C ALA I 76 -0.92 28.14 25.32
N ILE I 95 -2.50 17.44 24.73
CA ILE I 95 -2.84 16.78 25.99
C ILE I 95 -3.10 15.31 25.73
N LEU I 96 -2.83 14.47 26.72
CA LEU I 96 -2.86 13.02 26.58
C LEU I 96 -3.67 12.41 27.72
N PRO I 97 -4.44 11.36 27.47
CA PRO I 97 -5.10 10.66 28.57
C PRO I 97 -4.08 10.04 29.51
N GLU I 98 -4.45 9.94 30.79
CA GLU I 98 -3.53 9.45 31.80
C GLU I 98 -4.30 8.59 32.79
N VAL I 99 -3.59 7.62 33.38
CA VAL I 99 -4.23 6.68 34.30
C VAL I 99 -4.88 7.46 35.44
N GLY I 100 -6.09 7.02 35.81
CA GLY I 100 -6.84 7.68 36.85
C GLY I 100 -7.70 8.83 36.39
N ASN I 101 -7.46 9.36 35.18
CA ASN I 101 -8.29 10.43 34.66
C ASN I 101 -9.67 9.91 34.30
N ILE I 102 -10.67 10.76 34.48
CA ILE I 102 -12.03 10.46 34.07
C ILE I 102 -12.23 11.02 32.67
N VAL I 103 -12.60 10.15 31.73
CA VAL I 103 -12.73 10.53 30.34
C VAL I 103 -14.15 10.25 29.88
N LEU I 104 -14.60 11.03 28.91
CA LEU I 104 -15.85 10.77 28.19
C LEU I 104 -15.50 10.28 26.79
N CYS I 105 -16.16 9.20 26.37
CA CYS I 105 -15.79 8.51 25.16
C CYS I 105 -17.05 8.01 24.46
N ARG I 106 -16.92 7.74 23.17
CA ARG I 106 -18.01 7.25 22.33
C ARG I 106 -17.76 5.79 21.99
N VAL I 107 -18.77 4.95 22.23
CA VAL I 107 -18.64 3.55 21.88
C VAL I 107 -18.78 3.40 20.37
N ILE I 108 -17.83 2.71 19.74
CA ILE I 108 -17.82 2.53 18.31
C ILE I 108 -18.05 1.08 17.90
N ARG I 109 -17.66 0.11 18.74
CA ARG I 109 -17.92 -1.29 18.46
C ARG I 109 -17.92 -2.02 19.79
N ILE I 110 -18.73 -3.08 19.87
CA ILE I 110 -18.83 -3.89 21.06
C ILE I 110 -18.57 -5.34 20.70
N THR I 111 -17.88 -6.04 21.58
CA THR I 111 -17.55 -7.44 21.45
C THR I 111 -17.92 -8.13 22.75
N PRO I 112 -18.41 -9.37 22.71
CA PRO I 112 -18.78 -10.04 23.97
C PRO I 112 -17.69 -9.98 25.01
N ARG I 113 -16.46 -9.72 24.59
CA ARG I 113 -15.31 -9.60 25.51
C ARG I 113 -15.14 -8.14 25.92
N GLN I 114 -14.88 -7.25 24.96
CA GLN I 114 -14.57 -5.85 25.31
C GLN I 114 -15.34 -4.90 24.41
N ALA I 115 -15.60 -3.67 24.85
CA ALA I 115 -16.26 -2.65 24.03
C ALA I 115 -15.22 -1.60 23.68
N VAL I 116 -15.01 -1.32 22.40
CA VAL I 116 -13.94 -0.39 21.97
C VAL I 116 -14.56 0.99 21.87
N VAL I 117 -13.99 1.99 22.53
CA VAL I 117 -14.53 3.34 22.54
C VAL I 117 -13.47 4.30 22.02
N THR I 118 -13.94 5.45 21.54
CA THR I 118 -13.07 6.55 21.12
C THR I 118 -13.07 7.60 22.22
N ILE I 119 -11.88 7.97 22.69
CA ILE I 119 -11.77 8.93 23.77
C ILE I 119 -11.91 10.34 23.21
N LEU I 120 -12.83 11.12 23.77
CA LEU I 120 -13.11 12.46 23.29
C LEU I 120 -12.74 13.55 24.28
N VAL I 121 -12.93 13.33 25.57
CA VAL I 121 -12.72 14.35 26.60
C VAL I 121 -11.91 13.73 27.72
N CYS I 122 -10.92 14.47 28.21
CA CYS I 122 -10.10 14.03 29.34
C CYS I 122 -10.12 15.13 30.40
N GLY I 123 -10.73 14.84 31.54
CA GLY I 123 -10.79 15.81 32.62
C GLY I 123 -11.46 17.10 32.22
N ASP I 124 -12.61 17.00 31.54
CA ASP I 124 -13.37 18.15 31.07
C ASP I 124 -12.62 18.96 30.01
N THR I 125 -11.65 18.34 29.34
CA THR I 125 -10.91 18.98 28.27
C THR I 125 -11.09 18.17 26.99
N VAL I 126 -11.66 18.81 25.96
CA VAL I 126 -11.82 18.13 24.67
C VAL I 126 -10.45 17.91 24.06
N LEU I 127 -10.28 16.75 23.42
CA LEU I 127 -9.01 16.36 22.84
C LEU I 127 -9.03 16.65 21.34
N ASP I 128 -8.03 17.41 20.87
CA ASP I 128 -7.96 17.74 19.46
C ASP I 128 -7.75 16.48 18.62
N ALA I 129 -7.08 15.47 19.17
CA ALA I 129 -6.90 14.19 18.52
C ALA I 129 -7.43 13.10 19.45
N GLU I 130 -7.84 11.99 18.85
CA GLU I 130 -8.61 10.97 19.55
C GLU I 130 -7.82 9.69 19.69
N TRP I 131 -8.18 8.91 20.70
CA TRP I 131 -7.51 7.66 21.04
C TRP I 131 -8.57 6.60 21.30
N GLN I 132 -8.28 5.36 20.89
CA GLN I 132 -9.18 4.26 21.16
C GLN I 132 -8.93 3.71 22.55
N GLY I 133 -10.01 3.31 23.22
CA GLY I 133 -9.93 2.68 24.52
C GLY I 133 -10.80 1.45 24.57
N LEU I 134 -10.43 0.51 25.43
CA LEU I 134 -11.14 -0.75 25.59
C LEU I 134 -11.75 -0.82 26.97
N ILE I 135 -13.05 -1.12 27.04
CA ILE I 135 -13.72 -1.39 28.30
C ILE I 135 -13.94 -2.90 28.36
N ARG I 136 -13.01 -3.59 29.01
CA ARG I 136 -13.13 -5.03 29.14
C ARG I 136 -14.36 -5.37 29.98
N VAL I 137 -14.97 -6.52 29.68
CA VAL I 137 -16.20 -6.89 30.36
C VAL I 137 -15.98 -6.91 31.88
N GLN I 138 -14.78 -7.28 32.32
CA GLN I 138 -14.49 -7.25 33.74
C GLN I 138 -14.59 -5.84 34.30
N ASP I 139 -14.30 -4.83 33.49
CA ASP I 139 -14.18 -3.46 33.95
C ASP I 139 -15.49 -2.69 33.89
N ILE I 140 -16.60 -3.32 33.53
CA ILE I 140 -17.84 -2.58 33.36
C ILE I 140 -18.55 -2.36 34.70
N ARG I 141 -18.62 -3.39 35.53
CA ARG I 141 -19.44 -3.35 36.74
C ARG I 141 -18.57 -3.62 37.96
N ALA I 142 -18.99 -3.05 39.09
CA ALA I 142 -18.26 -3.25 40.34
C ALA I 142 -18.44 -4.66 40.90
N THR I 143 -19.57 -5.30 40.63
CA THR I 143 -19.88 -6.61 41.20
C THR I 143 -20.43 -7.50 40.11
N GLU I 144 -20.57 -8.78 40.45
CA GLU I 144 -21.01 -9.82 39.51
C GLU I 144 -20.35 -9.63 38.15
N LYS I 145 -19.04 -9.44 38.16
CA LYS I 145 -18.32 -9.22 36.92
C LYS I 145 -18.42 -10.41 35.97
N ASP I 146 -18.79 -11.59 36.48
CA ASP I 146 -19.05 -12.73 35.61
C ASP I 146 -20.41 -12.63 34.93
N ARG I 147 -21.40 -12.03 35.60
CA ARG I 147 -22.75 -12.00 35.07
C ARG I 147 -22.94 -10.90 34.04
N VAL I 148 -22.26 -9.77 34.19
CA VAL I 148 -22.48 -8.63 33.31
C VAL I 148 -22.07 -8.97 31.88
N LYS I 149 -22.82 -8.45 30.92
CA LYS I 149 -22.55 -8.62 29.51
C LYS I 149 -22.40 -7.25 28.85
N VAL I 150 -21.53 -7.19 27.84
CA VAL I 150 -21.32 -5.92 27.14
C VAL I 150 -22.61 -5.43 26.51
N TYR I 151 -23.34 -6.33 25.85
CA TYR I 151 -24.58 -5.92 25.19
C TYR I 151 -25.55 -5.28 26.17
N GLU I 152 -25.52 -5.70 27.43
CA GLU I 152 -26.40 -5.13 28.45
C GLU I 152 -25.84 -3.84 29.05
N SER I 153 -24.64 -3.42 28.66
CA SER I 153 -24.00 -2.26 29.27
C SER I 153 -23.93 -1.07 28.33
N PHE I 154 -23.27 -1.21 27.19
CA PHE I 154 -23.19 -0.12 26.23
C PHE I 154 -23.40 -0.69 24.84
N ARG I 155 -23.82 0.18 23.92
CA ARG I 155 -23.93 -0.19 22.53
C ARG I 155 -23.43 0.97 21.69
N PRO I 156 -22.92 0.70 20.49
CA PRO I 156 -22.25 1.76 19.72
C PRO I 156 -23.09 3.02 19.55
N GLY I 157 -22.42 4.17 19.59
CA GLY I 157 -23.06 5.45 19.43
C GLY I 157 -23.28 6.21 20.71
N ASP I 158 -23.48 5.51 21.82
CA ASP I 158 -23.71 6.20 23.09
C ASP I 158 -22.39 6.71 23.66
N ILE I 159 -22.51 7.64 24.61
CA ILE I 159 -21.37 8.32 25.21
C ILE I 159 -21.17 7.78 26.61
N VAL I 160 -19.95 7.34 26.90
CA VAL I 160 -19.61 6.73 28.18
C VAL I 160 -18.60 7.62 28.89
N ARG I 161 -18.80 7.78 30.21
CA ARG I 161 -17.81 8.41 31.06
C ARG I 161 -17.08 7.32 31.83
N ALA I 162 -15.77 7.23 31.63
CA ALA I 162 -15.00 6.10 32.11
C ALA I 162 -13.72 6.60 32.77
N GLU I 163 -13.14 5.73 33.59
CA GLU I 163 -11.89 6.01 34.27
C GLU I 163 -10.77 5.20 33.63
N VAL I 164 -9.69 5.87 33.26
CA VAL I 164 -8.57 5.19 32.61
C VAL I 164 -7.94 4.24 33.62
N ILE I 165 -7.82 2.97 33.25
CA ILE I 165 -7.21 1.99 34.13
C ILE I 165 -5.72 1.82 33.82
N SER I 166 -5.35 1.85 32.55
CA SER I 166 -3.96 1.64 32.19
C SER I 166 -3.73 2.06 30.75
N LEU I 167 -2.55 2.60 30.49
CA LEU I 167 -2.08 2.68 29.12
C LEU I 167 -1.88 1.27 28.59
N GLY I 168 -2.52 0.96 27.47
CA GLY I 168 -2.59 -0.41 27.02
C GLY I 168 -1.53 -0.74 25.98
N ASP I 169 -1.35 -2.04 25.78
CA ASP I 169 -0.51 -2.50 24.70
C ASP I 169 -1.13 -2.10 23.37
N GLN I 170 -0.31 -2.10 22.32
CA GLN I 170 -0.75 -1.66 21.02
C GLN I 170 -1.40 -0.28 21.11
N ALA I 171 -2.49 -0.07 20.38
CA ALA I 171 -3.04 1.27 20.17
C ALA I 171 -4.06 1.69 21.22
N ASN I 172 -4.43 0.82 22.15
CA ASN I 172 -5.59 1.06 22.99
C ASN I 172 -5.21 1.44 24.42
N TYR I 173 -6.04 2.30 25.00
CA TYR I 173 -6.11 2.47 26.45
C TYR I 173 -7.07 1.43 27.02
N TYR I 174 -7.04 1.28 28.34
CA TYR I 174 -7.97 0.39 29.03
C TYR I 174 -8.74 1.22 30.05
N LEU I 175 -10.06 1.28 29.88
CA LEU I 175 -10.93 2.15 30.67
C LEU I 175 -11.91 1.28 31.44
N SER I 176 -12.22 1.69 32.66
CA SER I 176 -13.18 1.00 33.51
C SER I 176 -14.33 1.92 33.84
N THR I 177 -15.55 1.44 33.62
CA THR I 177 -16.75 2.14 34.02
C THR I 177 -17.32 1.59 35.33
N ALA I 178 -16.57 0.76 36.04
CA ALA I 178 -17.06 0.08 37.24
C ALA I 178 -17.04 1.06 38.41
N ARG I 179 -17.89 2.09 38.30
CA ARG I 179 -18.05 3.04 39.38
C ARG I 179 -19.36 3.79 39.19
N ASN I 180 -19.94 4.24 40.30
CA ASN I 180 -21.24 4.89 40.25
C ASN I 180 -21.21 6.10 39.32
N GLU I 181 -20.14 6.86 39.35
CA GLU I 181 -20.04 8.08 38.56
C GLU I 181 -19.73 7.79 37.09
N LEU I 182 -19.42 6.53 36.79
CA LEU I 182 -18.99 6.13 35.45
C LEU I 182 -20.06 5.28 34.79
N GLY I 183 -20.10 5.33 33.46
CA GLY I 183 -21.08 4.60 32.69
C GLY I 183 -21.55 5.42 31.52
N VAL I 184 -22.71 5.04 30.98
CA VAL I 184 -23.28 5.78 29.87
C VAL I 184 -23.79 7.12 30.35
N ILE I 185 -23.53 8.16 29.58
CA ILE I 185 -24.04 9.51 29.83
C ILE I 185 -25.16 9.85 28.87
N LEU I 186 -24.89 9.81 27.57
CA LEU I 186 -25.89 10.04 26.53
C LEU I 186 -26.18 8.73 25.83
N ALA I 187 -27.46 8.37 25.75
CA ALA I 187 -27.89 7.16 25.08
C ALA I 187 -29.02 7.48 24.12
N THR I 188 -28.99 6.82 22.96
CA THR I 188 -30.04 6.95 21.96
C THR I 188 -30.57 5.56 21.63
N SER I 189 -31.88 5.41 21.72
CA SER I 189 -32.54 4.10 21.55
C SER I 189 -32.27 3.52 20.17
N GLU I 190 -32.68 2.28 19.96
CA GLU I 190 -32.53 1.64 18.64
C GLU I 190 -33.36 2.49 17.67
N ALA I 191 -34.48 3.04 18.14
CA ALA I 191 -35.32 3.88 17.30
C ALA I 191 -34.69 5.22 16.97
N GLY I 192 -33.53 5.54 17.55
CA GLY I 192 -32.85 6.78 17.26
C GLY I 192 -33.27 7.95 18.10
N ASN I 193 -34.13 7.75 19.09
CA ASN I 193 -34.53 8.83 19.97
C ASN I 193 -33.55 8.96 21.12
N THR I 194 -33.38 10.19 21.61
CA THR I 194 -32.52 10.44 22.76
C THR I 194 -33.21 9.92 24.01
N MET I 195 -32.56 9.01 24.72
CA MET I 195 -33.18 8.34 25.85
C MET I 195 -32.88 9.09 27.15
N TYR I 196 -33.45 8.60 28.24
CA TYR I 196 -33.20 9.12 29.57
C TYR I 196 -33.06 7.95 30.54
N PRO I 197 -32.28 8.12 31.61
CA PRO I 197 -32.04 6.99 32.52
C PRO I 197 -33.18 6.76 33.49
N VAL I 198 -34.03 5.77 33.21
CA VAL I 198 -35.12 5.44 34.10
C VAL I 198 -34.59 4.85 35.40
N SER I 199 -33.59 3.97 35.31
CA SER I 199 -32.98 3.37 36.47
C SER I 199 -31.55 3.02 36.12
N TRP I 200 -30.75 2.72 37.16
CA TRP I 200 -29.33 2.50 36.94
C TRP I 200 -29.10 1.36 35.95
N ARG I 201 -30.05 0.45 35.83
CA ARG I 201 -29.88 -0.68 34.92
C ARG I 201 -30.23 -0.31 33.49
N GLU I 202 -31.25 0.52 33.32
CA GLU I 202 -31.73 0.74 31.95
C GLU I 202 -32.09 2.17 31.63
N TYR I 203 -31.98 2.52 30.35
CA TYR I 203 -32.44 3.79 29.81
C TYR I 203 -33.81 3.57 29.21
N ARG I 204 -34.67 4.59 29.28
CA ARG I 204 -35.98 4.53 28.65
C ARG I 204 -36.10 5.61 27.58
N ASP I 205 -36.94 5.34 26.61
CA ASP I 205 -37.12 6.23 25.46
C ASP I 205 -38.33 7.13 25.69
N PRO I 206 -38.21 8.45 25.52
CA PRO I 206 -39.37 9.32 25.75
C PRO I 206 -40.41 9.25 24.66
N ILE I 207 -40.04 8.86 23.44
CA ILE I 207 -40.96 8.86 22.30
C ILE I 207 -41.49 7.46 22.01
N THR I 208 -40.61 6.47 22.02
CA THR I 208 -41.04 5.09 21.78
C THR I 208 -41.39 4.36 23.06
N GLY I 209 -41.00 4.87 24.23
CA GLY I 209 -41.43 4.32 25.50
C GLY I 209 -40.64 3.09 25.94
N LEU I 210 -39.91 2.47 25.02
CA LEU I 210 -39.18 1.25 25.33
C LEU I 210 -38.02 1.54 26.27
N THR I 211 -37.67 0.52 27.07
CA THR I 211 -36.49 0.56 27.91
C THR I 211 -35.36 -0.24 27.28
N GLU I 212 -34.14 0.06 27.70
CA GLU I 212 -32.95 -0.63 27.21
C GLU I 212 -31.94 -0.77 28.34
N LEU I 213 -31.33 -1.95 28.43
CA LEU I 213 -30.37 -2.22 29.48
C LEU I 213 -29.02 -1.60 29.14
N ARG I 214 -28.54 -0.70 29.99
CA ARG I 214 -27.23 -0.07 29.79
C ARG I 214 -26.66 0.33 31.15
N LYS I 215 -25.34 0.49 31.18
CA LYS I 215 -24.61 0.87 32.40
C LYS I 215 -24.77 2.37 32.61
N VAL I 216 -25.80 2.73 33.37
CA VAL I 216 -26.06 4.14 33.66
C VAL I 216 -25.00 4.68 34.61
N ALA I 217 -24.60 5.93 34.38
CA ALA I 217 -23.78 6.64 35.35
C ALA I 217 -24.69 7.33 36.37
N LYS I 218 -24.44 7.06 37.65
CA LYS I 218 -25.43 7.39 38.68
C LYS I 218 -25.73 8.89 38.72
N PRO I 219 -24.75 9.79 38.75
CA PRO I 219 -25.11 11.22 38.81
C PRO I 219 -25.87 11.67 37.58
#